data_6ZY0
#
_entry.id   6ZY0
#
_cell.length_a   176.346
_cell.length_b   169.569
_cell.length_c   107.799
_cell.angle_alpha   90.000
_cell.angle_beta   98.330
_cell.angle_gamma   90.000
#
_symmetry.space_group_name_H-M   'C 1 2 1'
#
loop_
_entity.id
_entity.type
_entity.pdbx_description
1 polymer 'Oxidoreductase, NAD-binding/iron-sulfur cluster-binding protein'
2 non-polymer 'IRON/SULFUR CLUSTER'
3 non-polymer COBALAMIN
4 non-polymer 'SODIUM ION'
5 non-polymer 'CHLORIDE ION'
6 water water
#
_entity_poly.entity_id   1
_entity_poly.type   'polypeptide(L)'
_entity_poly.pdbx_seq_one_letter_code
;MVQTSFEHHHHHHSAGENLYFQGAQISMRLYSNRDRPNHLGPLALERLARVDDVVAQPARQPEDGFAASEDSLLGDVEEY
ARLFTRFLDGPVAPLGDAIPDDPARRAENLKASAYFLDASMVGICRLDPDDRAGDCDPSHTHALVFAVQFGREPEAGEAG
AEWIRGTNAARTDMRCAEIAAILSGYVRWMGFPARGHFSGDAQVDLARLAVRAGLARVVDGVLVAPFLRRGFRLGVVTTG
YALAADRPLAPEGDLGETAPEVMLGIDGTRPGWEDAEEEKRPLHMGRYPMETIRRVDEPTTLVVRQEIQRVAKRGDFFKR
AEAGDLGEKAKQEKKRFPMKHPLALGMQPLIQNMVPLQGTREKLAPTGKGGDLSDPGRNAEAIKALGYYLGADFVGICRA
EPWMYYASDEVEGKPIEAYHDYAVVMLIDQGYETMEGASGDDWISASQSMRAYMRGAEIAGVMAAHCRRMGYSARSHSNA
HSEVIHNPAILMAGLGEVSRIGDTLLNPFIGPRSQSIVFTTDLPMSVDRPIDFGLQDFCNQCRKCARECPCNAISFGDKV
MFNGYEIWKADVEKCTKYRVTQMKGSACGRCMKMCPWNREDTVEGRRLAELSIKVPEARAAIIAMDDALQNGKRNLIKRW
WFDLEVIDGVAGAPRMGTNERDLSPDRGDKIGANQKLAMYPPRLQPPPGTTLDAVLPVDRSGGLAEYAAAETPAAARARL
KSSAG
;
_entity_poly.pdbx_strand_id   A,B,C
#
loop_
_chem_comp.id
_chem_comp.type
_chem_comp.name
_chem_comp.formula
B12 non-polymer COBALAMIN 'C62 H89 Co N13 O14 P 2'
CL non-polymer 'CHLORIDE ION' 'Cl -1'
NA non-polymer 'SODIUM ION' 'Na 1'
SF4 non-polymer 'IRON/SULFUR CLUSTER' 'Fe4 S4'
#
# COMPACT_ATOMS: atom_id res chain seq x y z
N ALA A 24 36.77 14.41 6.91
CA ALA A 24 37.65 13.59 6.07
C ALA A 24 36.87 12.42 5.45
N GLN A 25 37.03 12.24 4.14
CA GLN A 25 36.44 11.11 3.43
C GLN A 25 37.46 9.99 3.40
N ILE A 26 37.08 8.82 3.90
CA ILE A 26 38.03 7.74 4.16
C ILE A 26 37.79 6.52 3.27
N SER A 27 36.90 6.62 2.29
CA SER A 27 36.53 5.45 1.51
C SER A 27 37.42 5.23 0.29
N MET A 28 38.45 6.05 0.07
CA MET A 28 39.23 5.93 -1.15
C MET A 28 40.10 4.67 -1.05
N ARG A 29 40.55 4.18 -2.20
CA ARG A 29 41.49 3.07 -2.18
C ARG A 29 42.84 3.54 -1.64
N LEU A 30 43.41 2.75 -0.74
CA LEU A 30 44.76 3.03 -0.26
C LEU A 30 45.82 2.61 -1.25
N TYR A 31 45.49 1.71 -2.17
CA TYR A 31 46.48 1.03 -2.99
C TYR A 31 46.16 1.25 -4.47
N SER A 32 47.21 1.49 -5.24
CA SER A 32 47.04 1.74 -6.67
C SER A 32 46.75 0.46 -7.43
N ASN A 33 45.94 0.59 -8.49
CA ASN A 33 45.68 -0.51 -9.40
C ASN A 33 46.52 -0.40 -10.67
N ARG A 34 47.67 0.26 -10.60
CA ARG A 34 48.44 0.54 -11.81
C ARG A 34 49.03 -0.73 -12.43
N ASP A 35 49.28 -1.75 -11.62
CA ASP A 35 49.78 -3.03 -12.12
C ASP A 35 48.66 -4.04 -12.36
N ARG A 36 47.40 -3.65 -12.17
CA ARG A 36 46.28 -4.58 -12.30
C ARG A 36 45.70 -4.49 -13.70
N PRO A 37 45.67 -5.59 -14.46
CA PRO A 37 45.03 -5.54 -15.79
C PRO A 37 43.52 -5.40 -15.69
N ASN A 38 42.94 -4.78 -16.72
CA ASN A 38 41.56 -4.34 -16.68
C ASN A 38 40.59 -5.51 -16.65
N HIS A 39 40.99 -6.65 -17.23
CA HIS A 39 40.10 -7.80 -17.26
C HIS A 39 39.86 -8.38 -15.88
N LEU A 40 40.67 -8.01 -14.88
CA LEU A 40 40.43 -8.47 -13.51
C LEU A 40 39.33 -7.68 -12.82
N GLY A 41 39.07 -6.45 -13.27
CA GLY A 41 37.98 -5.67 -12.72
C GLY A 41 38.32 -5.04 -11.38
N PRO A 42 37.39 -4.24 -10.85
CA PRO A 42 37.66 -3.53 -9.59
C PRO A 42 37.48 -4.39 -8.35
N LEU A 43 36.83 -5.54 -8.45
CA LEU A 43 36.68 -6.47 -7.34
C LEU A 43 37.79 -7.52 -7.41
N ALA A 44 38.12 -8.09 -6.26
CA ALA A 44 39.21 -9.08 -6.16
C ALA A 44 38.67 -10.50 -6.36
N LEU A 45 38.05 -10.70 -7.53
CA LEU A 45 37.38 -11.97 -7.80
C LEU A 45 38.37 -13.13 -7.87
N GLU A 46 39.62 -12.86 -8.24
CA GLU A 46 40.64 -13.90 -8.34
C GLU A 46 41.00 -14.51 -7.00
N ARG A 47 40.57 -13.90 -5.89
CA ARG A 47 40.87 -14.41 -4.56
C ARG A 47 39.69 -15.15 -3.95
N LEU A 48 38.72 -15.54 -4.76
CA LEU A 48 37.56 -16.26 -4.28
C LEU A 48 37.75 -17.75 -4.49
N ALA A 49 37.24 -18.55 -3.55
CA ALA A 49 37.32 -20.00 -3.66
C ALA A 49 36.55 -20.48 -4.88
N ARG A 50 37.21 -21.26 -5.72
CA ARG A 50 36.59 -21.79 -6.92
C ARG A 50 36.87 -23.29 -7.05
N VAL A 51 35.95 -23.96 -7.74
CA VAL A 51 36.07 -25.37 -8.07
C VAL A 51 35.83 -25.48 -9.58
N ASP A 52 36.12 -26.67 -10.12
CA ASP A 52 36.05 -26.84 -11.57
C ASP A 52 34.61 -26.91 -12.08
N ASP A 53 33.70 -27.50 -11.31
CA ASP A 53 32.30 -27.63 -11.72
C ASP A 53 31.43 -27.55 -10.47
N VAL A 54 30.15 -27.25 -10.69
CA VAL A 54 29.13 -27.38 -9.65
C VAL A 54 27.85 -27.89 -10.32
N VAL A 55 27.02 -28.56 -9.52
CA VAL A 55 25.77 -29.13 -10.02
C VAL A 55 24.75 -28.00 -10.16
N ALA A 56 24.15 -27.89 -11.34
CA ALA A 56 23.17 -26.84 -11.58
C ALA A 56 21.94 -27.05 -10.70
N GLN A 57 21.26 -25.96 -10.40
CA GLN A 57 20.08 -25.99 -9.54
C GLN A 57 19.21 -24.79 -9.84
N PRO A 58 17.89 -24.89 -9.64
CA PRO A 58 17.01 -23.77 -10.01
C PRO A 58 17.35 -22.52 -9.22
N ALA A 59 17.19 -21.37 -9.88
CA ALA A 59 17.56 -20.11 -9.27
C ALA A 59 16.98 -18.96 -10.08
N ARG A 60 16.55 -17.91 -9.38
CA ARG A 60 16.07 -16.69 -10.02
C ARG A 60 16.98 -15.53 -9.65
N GLN A 61 16.84 -14.44 -10.39
CA GLN A 61 17.62 -13.25 -10.14
C GLN A 61 17.05 -12.48 -8.96
N PRO A 62 17.89 -11.70 -8.27
CA PRO A 62 17.36 -10.77 -7.26
C PRO A 62 16.28 -9.88 -7.85
N GLU A 63 15.25 -9.60 -7.05
CA GLU A 63 14.16 -8.72 -7.41
C GLU A 63 14.00 -7.67 -6.31
N ASP A 64 13.19 -6.65 -6.58
CA ASP A 64 12.99 -5.61 -5.58
C ASP A 64 12.23 -6.15 -4.38
N GLY A 65 12.36 -5.43 -3.25
CA GLY A 65 11.57 -5.75 -2.09
C GLY A 65 10.17 -5.16 -2.09
N PHE A 66 9.96 -4.10 -2.89
CA PHE A 66 8.68 -3.40 -2.96
C PHE A 66 8.27 -3.23 -4.41
N ALA A 67 6.99 -2.95 -4.63
CA ALA A 67 6.49 -2.68 -5.97
C ALA A 67 6.55 -1.19 -6.26
N ALA A 68 6.56 -0.86 -7.55
CA ALA A 68 6.73 0.51 -8.02
C ALA A 68 5.38 1.13 -8.35
N SER A 69 5.16 2.35 -7.88
CA SER A 69 3.91 3.06 -8.09
C SER A 69 3.87 3.67 -9.49
N GLU A 70 2.79 4.39 -9.79
CA GLU A 70 2.69 5.15 -11.02
C GLU A 70 3.43 6.49 -10.92
N ASP A 71 3.84 6.89 -9.72
CA ASP A 71 4.77 7.98 -9.51
C ASP A 71 6.17 7.68 -10.02
N SER A 72 6.43 6.49 -10.54
CA SER A 72 7.80 6.01 -10.63
C SER A 72 8.30 5.95 -12.06
N LEU A 73 9.61 6.15 -12.16
CA LEU A 73 10.55 5.79 -13.20
C LEU A 73 10.23 4.56 -14.05
N LEU A 74 9.45 3.62 -13.51
CA LEU A 74 9.41 2.26 -14.07
C LEU A 74 9.15 2.25 -15.57
N GLY A 75 8.11 2.95 -16.03
CA GLY A 75 7.80 2.94 -17.45
C GLY A 75 8.93 3.44 -18.32
N ASP A 76 9.73 4.37 -17.80
CA ASP A 76 10.79 4.96 -18.60
C ASP A 76 11.97 4.01 -18.79
N VAL A 77 12.37 3.30 -17.72
CA VAL A 77 13.48 2.37 -17.86
C VAL A 77 13.05 1.13 -18.64
N GLU A 78 11.75 0.80 -18.63
CA GLU A 78 11.29 -0.30 -19.45
C GLU A 78 11.29 0.08 -20.93
N GLU A 79 10.96 1.34 -21.24
CA GLU A 79 11.02 1.79 -22.63
C GLU A 79 12.43 1.69 -23.19
N TYR A 80 13.43 2.13 -22.43
CA TYR A 80 14.80 2.14 -22.93
C TYR A 80 15.39 0.73 -22.99
N ALA A 81 14.99 -0.15 -22.07
CA ALA A 81 15.34 -1.55 -22.22
C ALA A 81 14.76 -2.12 -23.51
N ARG A 82 13.50 -1.79 -23.80
CA ARG A 82 12.89 -2.26 -25.04
C ARG A 82 13.61 -1.72 -26.27
N LEU A 83 14.13 -0.49 -26.18
CA LEU A 83 14.91 0.06 -27.27
C LEU A 83 16.21 -0.71 -27.47
N PHE A 84 16.95 -0.96 -26.39
CA PHE A 84 18.21 -1.68 -26.48
C PHE A 84 18.00 -3.13 -26.95
N THR A 85 16.84 -3.71 -26.62
CA THR A 85 16.50 -5.05 -27.12
C THR A 85 16.61 -5.13 -28.63
N ARG A 86 16.32 -4.05 -29.35
CA ARG A 86 16.42 -4.04 -30.81
C ARG A 86 17.82 -4.42 -31.29
N PHE A 87 18.83 -4.30 -30.44
CA PHE A 87 20.21 -4.43 -30.88
C PHE A 87 20.93 -5.60 -30.21
N LEU A 88 20.17 -6.51 -29.60
CA LEU A 88 20.78 -7.72 -29.05
C LEU A 88 21.24 -8.67 -30.13
N ASP A 89 20.60 -8.64 -31.30
CA ASP A 89 21.06 -9.37 -32.48
C ASP A 89 21.09 -8.40 -33.65
N GLY A 90 21.99 -8.66 -34.60
CA GLY A 90 22.15 -7.77 -35.72
C GLY A 90 23.03 -8.33 -36.82
N PRO A 91 23.33 -7.50 -37.81
CA PRO A 91 24.17 -7.94 -38.92
C PRO A 91 25.59 -8.23 -38.46
N VAL A 92 26.21 -9.22 -39.12
CA VAL A 92 27.52 -9.75 -38.76
C VAL A 92 28.50 -9.42 -39.88
N ALA A 93 29.61 -8.80 -39.51
CA ALA A 93 30.56 -8.31 -40.51
C ALA A 93 31.33 -9.46 -41.14
N PRO A 94 31.91 -9.23 -42.32
CA PRO A 94 32.89 -10.19 -42.84
C PRO A 94 34.06 -10.33 -41.88
N LEU A 95 34.63 -11.53 -41.86
CA LEU A 95 35.79 -11.79 -41.02
C LEU A 95 37.05 -11.24 -41.69
N GLY A 96 37.76 -10.37 -40.97
CA GLY A 96 39.06 -9.90 -41.39
C GLY A 96 40.14 -10.87 -40.95
N ASP A 97 41.40 -10.41 -41.03
CA ASP A 97 42.54 -11.22 -40.65
C ASP A 97 43.32 -10.60 -39.48
N ALA A 98 42.63 -9.93 -38.57
CA ALA A 98 43.31 -9.26 -37.47
C ALA A 98 42.74 -9.59 -36.10
N ILE A 99 41.73 -10.46 -36.02
CA ILE A 99 41.17 -10.88 -34.74
C ILE A 99 42.10 -11.89 -34.09
N PRO A 100 42.62 -11.62 -32.89
CA PRO A 100 43.56 -12.56 -32.26
C PRO A 100 42.96 -13.95 -32.06
N ASP A 101 43.85 -14.96 -32.14
CA ASP A 101 43.42 -16.35 -32.09
C ASP A 101 43.22 -16.84 -30.66
N ASP A 102 44.13 -16.44 -29.76
CA ASP A 102 44.19 -16.98 -28.40
C ASP A 102 42.88 -16.78 -27.65
N PRO A 103 42.19 -17.86 -27.26
CA PRO A 103 40.97 -17.69 -26.46
C PRO A 103 41.22 -16.99 -25.12
N ALA A 104 42.42 -17.10 -24.57
CA ALA A 104 42.71 -16.41 -23.32
C ALA A 104 42.77 -14.90 -23.53
N ARG A 105 43.42 -14.46 -24.61
CA ARG A 105 43.46 -13.03 -24.92
C ARG A 105 42.08 -12.52 -25.30
N ARG A 106 41.30 -13.31 -26.03
CA ARG A 106 39.93 -12.93 -26.35
C ARG A 106 39.10 -12.75 -25.09
N ALA A 107 39.23 -13.69 -24.15
CA ALA A 107 38.52 -13.61 -22.87
C ALA A 107 38.87 -12.32 -22.15
N GLU A 108 40.18 -12.08 -21.95
CA GLU A 108 40.60 -10.88 -21.25
C GLU A 108 40.04 -9.63 -21.91
N ASN A 109 40.17 -9.55 -23.24
CA ASN A 109 39.70 -8.36 -23.96
C ASN A 109 38.19 -8.18 -23.82
N LEU A 110 37.42 -9.27 -23.88
CA LEU A 110 35.97 -9.12 -23.76
C LEU A 110 35.57 -8.79 -22.32
N LYS A 111 36.24 -9.41 -21.34
CA LYS A 111 35.98 -9.07 -19.94
C LYS A 111 36.34 -7.62 -19.65
N ALA A 112 37.47 -7.16 -20.19
CA ALA A 112 37.84 -5.75 -20.03
C ALA A 112 36.82 -4.83 -20.70
N SER A 113 36.38 -5.21 -21.90
CA SER A 113 35.34 -4.45 -22.58
C SER A 113 34.11 -4.30 -21.71
N ALA A 114 33.69 -5.37 -21.04
CA ALA A 114 32.48 -5.31 -20.23
C ALA A 114 32.66 -4.45 -18.99
N TYR A 115 33.83 -4.54 -18.35
CA TYR A 115 34.09 -3.66 -17.21
C TYR A 115 34.15 -2.21 -17.65
N PHE A 116 34.69 -1.95 -18.84
CA PHE A 116 34.74 -0.61 -19.39
C PHE A 116 33.34 0.00 -19.49
N LEU A 117 32.34 -0.83 -19.81
CA LEU A 117 30.95 -0.40 -19.88
C LEU A 117 30.26 -0.50 -18.52
N ASP A 118 31.02 -0.73 -17.45
CA ASP A 118 30.56 -0.69 -16.07
C ASP A 118 29.71 -1.91 -15.70
N ALA A 119 30.09 -3.07 -16.22
CA ALA A 119 29.68 -4.31 -15.59
C ALA A 119 30.27 -4.36 -14.19
N SER A 120 29.48 -4.80 -13.22
CA SER A 120 29.99 -4.91 -11.86
C SER A 120 30.86 -6.15 -11.69
N MET A 121 30.58 -7.20 -12.46
CA MET A 121 31.20 -8.51 -12.28
C MET A 121 31.02 -9.28 -13.58
N VAL A 122 32.09 -9.93 -14.04
CA VAL A 122 32.09 -10.58 -15.36
C VAL A 122 32.67 -11.98 -15.25
N GLY A 123 32.16 -12.90 -16.07
CA GLY A 123 32.69 -14.25 -16.17
C GLY A 123 32.32 -14.87 -17.49
N ILE A 124 33.04 -15.93 -17.84
CA ILE A 124 32.83 -16.65 -19.10
C ILE A 124 32.59 -18.11 -18.78
N CYS A 125 31.71 -18.75 -19.54
CA CYS A 125 31.55 -20.19 -19.43
C CYS A 125 31.24 -20.80 -20.79
N ARG A 126 31.48 -22.11 -20.90
CA ARG A 126 31.14 -22.85 -22.10
C ARG A 126 29.64 -23.17 -22.13
N LEU A 127 29.04 -23.02 -23.31
CA LEU A 127 27.66 -23.42 -23.50
C LEU A 127 27.60 -24.92 -23.77
N ASP A 128 26.73 -25.62 -23.06
CA ASP A 128 26.52 -27.03 -23.35
C ASP A 128 25.37 -27.20 -24.31
N PRO A 129 25.15 -28.41 -24.82
CA PRO A 129 24.05 -28.61 -25.77
C PRO A 129 22.70 -28.19 -25.21
N ASP A 130 22.50 -28.37 -23.91
CA ASP A 130 21.21 -28.10 -23.27
C ASP A 130 20.78 -26.64 -23.41
N ASP A 131 21.75 -25.72 -23.49
CA ASP A 131 21.44 -24.29 -23.52
C ASP A 131 21.03 -23.85 -24.93
N ARG A 132 21.79 -24.27 -25.94
CA ARG A 132 21.49 -23.91 -27.33
C ARG A 132 20.43 -24.82 -27.94
N ALA A 133 19.81 -25.70 -27.15
CA ALA A 133 18.64 -26.45 -27.60
C ALA A 133 17.38 -25.59 -27.68
N GLY A 134 17.39 -24.41 -27.08
CA GLY A 134 16.29 -23.47 -27.21
C GLY A 134 16.43 -22.64 -28.48
N ASP A 135 15.83 -21.46 -28.45
CA ASP A 135 15.91 -20.56 -29.60
C ASP A 135 17.32 -20.06 -29.87
N CYS A 136 18.25 -20.25 -28.93
CA CYS A 136 19.61 -19.77 -29.12
C CYS A 136 20.23 -20.38 -30.38
N ASP A 137 20.95 -19.54 -31.12
CA ASP A 137 21.75 -19.99 -32.25
C ASP A 137 22.58 -21.20 -31.84
N PRO A 138 22.55 -22.30 -32.61
CA PRO A 138 23.30 -23.50 -32.22
C PRO A 138 24.77 -23.48 -32.58
N SER A 139 25.26 -22.48 -33.31
CA SER A 139 26.70 -22.33 -33.48
C SER A 139 27.37 -21.68 -32.27
N HIS A 140 26.60 -21.36 -31.23
CA HIS A 140 27.12 -20.65 -30.07
C HIS A 140 27.72 -21.65 -29.09
N THR A 141 28.99 -21.43 -28.75
CA THR A 141 29.73 -22.32 -27.86
C THR A 141 30.06 -21.70 -26.51
N HIS A 142 29.98 -20.38 -26.38
CA HIS A 142 30.47 -19.71 -25.19
C HIS A 142 29.50 -18.60 -24.78
N ALA A 143 29.57 -18.25 -23.49
CA ALA A 143 28.72 -17.22 -22.93
C ALA A 143 29.58 -16.26 -22.11
N LEU A 144 29.51 -14.97 -22.45
CA LEU A 144 30.03 -13.91 -21.60
C LEU A 144 28.91 -13.51 -20.64
N VAL A 145 29.06 -13.85 -19.37
CA VAL A 145 28.08 -13.54 -18.35
C VAL A 145 28.57 -12.34 -17.55
N PHE A 146 27.67 -11.42 -17.25
CA PHE A 146 28.05 -10.26 -16.46
C PHE A 146 26.87 -9.84 -15.60
N ALA A 147 27.19 -9.29 -14.42
CA ALA A 147 26.19 -8.79 -13.49
C ALA A 147 26.37 -7.29 -13.31
N VAL A 148 25.26 -6.58 -13.14
CA VAL A 148 25.25 -5.17 -12.80
C VAL A 148 24.55 -5.03 -11.47
N GLN A 149 25.20 -4.36 -10.51
CA GLN A 149 24.64 -4.27 -9.17
C GLN A 149 23.48 -3.28 -9.13
N PHE A 150 22.47 -3.62 -8.32
CA PHE A 150 21.38 -2.70 -8.04
C PHE A 150 21.93 -1.33 -7.68
N GLY A 151 21.19 -0.29 -8.05
CA GLY A 151 21.58 1.05 -7.68
C GLY A 151 21.26 1.37 -6.23
N ARG A 152 22.00 2.33 -5.68
CA ARG A 152 21.63 2.89 -4.39
C ARG A 152 20.31 3.62 -4.53
N GLU A 153 19.43 3.44 -3.55
CA GLU A 153 18.16 4.12 -3.58
C GLU A 153 18.06 5.12 -2.44
N PRO A 154 17.31 6.21 -2.61
CA PRO A 154 17.11 7.14 -1.50
C PRO A 154 16.49 6.42 -0.31
N GLU A 155 16.95 6.80 0.89
CA GLU A 155 16.30 6.31 2.09
C GLU A 155 14.86 6.82 2.13
N ALA A 156 14.01 6.11 2.89
CA ALA A 156 12.63 6.53 3.01
C ALA A 156 12.56 7.95 3.57
N GLY A 157 11.65 8.75 3.01
CA GLY A 157 11.52 10.14 3.39
C GLY A 157 12.45 11.08 2.67
N GLU A 158 13.53 10.59 2.07
CA GLU A 158 14.38 11.43 1.23
C GLU A 158 13.63 11.77 -0.05
N ALA A 159 14.04 12.88 -0.67
CA ALA A 159 13.36 13.34 -1.87
C ALA A 159 13.54 12.32 -3.00
N GLY A 160 12.47 12.09 -3.76
CA GLY A 160 12.50 11.19 -4.89
C GLY A 160 12.49 9.71 -4.58
N ALA A 161 12.31 9.33 -3.30
CA ALA A 161 12.23 7.92 -2.95
C ALA A 161 11.14 7.22 -3.75
N GLU A 162 9.95 7.81 -3.81
CA GLU A 162 8.88 7.11 -4.52
C GLU A 162 9.04 7.14 -6.03
N TRP A 163 9.93 7.98 -6.58
CA TRP A 163 10.30 7.87 -7.99
C TRP A 163 11.07 6.60 -8.29
N ILE A 164 11.75 6.05 -7.28
CA ILE A 164 12.78 5.05 -7.48
C ILE A 164 12.39 3.70 -6.87
N ARG A 165 11.71 3.72 -5.71
CA ARG A 165 11.37 2.51 -4.98
C ARG A 165 10.68 1.49 -5.88
N GLY A 166 11.30 0.31 -6.02
CA GLY A 166 10.73 -0.77 -6.79
C GLY A 166 11.05 -0.77 -8.27
N THR A 167 11.97 0.09 -8.72
CA THR A 167 12.38 0.14 -10.12
C THR A 167 13.75 -0.49 -10.36
N ASN A 168 14.39 -1.01 -9.32
CA ASN A 168 15.80 -1.36 -9.43
C ASN A 168 16.02 -2.52 -10.38
N ALA A 169 15.13 -3.52 -10.37
CA ALA A 169 15.30 -4.64 -11.28
C ALA A 169 15.20 -4.20 -12.73
N ALA A 170 14.28 -3.27 -13.03
CA ALA A 170 14.10 -2.82 -14.40
C ALA A 170 15.15 -1.78 -14.80
N ARG A 171 15.50 -0.87 -13.88
CA ARG A 171 16.62 0.03 -14.09
C ARG A 171 17.91 -0.76 -14.36
N THR A 172 18.17 -1.77 -13.55
CA THR A 172 19.38 -2.57 -13.75
C THR A 172 19.26 -3.46 -14.97
N ASP A 173 18.05 -3.93 -15.29
CA ASP A 173 17.87 -4.72 -16.51
C ASP A 173 18.13 -3.87 -17.75
N MET A 174 17.69 -2.62 -17.73
CA MET A 174 18.01 -1.68 -18.81
C MET A 174 19.51 -1.61 -19.03
N ARG A 175 20.28 -1.40 -17.96
CA ARG A 175 21.73 -1.32 -18.06
C ARG A 175 22.33 -2.61 -18.61
N CYS A 176 21.82 -3.76 -18.17
CA CYS A 176 22.28 -5.03 -18.71
C CYS A 176 21.97 -5.14 -20.20
N ALA A 177 20.77 -4.75 -20.60
CA ALA A 177 20.39 -4.82 -22.01
C ALA A 177 21.29 -3.91 -22.85
N GLU A 178 21.57 -2.71 -22.35
CA GLU A 178 22.54 -1.84 -22.99
C GLU A 178 23.87 -2.54 -23.22
N ILE A 179 24.46 -3.09 -22.16
CA ILE A 179 25.80 -3.65 -22.25
C ILE A 179 25.80 -4.89 -23.14
N ALA A 180 24.77 -5.73 -23.02
CA ALA A 180 24.68 -6.90 -23.90
C ALA A 180 24.59 -6.46 -25.36
N ALA A 181 23.82 -5.41 -25.63
CA ALA A 181 23.66 -4.93 -27.00
C ALA A 181 24.99 -4.45 -27.56
N ILE A 182 25.72 -3.64 -26.79
CA ILE A 182 26.99 -3.10 -27.26
C ILE A 182 28.00 -4.23 -27.46
N LEU A 183 28.12 -5.10 -26.46
CA LEU A 183 29.15 -6.13 -26.54
C LEU A 183 28.85 -7.13 -27.64
N SER A 184 27.58 -7.51 -27.80
CA SER A 184 27.23 -8.43 -28.88
C SER A 184 27.51 -7.81 -30.25
N GLY A 185 27.22 -6.52 -30.41
CA GLY A 185 27.52 -5.86 -31.67
C GLY A 185 29.01 -5.75 -31.92
N TYR A 186 29.79 -5.49 -30.87
CA TYR A 186 31.25 -5.46 -30.98
C TYR A 186 31.77 -6.77 -31.54
N VAL A 187 31.29 -7.90 -31.02
CA VAL A 187 31.72 -9.21 -31.51
C VAL A 187 31.24 -9.42 -32.95
N ARG A 188 30.00 -9.01 -33.26
CA ARG A 188 29.49 -9.15 -34.62
C ARG A 188 30.34 -8.33 -35.60
N TRP A 189 30.77 -7.14 -35.19
CA TRP A 189 31.61 -6.32 -36.05
C TRP A 189 33.00 -6.91 -36.25
N MET A 190 33.40 -7.84 -35.38
CA MET A 190 34.65 -8.58 -35.55
C MET A 190 34.47 -9.82 -36.42
N GLY A 191 33.25 -10.12 -36.86
CA GLY A 191 33.01 -11.20 -37.79
C GLY A 191 32.35 -12.44 -37.19
N PHE A 192 31.97 -12.41 -35.92
CA PHE A 192 31.47 -13.59 -35.23
C PHE A 192 30.02 -13.38 -34.83
N PRO A 193 29.13 -14.32 -35.15
CA PRO A 193 27.75 -14.18 -34.70
C PRO A 193 27.68 -14.17 -33.18
N ALA A 194 26.88 -13.24 -32.65
CA ALA A 194 26.73 -13.07 -31.22
C ALA A 194 25.35 -12.51 -30.93
N ARG A 195 24.77 -12.93 -29.82
CA ARG A 195 23.43 -12.51 -29.43
C ARG A 195 23.47 -12.10 -27.97
N GLY A 196 22.96 -10.89 -27.69
CA GLY A 196 22.83 -10.46 -26.31
C GLY A 196 21.56 -11.00 -25.67
N HIS A 197 21.65 -11.26 -24.37
CA HIS A 197 20.51 -11.76 -23.60
C HIS A 197 20.40 -11.01 -22.29
N PHE A 198 19.18 -10.69 -21.90
CA PHE A 198 18.89 -10.19 -20.56
C PHE A 198 17.45 -10.59 -20.22
N SER A 199 17.03 -10.29 -18.99
CA SER A 199 15.74 -10.78 -18.50
C SER A 199 14.60 -10.44 -19.46
N GLY A 200 14.65 -9.25 -20.06
CA GLY A 200 13.60 -8.86 -20.98
C GLY A 200 13.61 -9.59 -22.31
N ASP A 201 14.73 -10.25 -22.64
CA ASP A 201 14.86 -10.95 -23.92
C ASP A 201 16.03 -11.91 -23.86
N ALA A 202 15.79 -13.16 -23.47
CA ALA A 202 16.86 -14.15 -23.34
C ALA A 202 16.47 -15.44 -24.04
N GLN A 203 17.44 -16.04 -24.72
CA GLN A 203 17.30 -17.35 -25.35
C GLN A 203 18.01 -18.45 -24.57
N VAL A 204 18.64 -18.12 -23.44
CA VAL A 204 19.36 -19.06 -22.60
C VAL A 204 18.99 -18.79 -21.15
N ASP A 205 19.33 -19.74 -20.27
CA ASP A 205 19.02 -19.61 -18.85
C ASP A 205 20.10 -18.75 -18.21
N LEU A 206 19.75 -17.48 -17.92
CA LEU A 206 20.73 -16.55 -17.39
C LEU A 206 21.29 -17.02 -16.05
N ALA A 207 20.40 -17.30 -15.09
CA ALA A 207 20.85 -17.69 -13.76
C ALA A 207 21.77 -18.91 -13.82
N ARG A 208 21.39 -19.93 -14.60
CA ARG A 208 22.23 -21.10 -14.75
C ARG A 208 23.64 -20.74 -15.21
N LEU A 209 23.74 -19.84 -16.19
CA LEU A 209 25.05 -19.45 -16.70
C LEU A 209 25.81 -18.56 -15.72
N ALA A 210 25.10 -17.71 -14.96
CA ALA A 210 25.75 -16.91 -13.94
C ALA A 210 26.48 -17.78 -12.93
N VAL A 211 25.89 -18.92 -12.57
CA VAL A 211 26.54 -19.83 -11.64
C VAL A 211 27.72 -20.53 -12.31
N ARG A 212 27.49 -21.10 -13.49
CA ARG A 212 28.55 -21.80 -14.20
C ARG A 212 29.73 -20.89 -14.52
N ALA A 213 29.48 -19.61 -14.79
CA ALA A 213 30.55 -18.67 -15.07
C ALA A 213 31.24 -18.16 -13.80
N GLY A 214 30.68 -18.45 -12.63
CA GLY A 214 31.34 -18.14 -11.39
C GLY A 214 31.02 -16.78 -10.82
N LEU A 215 29.85 -16.24 -11.13
CA LEU A 215 29.43 -14.95 -10.59
C LEU A 215 28.55 -15.08 -9.35
N ALA A 216 27.74 -16.13 -9.26
CA ALA A 216 26.83 -16.25 -8.14
C ALA A 216 26.76 -17.69 -7.67
N ARG A 217 26.22 -17.85 -6.47
CA ARG A 217 25.78 -19.09 -5.88
C ARG A 217 24.28 -18.98 -5.66
N VAL A 218 23.66 -20.06 -5.19
CA VAL A 218 22.22 -20.07 -4.95
C VAL A 218 21.98 -20.16 -3.46
N VAL A 219 21.04 -19.36 -2.96
CA VAL A 219 20.59 -19.42 -1.58
C VAL A 219 19.08 -19.32 -1.58
N ASP A 220 18.40 -20.39 -1.14
CA ASP A 220 16.94 -20.45 -1.12
C ASP A 220 16.34 -20.10 -2.48
N GLY A 221 16.96 -20.61 -3.54
CA GLY A 221 16.46 -20.42 -4.88
C GLY A 221 16.72 -19.07 -5.51
N VAL A 222 17.48 -18.19 -4.85
CA VAL A 222 17.83 -16.88 -5.39
C VAL A 222 19.34 -16.80 -5.55
N LEU A 223 19.78 -16.16 -6.63
CA LEU A 223 21.21 -15.94 -6.83
C LEU A 223 21.77 -14.99 -5.78
N VAL A 224 22.94 -15.34 -5.26
CA VAL A 224 23.69 -14.49 -4.35
C VAL A 224 25.10 -14.36 -4.91
N ALA A 225 25.53 -13.12 -5.16
CA ALA A 225 26.86 -12.89 -5.70
C ALA A 225 27.76 -12.28 -4.63
N PRO A 226 29.03 -12.68 -4.58
CA PRO A 226 29.95 -12.01 -3.65
C PRO A 226 30.07 -10.53 -4.01
N PHE A 227 30.26 -9.71 -2.99
CA PHE A 227 30.52 -8.27 -3.13
C PHE A 227 29.28 -7.45 -3.50
N LEU A 228 28.37 -8.00 -4.30
CA LEU A 228 27.20 -7.24 -4.76
C LEU A 228 26.06 -7.42 -3.77
N ARG A 229 26.24 -6.83 -2.59
CA ARG A 229 25.29 -7.03 -1.50
C ARG A 229 23.94 -6.39 -1.76
N ARG A 230 23.85 -5.44 -2.69
CA ARG A 230 22.61 -4.72 -2.96
C ARG A 230 21.65 -5.48 -3.84
N GLY A 231 22.03 -6.65 -4.34
CA GLY A 231 21.32 -7.28 -5.42
C GLY A 231 21.93 -6.90 -6.76
N PHE A 232 21.48 -7.59 -7.80
CA PHE A 232 22.07 -7.41 -9.11
C PHE A 232 21.14 -7.99 -10.16
N ARG A 233 21.42 -7.66 -11.42
CA ARG A 233 20.74 -8.26 -12.56
C ARG A 233 21.78 -8.68 -13.58
N LEU A 234 21.37 -9.54 -14.51
CA LEU A 234 22.31 -10.25 -15.37
C LEU A 234 22.15 -9.86 -16.83
N GLY A 235 23.26 -9.96 -17.56
CA GLY A 235 23.22 -9.97 -19.00
C GLY A 235 24.19 -11.03 -19.50
N VAL A 236 23.94 -11.53 -20.70
CA VAL A 236 24.77 -12.57 -21.30
C VAL A 236 24.94 -12.28 -22.78
N VAL A 237 26.13 -12.55 -23.29
CA VAL A 237 26.41 -12.55 -24.73
C VAL A 237 26.88 -13.94 -25.08
N THR A 238 26.06 -14.68 -25.83
CA THR A 238 26.43 -15.97 -26.36
C THR A 238 27.03 -15.78 -27.76
N THR A 239 27.98 -16.63 -28.11
CA THR A 239 28.69 -16.46 -29.36
C THR A 239 29.49 -17.72 -29.68
N GLY A 240 29.88 -17.85 -30.95
CA GLY A 240 30.83 -18.86 -31.39
C GLY A 240 32.27 -18.41 -31.32
N TYR A 241 32.49 -17.11 -31.13
CA TYR A 241 33.77 -16.53 -30.77
C TYR A 241 34.34 -17.25 -29.56
N ALA A 242 35.35 -18.10 -29.77
CA ALA A 242 35.80 -18.99 -28.71
C ALA A 242 36.55 -18.20 -27.63
N LEU A 243 36.26 -18.52 -26.36
CA LEU A 243 36.80 -17.78 -25.24
C LEU A 243 37.27 -18.74 -24.15
N ALA A 244 38.36 -18.37 -23.47
CA ALA A 244 38.76 -19.09 -22.26
C ALA A 244 37.69 -18.95 -21.19
N ALA A 245 37.29 -20.06 -20.58
CA ALA A 245 36.22 -20.03 -19.61
C ALA A 245 36.75 -19.86 -18.19
N ASP A 246 35.85 -19.45 -17.29
CA ASP A 246 36.15 -19.31 -15.89
C ASP A 246 35.53 -20.48 -15.14
N ARG A 247 35.71 -20.49 -13.82
CA ARG A 247 35.27 -21.60 -13.01
C ARG A 247 34.28 -21.14 -11.94
N PRO A 248 33.31 -21.98 -11.58
CA PRO A 248 32.31 -21.58 -10.60
C PRO A 248 32.90 -21.38 -9.22
N LEU A 249 32.16 -20.63 -8.40
CA LEU A 249 32.53 -20.43 -7.01
C LEU A 249 32.36 -21.73 -6.23
N ALA A 250 33.23 -21.93 -5.25
CA ALA A 250 33.05 -23.02 -4.29
C ALA A 250 31.62 -22.99 -3.75
N PRO A 251 30.86 -24.07 -3.90
CA PRO A 251 29.42 -23.98 -3.62
C PRO A 251 29.08 -23.81 -2.15
N GLU A 252 29.99 -24.15 -1.25
CA GLU A 252 29.70 -24.11 0.18
C GLU A 252 30.75 -23.29 0.91
N GLY A 253 30.31 -22.57 1.94
CA GLY A 253 31.21 -21.97 2.88
C GLY A 253 31.80 -20.66 2.41
N ASP A 254 32.67 -20.12 3.27
CA ASP A 254 33.28 -18.80 3.04
C ASP A 254 34.11 -18.80 1.76
N LEU A 255 33.82 -17.83 0.88
CA LEU A 255 34.55 -17.71 -0.37
C LEU A 255 35.86 -16.94 -0.23
N GLY A 256 36.06 -16.24 0.89
CA GLY A 256 37.22 -15.39 1.08
C GLY A 256 36.97 -13.91 0.88
N GLU A 257 35.70 -13.48 0.87
CA GLU A 257 35.39 -12.08 0.55
C GLU A 257 35.96 -11.10 1.56
N THR A 258 36.21 -11.54 2.80
CA THR A 258 36.68 -10.67 3.86
C THR A 258 38.10 -11.00 4.29
N ALA A 259 38.84 -11.74 3.49
CA ALA A 259 40.26 -11.93 3.73
C ALA A 259 40.96 -10.57 3.81
N PRO A 260 42.05 -10.46 4.58
CA PRO A 260 42.70 -9.15 4.75
C PRO A 260 43.16 -8.53 3.44
N GLU A 261 43.66 -9.35 2.51
CA GLU A 261 44.07 -8.82 1.22
C GLU A 261 42.88 -8.22 0.46
N VAL A 262 41.72 -8.87 0.54
CA VAL A 262 40.53 -8.34 -0.14
C VAL A 262 39.98 -7.14 0.61
N MET A 263 39.93 -7.22 1.95
CA MET A 263 39.36 -6.13 2.75
C MET A 263 40.12 -4.83 2.54
N LEU A 264 41.46 -4.89 2.57
CA LEU A 264 42.25 -3.70 2.30
C LEU A 264 42.43 -3.43 0.82
N GLY A 265 42.10 -4.38 -0.05
CA GLY A 265 42.25 -4.19 -1.48
C GLY A 265 43.67 -3.89 -1.91
N ILE A 266 44.60 -4.78 -1.55
CA ILE A 266 46.01 -4.46 -1.71
C ILE A 266 46.41 -4.42 -3.17
N ASP A 267 45.70 -5.15 -4.03
CA ASP A 267 46.02 -5.22 -5.44
C ASP A 267 45.41 -4.08 -6.23
N GLY A 268 44.89 -3.06 -5.57
CA GLY A 268 44.23 -1.94 -6.21
C GLY A 268 42.71 -2.03 -6.27
N THR A 269 42.10 -2.92 -5.50
CA THR A 269 40.69 -3.25 -5.65
C THR A 269 39.82 -2.53 -4.61
N ARG A 270 38.53 -2.70 -4.78
CA ARG A 270 37.54 -2.02 -3.95
C ARG A 270 37.68 -2.42 -2.48
N PRO A 271 37.99 -1.49 -1.59
CA PRO A 271 38.08 -1.85 -0.16
C PRO A 271 36.74 -2.37 0.35
N GLY A 272 36.81 -3.34 1.26
CA GLY A 272 35.60 -3.94 1.79
C GLY A 272 34.71 -3.00 2.59
N TRP A 273 35.27 -1.88 3.05
CA TRP A 273 34.48 -0.92 3.81
C TRP A 273 33.85 0.16 2.94
N GLU A 274 34.15 0.19 1.63
CA GLU A 274 33.71 1.31 0.81
C GLU A 274 32.20 1.31 0.65
N ASP A 275 31.58 0.13 0.46
CA ASP A 275 30.13 0.07 0.40
C ASP A 275 29.50 0.69 1.64
N ALA A 276 29.92 0.24 2.83
CA ALA A 276 29.32 0.70 4.07
C ALA A 276 29.53 2.20 4.27
N GLU A 277 30.74 2.69 3.96
CA GLU A 277 31.03 4.10 4.09
C GLU A 277 30.17 4.92 3.12
N GLU A 278 30.11 4.47 1.87
CA GLU A 278 29.22 5.10 0.89
C GLU A 278 27.80 5.22 1.44
N GLU A 279 27.23 4.12 1.98
CA GLU A 279 25.83 4.25 2.37
C GLU A 279 25.62 5.29 3.46
N LYS A 280 26.69 5.81 4.07
CA LYS A 280 26.47 6.83 5.09
C LYS A 280 26.10 8.19 4.49
N ARG A 281 26.57 8.50 3.28
CA ARG A 281 26.22 9.75 2.60
C ARG A 281 24.82 9.64 1.99
N PRO A 282 24.04 10.72 2.03
CA PRO A 282 22.77 10.73 1.28
C PRO A 282 23.02 10.56 -0.21
N LEU A 283 22.13 9.83 -0.88
CA LEU A 283 22.32 9.55 -2.30
C LEU A 283 22.38 10.83 -3.11
N HIS A 284 21.61 11.85 -2.72
CA HIS A 284 21.55 13.07 -3.52
C HIS A 284 22.85 13.87 -3.48
N MET A 285 23.81 13.49 -2.65
CA MET A 285 25.05 14.22 -2.56
C MET A 285 26.13 13.71 -3.50
N GLY A 286 25.94 12.53 -4.10
CA GLY A 286 26.94 11.97 -4.99
C GLY A 286 28.08 11.33 -4.23
N ARG A 287 29.00 10.75 -5.01
CA ARG A 287 30.13 10.05 -4.43
C ARG A 287 31.31 10.97 -4.12
N TYR A 288 31.46 12.03 -4.86
CA TYR A 288 32.56 12.92 -4.58
C TYR A 288 32.10 14.09 -3.68
N PRO A 289 32.95 14.58 -2.79
CA PRO A 289 32.48 15.61 -1.84
C PRO A 289 32.47 17.02 -2.42
N MET A 290 31.57 17.25 -3.38
CA MET A 290 31.40 18.58 -3.94
C MET A 290 30.99 19.61 -2.89
N GLU A 291 30.43 19.16 -1.76
CA GLU A 291 30.02 20.08 -0.71
C GLU A 291 31.20 20.76 -0.06
N THR A 292 32.41 20.23 -0.24
CA THR A 292 33.61 20.82 0.34
C THR A 292 34.27 21.84 -0.59
N ILE A 293 33.74 22.03 -1.78
CA ILE A 293 34.31 22.95 -2.77
C ILE A 293 33.68 24.32 -2.58
N ARG A 294 34.50 25.37 -2.56
CA ARG A 294 33.99 26.71 -2.34
C ARG A 294 33.02 27.12 -3.44
N ARG A 295 31.87 27.64 -3.05
CA ARG A 295 30.91 28.17 -3.98
C ARG A 295 31.03 29.69 -4.07
N VAL A 296 30.66 30.22 -5.22
CA VAL A 296 30.66 31.65 -5.48
C VAL A 296 29.42 31.97 -6.32
N ASP A 297 28.96 33.22 -6.20
CA ASP A 297 27.76 33.63 -6.91
C ASP A 297 28.02 33.78 -8.40
N GLU A 298 29.21 34.26 -8.75
CA GLU A 298 29.62 34.40 -10.13
C GLU A 298 30.82 33.51 -10.40
N PRO A 299 30.98 33.03 -11.63
CA PRO A 299 32.11 32.14 -11.93
C PRO A 299 33.45 32.84 -11.74
N THR A 300 34.49 32.03 -11.63
CA THR A 300 35.83 32.56 -11.45
C THR A 300 36.32 33.31 -12.68
N THR A 301 35.71 33.08 -13.84
CA THR A 301 36.04 33.82 -15.05
C THR A 301 34.86 34.68 -15.46
N LEU A 302 35.16 35.73 -16.20
CA LEU A 302 34.20 36.80 -16.45
C LEU A 302 33.15 36.38 -17.47
N VAL A 303 31.89 36.70 -17.16
CA VAL A 303 30.76 36.40 -18.05
C VAL A 303 29.93 37.66 -18.22
N VAL A 304 29.88 38.17 -19.44
CA VAL A 304 29.15 39.40 -19.75
C VAL A 304 27.92 39.05 -20.57
N ARG A 305 26.81 38.72 -19.90
CA ARG A 305 25.64 38.14 -20.59
C ARG A 305 25.10 39.06 -21.68
N GLN A 306 25.10 40.37 -21.44
CA GLN A 306 24.56 41.25 -22.48
C GLN A 306 25.43 41.28 -23.74
N GLU A 307 26.62 40.70 -23.71
CA GLU A 307 27.50 40.69 -24.86
C GLU A 307 27.66 39.32 -25.48
N ILE A 308 27.01 38.30 -24.93
CA ILE A 308 27.11 36.94 -25.48
C ILE A 308 26.08 36.79 -26.58
N GLN A 309 26.55 36.50 -27.78
CA GLN A 309 25.65 36.24 -28.89
C GLN A 309 25.39 34.76 -29.03
N ARG A 310 24.20 34.44 -29.52
CA ARG A 310 23.83 33.05 -29.77
C ARG A 310 24.35 32.61 -31.12
N VAL A 311 24.80 31.36 -31.19
CA VAL A 311 25.53 30.82 -32.33
C VAL A 311 24.61 29.90 -33.12
N ALA A 312 24.69 29.99 -34.44
CA ALA A 312 24.04 28.99 -35.28
C ALA A 312 24.60 27.62 -34.96
N LYS A 313 23.71 26.63 -34.82
CA LYS A 313 24.15 25.27 -34.59
C LYS A 313 24.98 24.77 -35.77
N ARG A 314 24.80 25.39 -36.94
CA ARG A 314 25.65 25.16 -38.10
C ARG A 314 27.09 25.65 -37.87
N GLY A 315 27.36 26.28 -36.74
CA GLY A 315 28.70 26.75 -36.44
C GLY A 315 29.53 25.77 -35.62
N ASP A 316 28.87 24.80 -34.97
CA ASP A 316 29.54 23.60 -34.48
C ASP A 316 30.55 23.12 -35.52
N PHE A 317 31.85 23.10 -35.18
CA PHE A 317 32.73 22.76 -36.30
C PHE A 317 32.60 21.34 -36.81
N PHE A 318 31.97 20.42 -36.09
CA PHE A 318 31.66 19.16 -36.74
C PHE A 318 30.67 19.39 -37.86
N LYS A 319 29.62 20.17 -37.58
CA LYS A 319 28.67 20.55 -38.63
C LYS A 319 29.37 21.34 -39.73
N ARG A 320 30.34 22.19 -39.37
CA ARG A 320 31.12 22.89 -40.38
C ARG A 320 31.89 21.91 -41.24
N ALA A 321 32.51 20.90 -40.62
CA ALA A 321 33.27 19.90 -41.38
C ALA A 321 32.35 19.11 -42.30
N GLU A 322 31.19 18.70 -41.77
CA GLU A 322 30.21 17.96 -42.57
C GLU A 322 29.81 18.71 -43.83
N ALA A 323 29.65 20.03 -43.74
CA ALA A 323 29.13 20.84 -44.83
C ALA A 323 30.20 21.28 -45.83
N GLY A 324 31.47 20.98 -45.59
CA GLY A 324 32.54 21.32 -46.50
C GLY A 324 33.40 22.49 -46.07
N ASP A 325 33.06 23.16 -44.96
CA ASP A 325 33.78 24.36 -44.55
C ASP A 325 35.28 24.12 -44.32
N LEU A 326 35.68 22.86 -44.08
CA LEU A 326 37.05 22.58 -43.68
C LEU A 326 37.81 21.75 -44.71
N GLY A 327 37.32 21.67 -45.94
CA GLY A 327 37.99 20.95 -46.99
C GLY A 327 37.38 19.60 -47.26
N GLU A 328 37.90 18.94 -48.29
CA GLU A 328 37.30 17.70 -48.75
C GLU A 328 37.52 16.55 -47.77
N LYS A 329 38.75 16.40 -47.26
CA LYS A 329 39.05 15.25 -46.40
C LYS A 329 38.23 15.29 -45.11
N ALA A 330 38.10 16.48 -44.51
CA ALA A 330 37.29 16.60 -43.31
C ALA A 330 35.84 16.27 -43.58
N LYS A 331 35.32 16.71 -44.74
CA LYS A 331 33.97 16.34 -45.15
C LYS A 331 33.82 14.83 -45.27
N GLN A 332 34.79 14.18 -45.92
CA GLN A 332 34.71 12.74 -46.17
C GLN A 332 34.66 11.97 -44.85
N GLU A 333 35.57 12.30 -43.93
CA GLU A 333 35.78 11.53 -42.72
C GLU A 333 34.83 11.88 -41.58
N LYS A 334 33.99 12.90 -41.76
CA LYS A 334 33.16 13.39 -40.65
C LYS A 334 32.25 12.31 -40.08
N LYS A 335 31.73 11.42 -40.94
CA LYS A 335 30.79 10.41 -40.44
C LYS A 335 31.51 9.28 -39.73
N ARG A 336 32.71 8.91 -40.18
CA ARG A 336 33.35 7.67 -39.72
C ARG A 336 34.39 7.87 -38.63
N PHE A 337 34.94 9.08 -38.47
CA PHE A 337 36.10 9.25 -37.60
C PHE A 337 35.91 8.73 -36.17
N PRO A 338 34.75 8.81 -35.53
CA PRO A 338 34.61 8.17 -34.20
C PRO A 338 34.15 6.73 -34.25
N MET A 339 33.82 6.21 -35.43
CA MET A 339 33.29 4.87 -35.60
C MET A 339 34.25 3.97 -36.38
N LYS A 340 35.55 4.23 -36.25
CA LYS A 340 36.55 3.35 -36.86
C LYS A 340 36.70 2.04 -36.11
N HIS A 341 36.37 2.01 -34.81
CA HIS A 341 36.67 0.84 -34.00
C HIS A 341 35.40 0.03 -33.74
N PRO A 342 35.48 -1.31 -33.80
CA PRO A 342 34.27 -2.14 -33.66
C PRO A 342 33.49 -1.89 -32.38
N LEU A 343 34.17 -1.63 -31.26
CA LEU A 343 33.48 -1.34 -30.01
C LEU A 343 32.58 -0.12 -30.15
N ALA A 344 33.11 0.96 -30.76
CA ALA A 344 32.29 2.14 -30.98
C ALA A 344 31.12 1.81 -31.91
N LEU A 345 31.36 0.94 -32.89
CA LEU A 345 30.29 0.55 -33.80
C LEU A 345 29.19 -0.22 -33.08
N GLY A 346 29.54 -0.93 -32.01
CA GLY A 346 28.51 -1.54 -31.19
C GLY A 346 27.62 -0.53 -30.50
N MET A 347 28.17 0.63 -30.14
CA MET A 347 27.39 1.64 -29.43
C MET A 347 26.49 2.43 -30.35
N GLN A 348 26.86 2.54 -31.64
CA GLN A 348 26.20 3.48 -32.53
C GLN A 348 24.69 3.27 -32.65
N PRO A 349 24.17 2.05 -32.82
CA PRO A 349 22.70 1.91 -32.90
C PRO A 349 21.97 2.45 -31.68
N LEU A 350 22.56 2.30 -30.50
CA LEU A 350 21.92 2.84 -29.30
C LEU A 350 21.97 4.38 -29.31
N ILE A 351 23.15 4.94 -29.60
CA ILE A 351 23.31 6.39 -29.66
C ILE A 351 22.29 7.00 -30.61
N GLN A 352 22.21 6.47 -31.83
CA GLN A 352 21.40 7.13 -32.85
C GLN A 352 19.91 6.94 -32.60
N ASN A 353 19.51 5.77 -32.11
CA ASN A 353 18.08 5.50 -31.92
C ASN A 353 17.54 6.00 -30.58
N MET A 354 18.39 6.53 -29.69
CA MET A 354 17.88 7.24 -28.53
C MET A 354 17.41 8.64 -28.85
N VAL A 355 17.84 9.16 -30.02
CA VAL A 355 17.56 10.56 -30.36
C VAL A 355 16.06 10.84 -30.43
N PRO A 356 15.23 10.02 -31.08
CA PRO A 356 13.79 10.34 -31.12
C PRO A 356 13.12 10.38 -29.76
N LEU A 357 13.77 9.92 -28.70
CA LEU A 357 13.18 9.88 -27.37
C LEU A 357 13.67 10.99 -26.46
N GLN A 358 14.32 12.03 -27.01
CA GLN A 358 14.97 13.03 -26.15
C GLN A 358 13.97 13.96 -25.48
N GLY A 359 12.82 14.21 -26.11
CA GLY A 359 11.75 14.84 -25.35
C GLY A 359 11.18 16.05 -26.07
N THR A 360 10.38 16.81 -25.32
CA THR A 360 9.47 17.80 -25.85
C THR A 360 9.96 19.22 -25.56
N ARG A 361 9.53 20.16 -26.41
CA ARG A 361 9.79 21.57 -26.17
C ARG A 361 8.55 22.35 -25.76
N GLU A 362 7.37 21.82 -26.05
CA GLU A 362 6.13 22.50 -25.71
C GLU A 362 5.84 22.37 -24.22
N LYS A 363 5.14 23.37 -23.68
CA LYS A 363 4.81 23.35 -22.27
C LYS A 363 3.88 22.19 -21.94
N LEU A 364 3.98 21.68 -20.73
CA LEU A 364 3.16 20.54 -20.32
C LEU A 364 2.37 20.92 -19.08
N ALA A 365 1.19 20.31 -18.97
CA ALA A 365 0.36 20.50 -17.79
C ALA A 365 0.82 19.56 -16.69
N PRO A 366 1.10 20.07 -15.48
CA PRO A 366 1.39 19.17 -14.37
C PRO A 366 0.30 18.12 -14.20
N THR A 367 0.72 16.85 -14.15
CA THR A 367 -0.19 15.72 -14.09
C THR A 367 -0.43 15.23 -12.67
N GLY A 368 0.20 15.84 -11.68
CA GLY A 368 0.00 15.40 -10.32
C GLY A 368 0.67 14.10 -9.95
N LYS A 369 1.40 13.47 -10.88
CA LYS A 369 2.25 12.37 -10.51
C LYS A 369 3.58 12.88 -9.96
N GLY A 370 4.25 12.03 -9.19
CA GLY A 370 5.56 12.35 -8.65
C GLY A 370 5.59 12.79 -7.21
N GLY A 371 4.47 12.74 -6.49
CA GLY A 371 4.45 13.18 -5.12
C GLY A 371 4.52 14.69 -5.00
N ASP A 372 5.05 15.15 -3.86
CA ASP A 372 5.06 16.57 -3.53
C ASP A 372 6.16 17.27 -4.32
N LEU A 373 5.76 18.11 -5.28
CA LEU A 373 6.72 18.88 -6.07
C LEU A 373 6.70 20.36 -5.73
N SER A 374 6.28 20.72 -4.51
CA SER A 374 6.15 22.13 -4.15
C SER A 374 7.45 22.72 -3.62
N ASP A 375 8.40 21.90 -3.18
CA ASP A 375 9.67 22.37 -2.65
C ASP A 375 10.74 22.23 -3.71
N PRO A 376 11.16 23.32 -4.37
CA PRO A 376 12.25 23.20 -5.35
C PRO A 376 13.53 22.66 -4.76
N GLY A 377 13.82 22.96 -3.50
CA GLY A 377 14.99 22.38 -2.86
C GLY A 377 14.93 20.87 -2.83
N ARG A 378 13.74 20.31 -2.56
CA ARG A 378 13.58 18.87 -2.54
C ARG A 378 13.62 18.30 -3.96
N ASN A 379 13.04 19.02 -4.92
CA ASN A 379 13.08 18.55 -6.31
C ASN A 379 14.52 18.42 -6.79
N ALA A 380 15.37 19.40 -6.45
CA ALA A 380 16.78 19.33 -6.82
C ALA A 380 17.43 18.08 -6.24
N GLU A 381 17.18 17.80 -4.96
CA GLU A 381 17.75 16.60 -4.34
C GLU A 381 17.25 15.34 -5.02
N ALA A 382 15.97 15.33 -5.42
CA ALA A 382 15.42 14.14 -6.06
C ALA A 382 16.00 13.94 -7.45
N ILE A 383 16.15 15.03 -8.21
CA ILE A 383 16.78 14.93 -9.52
C ILE A 383 18.23 14.50 -9.39
N LYS A 384 18.93 15.00 -8.36
CA LYS A 384 20.30 14.57 -8.12
C LYS A 384 20.35 13.10 -7.72
N ALA A 385 19.58 12.73 -6.70
CA ALA A 385 19.47 11.31 -6.34
C ALA A 385 19.09 10.46 -7.54
N LEU A 386 18.18 10.97 -8.39
CA LEU A 386 17.76 10.20 -9.56
C LEU A 386 18.94 9.98 -10.51
N GLY A 387 19.71 11.04 -10.76
CA GLY A 387 20.88 10.89 -11.61
C GLY A 387 21.85 9.85 -11.08
N TYR A 388 22.25 9.97 -9.81
CA TYR A 388 23.25 9.06 -9.26
C TYR A 388 22.75 7.63 -9.26
N TYR A 389 21.46 7.43 -8.95
CA TYR A 389 20.85 6.11 -9.03
C TYR A 389 21.00 5.51 -10.43
N LEU A 390 20.85 6.33 -11.47
CA LEU A 390 20.93 5.86 -12.85
C LEU A 390 22.36 5.73 -13.34
N GLY A 391 23.34 6.20 -12.58
CA GLY A 391 24.73 5.99 -12.91
C GLY A 391 25.53 7.23 -13.28
N ALA A 392 25.01 8.42 -13.06
CA ALA A 392 25.82 9.61 -13.27
C ALA A 392 26.94 9.67 -12.23
N ASP A 393 27.96 10.46 -12.52
CA ASP A 393 29.03 10.68 -11.55
C ASP A 393 28.93 12.03 -10.85
N PHE A 394 28.35 13.03 -11.51
CA PHE A 394 28.06 14.33 -10.92
C PHE A 394 26.72 14.79 -11.43
N VAL A 395 26.01 15.57 -10.61
CA VAL A 395 24.78 16.22 -11.04
C VAL A 395 24.80 17.65 -10.53
N GLY A 396 24.48 18.59 -11.41
CA GLY A 396 24.33 19.96 -11.01
C GLY A 396 23.15 20.56 -11.77
N ILE A 397 22.57 21.59 -11.19
CA ILE A 397 21.40 22.22 -11.75
C ILE A 397 21.66 23.69 -11.88
N CYS A 398 21.38 24.21 -13.05
CA CYS A 398 21.47 25.65 -13.18
C CYS A 398 20.31 26.07 -14.03
N ARG A 399 20.14 27.36 -14.17
CA ARG A 399 19.00 27.77 -14.95
C ARG A 399 19.40 28.04 -16.38
N ALA A 400 18.49 27.67 -17.26
CA ALA A 400 18.87 27.49 -18.66
C ALA A 400 18.68 28.82 -19.35
N GLU A 401 19.73 29.63 -19.30
CA GLU A 401 19.64 30.99 -19.80
C GLU A 401 19.54 30.99 -21.32
N PRO A 402 18.84 31.96 -21.89
CA PRO A 402 18.60 31.93 -23.34
C PRO A 402 19.86 31.93 -24.16
N TRP A 403 20.92 32.59 -23.71
CA TRP A 403 22.17 32.60 -24.46
C TRP A 403 22.89 31.25 -24.43
N MET A 404 22.39 30.27 -23.66
CA MET A 404 22.96 28.93 -23.71
C MET A 404 22.39 28.10 -24.86
N TYR A 405 21.30 28.54 -25.48
CA TYR A 405 20.70 27.83 -26.61
C TYR A 405 21.33 28.29 -27.91
N TYR A 406 21.40 27.38 -28.87
CA TYR A 406 21.81 27.79 -30.21
C TYR A 406 20.78 28.74 -30.78
N ALA A 407 21.22 29.57 -31.73
CA ALA A 407 20.31 30.51 -32.35
C ALA A 407 19.35 29.80 -33.29
N SER A 408 19.90 28.96 -34.18
CA SER A 408 19.14 28.28 -35.22
C SER A 408 19.64 26.86 -35.36
N ASP A 409 18.76 25.97 -35.79
CA ASP A 409 19.21 24.61 -36.05
C ASP A 409 19.95 24.56 -37.39
N GLU A 410 20.70 23.47 -37.59
CA GLU A 410 21.59 23.40 -38.74
C GLU A 410 20.96 22.72 -39.94
N VAL A 411 19.77 22.13 -39.80
CA VAL A 411 19.15 21.36 -40.89
C VAL A 411 18.13 22.19 -41.66
N GLU A 412 17.26 22.91 -40.95
CA GLU A 412 16.30 23.78 -41.59
C GLU A 412 16.62 25.26 -41.43
N GLY A 413 17.53 25.60 -40.51
CA GLY A 413 17.88 26.98 -40.27
C GLY A 413 16.89 27.73 -39.41
N LYS A 414 15.89 27.05 -38.86
CA LYS A 414 14.85 27.76 -38.13
C LYS A 414 15.35 28.16 -36.73
N PRO A 415 14.80 29.25 -36.18
CA PRO A 415 15.19 29.65 -34.83
C PRO A 415 15.00 28.52 -33.83
N ILE A 416 15.84 28.51 -32.80
CA ILE A 416 15.64 27.65 -31.64
C ILE A 416 15.15 28.52 -30.50
N GLU A 417 14.13 28.05 -29.79
CA GLU A 417 13.54 28.77 -28.68
C GLU A 417 14.23 28.42 -27.37
N ALA A 418 14.29 29.37 -26.45
CA ALA A 418 14.68 29.07 -25.08
C ALA A 418 13.45 28.53 -24.37
N TYR A 419 13.14 27.25 -24.67
CA TYR A 419 11.84 26.71 -24.31
C TYR A 419 11.76 26.15 -22.89
N HIS A 420 12.88 25.84 -22.23
CA HIS A 420 12.85 25.33 -20.87
C HIS A 420 13.58 26.27 -19.93
N ASP A 421 13.23 26.19 -18.64
CA ASP A 421 13.74 27.12 -17.65
C ASP A 421 15.04 26.66 -16.99
N TYR A 422 15.23 25.35 -16.83
CA TYR A 422 16.34 24.82 -16.07
C TYR A 422 17.15 23.84 -16.89
N ALA A 423 18.43 23.70 -16.55
CA ALA A 423 19.32 22.74 -17.17
C ALA A 423 19.83 21.81 -16.07
N VAL A 424 19.63 20.52 -16.26
CA VAL A 424 20.19 19.52 -15.37
C VAL A 424 21.43 18.96 -16.04
N VAL A 425 22.59 19.21 -15.45
CA VAL A 425 23.89 18.90 -16.05
C VAL A 425 24.51 17.73 -15.29
N MET A 426 24.91 16.69 -16.01
CA MET A 426 25.51 15.52 -15.39
C MET A 426 26.80 15.13 -16.12
N LEU A 427 27.82 14.80 -15.33
CA LEU A 427 29.13 14.43 -15.84
C LEU A 427 29.29 12.92 -15.77
N ILE A 428 29.77 12.32 -16.86
CA ILE A 428 30.13 10.91 -16.91
C ILE A 428 31.65 10.83 -17.01
N ASP A 429 32.29 10.19 -16.05
CA ASP A 429 33.73 10.01 -16.08
C ASP A 429 34.11 9.18 -17.30
N GLN A 430 35.08 9.67 -18.08
CA GLN A 430 35.50 8.91 -19.25
C GLN A 430 36.26 7.65 -18.88
N GLY A 431 36.95 7.65 -17.74
CA GLY A 431 37.68 6.47 -17.31
C GLY A 431 39.18 6.67 -17.21
N TYR A 432 39.69 6.72 -15.97
CA TYR A 432 41.12 6.95 -15.78
C TYR A 432 41.95 5.77 -16.26
N GLU A 433 41.59 4.56 -15.85
CA GLU A 433 42.47 3.41 -16.06
C GLU A 433 42.63 3.09 -17.54
N THR A 434 41.54 3.13 -18.31
CA THR A 434 41.67 2.90 -19.76
C THR A 434 42.55 3.96 -20.40
N MET A 435 42.32 5.23 -20.04
CA MET A 435 43.09 6.29 -20.68
C MET A 435 44.54 6.27 -20.26
N GLU A 436 44.85 5.72 -19.08
CA GLU A 436 46.23 5.67 -18.63
C GLU A 436 47.06 4.68 -19.43
N GLY A 437 46.41 3.73 -20.12
CA GLY A 437 47.10 2.88 -21.07
C GLY A 437 47.07 3.36 -22.50
N ALA A 438 46.22 4.33 -22.81
CA ALA A 438 46.04 4.81 -24.17
C ALA A 438 46.95 5.99 -24.45
N SER A 439 47.09 6.32 -25.74
CA SER A 439 47.79 7.53 -26.14
C SER A 439 46.90 8.76 -26.07
N GLY A 440 45.58 8.56 -25.99
CA GLY A 440 44.65 9.65 -26.09
C GLY A 440 44.10 9.80 -27.50
N ASP A 441 44.93 9.50 -28.50
CA ASP A 441 44.54 9.62 -29.89
C ASP A 441 44.74 8.30 -30.64
N ASP A 442 44.66 7.18 -29.93
CA ASP A 442 44.78 5.87 -30.57
C ASP A 442 43.38 5.30 -30.83
N TRP A 443 43.28 3.97 -30.92
CA TRP A 443 42.09 3.33 -31.46
C TRP A 443 40.96 3.18 -30.45
N ILE A 444 41.19 3.55 -29.19
CA ILE A 444 40.15 3.50 -28.17
C ILE A 444 39.65 4.88 -27.79
N SER A 445 40.24 5.95 -28.33
CA SER A 445 39.86 7.30 -27.94
C SER A 445 38.37 7.54 -28.14
N ALA A 446 37.90 7.38 -29.39
CA ALA A 446 36.50 7.65 -29.68
C ALA A 446 35.57 6.73 -28.88
N SER A 447 36.00 5.50 -28.59
CA SER A 447 35.19 4.64 -27.74
C SER A 447 35.08 5.20 -26.33
N GLN A 448 36.12 5.90 -25.85
CA GLN A 448 36.03 6.52 -24.53
C GLN A 448 35.03 7.66 -24.53
N SER A 449 35.03 8.47 -25.59
CA SER A 449 34.02 9.52 -25.72
C SER A 449 32.63 8.91 -25.89
N MET A 450 32.50 7.99 -26.85
CA MET A 450 31.19 7.48 -27.23
C MET A 450 30.53 6.73 -26.07
N ARG A 451 31.31 6.03 -25.24
CA ARG A 451 30.74 5.35 -24.09
C ARG A 451 30.08 6.33 -23.15
N ALA A 452 30.79 7.39 -22.79
CA ALA A 452 30.20 8.42 -21.94
C ALA A 452 29.04 9.12 -22.65
N TYR A 453 29.15 9.29 -23.98
CA TYR A 453 28.06 9.87 -24.77
C TYR A 453 26.77 9.04 -24.68
N MET A 454 26.83 7.73 -24.95
CA MET A 454 25.57 6.99 -24.85
C MET A 454 25.13 6.75 -23.42
N ARG A 455 26.07 6.59 -22.50
CA ARG A 455 25.64 6.36 -21.12
C ARG A 455 24.92 7.57 -20.58
N GLY A 456 25.40 8.76 -20.94
CA GLY A 456 24.75 9.97 -20.49
C GLY A 456 23.45 10.22 -21.21
N ALA A 457 23.42 9.96 -22.52
CA ALA A 457 22.19 10.09 -23.27
C ALA A 457 21.11 9.16 -22.73
N GLU A 458 21.51 7.96 -22.31
CA GLU A 458 20.58 7.03 -21.68
C GLU A 458 19.94 7.67 -20.47
N ILE A 459 20.82 8.10 -19.56
CA ILE A 459 20.41 8.53 -18.24
C ILE A 459 19.53 9.77 -18.35
N ALA A 460 19.93 10.71 -19.21
CA ALA A 460 19.14 11.92 -19.37
C ALA A 460 17.85 11.67 -20.12
N GLY A 461 17.85 10.73 -21.07
CA GLY A 461 16.60 10.35 -21.70
C GLY A 461 15.60 9.80 -20.69
N VAL A 462 16.08 9.01 -19.74
CA VAL A 462 15.20 8.43 -18.73
C VAL A 462 14.68 9.51 -17.80
N MET A 463 15.56 10.41 -17.36
CA MET A 463 15.15 11.44 -16.40
C MET A 463 14.23 12.46 -17.05
N ALA A 464 14.58 12.93 -18.25
CA ALA A 464 13.68 13.84 -18.96
C ALA A 464 12.30 13.22 -19.13
N ALA A 465 12.25 11.95 -19.53
CA ALA A 465 10.98 11.24 -19.65
C ALA A 465 10.21 11.26 -18.33
N HIS A 466 10.90 11.03 -17.21
CA HIS A 466 10.19 11.04 -15.93
C HIS A 466 9.68 12.43 -15.58
N CYS A 467 10.42 13.48 -15.98
CA CYS A 467 9.90 14.82 -15.79
C CYS A 467 8.63 15.04 -16.60
N ARG A 468 8.59 14.51 -17.83
CA ARG A 468 7.40 14.65 -18.66
C ARG A 468 6.22 13.87 -18.08
N ARG A 469 6.47 12.68 -17.52
CA ARG A 469 5.41 11.93 -16.86
C ARG A 469 4.77 12.73 -15.74
N MET A 470 5.55 13.56 -15.05
CA MET A 470 5.05 14.44 -14.01
C MET A 470 4.46 15.74 -14.56
N GLY A 471 4.29 15.84 -15.88
CA GLY A 471 3.72 17.03 -16.48
C GLY A 471 4.65 18.23 -16.55
N TYR A 472 5.95 18.00 -16.69
CA TYR A 472 6.93 19.07 -16.82
C TYR A 472 7.74 18.81 -18.09
N SER A 473 7.60 19.70 -19.07
CA SER A 473 8.35 19.57 -20.31
C SER A 473 9.83 19.36 -20.03
N ALA A 474 10.42 18.40 -20.72
CA ALA A 474 11.82 18.08 -20.54
C ALA A 474 12.37 17.51 -21.83
N ARG A 475 13.59 17.91 -22.18
CA ARG A 475 14.25 17.37 -23.36
C ARG A 475 15.73 17.26 -23.09
N SER A 476 16.31 16.12 -23.48
CA SER A 476 17.73 15.88 -23.28
C SER A 476 18.54 16.37 -24.48
N HIS A 477 19.85 16.48 -24.27
CA HIS A 477 20.74 17.10 -25.26
C HIS A 477 22.00 16.24 -25.35
N SER A 478 22.07 15.44 -26.39
CA SER A 478 23.09 14.42 -26.54
C SER A 478 24.22 14.89 -27.44
N ASN A 479 25.22 14.03 -27.61
CA ASN A 479 26.21 14.26 -28.65
C ASN A 479 25.55 14.33 -30.01
N ALA A 480 24.51 13.51 -30.23
CA ALA A 480 23.87 13.39 -31.53
C ALA A 480 22.89 14.52 -31.79
N HIS A 481 22.30 15.11 -30.74
CA HIS A 481 21.32 16.17 -30.91
C HIS A 481 21.26 16.99 -29.63
N SER A 482 21.85 18.17 -29.65
CA SER A 482 21.74 19.14 -28.58
C SER A 482 21.23 20.46 -29.15
N GLU A 483 20.40 21.15 -28.38
CA GLU A 483 20.01 22.51 -28.74
C GLU A 483 20.56 23.54 -27.76
N VAL A 484 21.30 23.10 -26.74
CA VAL A 484 22.06 23.99 -25.86
C VAL A 484 23.54 23.66 -26.01
N ILE A 485 24.37 24.64 -25.63
CA ILE A 485 25.81 24.44 -25.52
C ILE A 485 26.12 24.05 -24.09
N HIS A 486 26.77 22.90 -23.91
CA HIS A 486 26.91 22.35 -22.56
C HIS A 486 27.82 23.20 -21.68
N ASN A 487 28.91 23.73 -22.25
CA ASN A 487 29.95 24.34 -21.44
C ASN A 487 29.46 25.41 -20.47
N PRO A 488 28.69 26.43 -20.89
CA PRO A 488 28.20 27.40 -19.91
C PRO A 488 27.32 26.78 -18.84
N ALA A 489 26.57 25.72 -19.20
CA ALA A 489 25.78 25.02 -18.20
C ALA A 489 26.67 24.24 -17.24
N ILE A 490 27.79 23.70 -17.71
CA ILE A 490 28.71 23.04 -16.79
C ILE A 490 29.27 24.06 -15.80
N LEU A 491 29.60 25.25 -16.31
CA LEU A 491 30.13 26.31 -15.45
C LEU A 491 29.08 26.75 -14.43
N MET A 492 27.90 27.14 -14.91
CA MET A 492 26.88 27.72 -14.03
C MET A 492 26.33 26.71 -13.03
N ALA A 493 26.32 25.42 -13.37
CA ALA A 493 25.90 24.38 -12.44
C ALA A 493 26.97 24.07 -11.39
N GLY A 494 28.12 24.74 -11.44
CA GLY A 494 29.16 24.49 -10.47
C GLY A 494 29.79 23.13 -10.57
N LEU A 495 29.94 22.60 -11.79
CA LEU A 495 30.63 21.34 -11.99
C LEU A 495 32.06 21.49 -12.51
N GLY A 496 32.44 22.70 -12.94
CA GLY A 496 33.80 22.87 -13.40
C GLY A 496 34.19 24.33 -13.44
N GLU A 497 35.49 24.54 -13.64
CA GLU A 497 36.05 25.86 -13.91
C GLU A 497 36.58 25.88 -15.34
N VAL A 498 36.66 27.09 -15.89
CA VAL A 498 37.35 27.29 -17.15
C VAL A 498 38.78 26.79 -17.01
N SER A 499 39.24 25.98 -17.96
CA SER A 499 40.58 25.43 -17.96
C SER A 499 41.31 25.84 -19.23
N ARG A 500 42.62 25.59 -19.25
CA ARG A 500 43.42 25.96 -20.41
C ARG A 500 43.06 25.13 -21.63
N ILE A 501 42.62 23.88 -21.43
CA ILE A 501 42.27 23.03 -22.57
C ILE A 501 41.34 23.77 -23.52
N GLY A 502 40.50 24.65 -23.00
CA GLY A 502 39.82 25.59 -23.86
C GLY A 502 38.32 25.41 -23.94
N ASP A 503 37.89 24.43 -24.74
CA ASP A 503 36.49 24.08 -24.83
C ASP A 503 36.12 22.93 -23.88
N THR A 504 36.93 22.73 -22.85
CA THR A 504 36.68 21.75 -21.81
C THR A 504 36.78 22.44 -20.46
N LEU A 505 35.81 22.15 -19.58
CA LEU A 505 35.86 22.62 -18.21
C LEU A 505 36.41 21.52 -17.32
N LEU A 506 37.06 21.94 -16.23
CA LEU A 506 37.85 21.03 -15.41
C LEU A 506 37.20 20.94 -14.04
N ASN A 507 37.01 19.71 -13.58
CA ASN A 507 36.34 19.38 -12.33
C ASN A 507 37.36 19.00 -11.27
N PRO A 508 37.18 19.43 -10.01
CA PRO A 508 38.25 19.28 -9.02
C PRO A 508 38.52 17.84 -8.60
N PHE A 509 37.66 16.89 -8.96
CA PHE A 509 37.82 15.50 -8.54
C PHE A 509 38.15 14.55 -9.68
N ILE A 510 37.57 14.77 -10.86
CA ILE A 510 37.88 13.95 -12.03
C ILE A 510 38.58 14.76 -13.12
N GLY A 511 39.16 15.91 -12.75
CA GLY A 511 39.94 16.70 -13.67
C GLY A 511 39.16 17.06 -14.92
N PRO A 512 39.80 16.96 -16.08
CA PRO A 512 39.11 17.18 -17.36
C PRO A 512 38.47 15.94 -17.95
N ARG A 513 38.34 14.88 -17.17
CA ARG A 513 38.09 13.54 -17.70
C ARG A 513 36.59 13.22 -17.73
N SER A 514 35.84 14.06 -18.43
CA SER A 514 34.39 13.92 -18.36
C SER A 514 33.76 14.23 -19.70
N GLN A 515 32.65 13.57 -19.96
CA GLN A 515 31.71 13.96 -20.99
C GLN A 515 30.41 14.31 -20.29
N SER A 516 29.82 15.43 -20.67
CA SER A 516 28.63 15.93 -20.01
C SER A 516 27.39 15.52 -20.79
N ILE A 517 26.29 15.37 -20.07
CA ILE A 517 24.97 15.27 -20.68
C ILE A 517 24.07 16.27 -19.98
N VAL A 518 23.23 16.93 -20.75
CA VAL A 518 22.29 17.92 -20.23
C VAL A 518 20.90 17.50 -20.65
N PHE A 519 19.93 17.74 -19.78
CA PHE A 519 18.54 17.81 -20.22
C PHE A 519 17.90 19.03 -19.58
N THR A 520 17.15 19.76 -20.38
CA THR A 520 16.48 20.96 -19.89
C THR A 520 15.04 20.61 -19.53
N THR A 521 14.49 21.34 -18.57
CA THR A 521 13.15 21.06 -18.09
C THR A 521 12.57 22.29 -17.41
N ASP A 522 11.24 22.30 -17.29
CA ASP A 522 10.54 23.33 -16.52
C ASP A 522 10.33 22.94 -15.06
N LEU A 523 10.64 21.70 -14.68
CA LEU A 523 10.47 21.28 -13.30
C LEU A 523 11.21 22.23 -12.36
N PRO A 524 10.52 22.83 -11.39
CA PRO A 524 11.17 23.83 -10.52
C PRO A 524 12.17 23.18 -9.57
N MET A 525 13.37 23.74 -9.55
CA MET A 525 14.46 23.15 -8.79
C MET A 525 15.36 24.27 -8.30
N SER A 526 15.83 24.17 -7.06
CA SER A 526 16.86 25.09 -6.59
C SER A 526 18.15 24.90 -7.39
N VAL A 527 18.74 25.99 -7.87
CA VAL A 527 19.93 25.90 -8.71
C VAL A 527 21.18 25.90 -7.85
N ASP A 528 22.21 25.23 -8.35
CA ASP A 528 23.52 25.29 -7.73
C ASP A 528 24.23 26.59 -8.12
N ARG A 529 25.32 26.88 -7.41
CA ARG A 529 26.19 28.03 -7.66
C ARG A 529 27.52 27.61 -8.26
N PRO A 530 28.16 28.47 -9.05
CA PRO A 530 29.49 28.16 -9.57
C PRO A 530 30.47 27.83 -8.44
N ILE A 531 31.55 27.14 -8.80
CA ILE A 531 32.56 26.71 -7.84
C ILE A 531 33.87 27.44 -8.10
N ASP A 532 34.72 27.44 -7.07
CA ASP A 532 36.04 28.08 -7.12
C ASP A 532 37.01 27.20 -6.33
N PHE A 533 37.82 26.41 -7.03
CA PHE A 533 38.81 25.59 -6.37
C PHE A 533 40.23 25.98 -6.78
N GLY A 534 40.41 27.24 -7.15
CA GLY A 534 41.74 27.76 -7.43
C GLY A 534 42.31 27.40 -8.77
N LEU A 535 41.48 26.93 -9.71
CA LEU A 535 42.01 26.43 -10.97
C LEU A 535 42.56 27.53 -11.85
N GLN A 536 42.04 28.76 -11.76
CA GLN A 536 42.57 29.83 -12.59
C GLN A 536 44.05 30.05 -12.31
N ASP A 537 44.41 30.22 -11.04
CA ASP A 537 45.82 30.35 -10.68
C ASP A 537 46.62 29.12 -11.05
N PHE A 538 46.01 27.93 -10.96
CA PHE A 538 46.71 26.70 -11.30
C PHE A 538 47.04 26.65 -12.79
N CYS A 539 46.07 26.95 -13.65
CA CYS A 539 46.32 26.86 -15.08
C CYS A 539 47.29 27.94 -15.55
N ASN A 540 47.35 29.09 -14.87
CA ASN A 540 48.33 30.10 -15.25
C ASN A 540 49.76 29.59 -15.10
N GLN A 541 49.96 28.54 -14.31
CA GLN A 541 51.29 28.00 -14.04
C GLN A 541 51.55 26.67 -14.73
N CYS A 542 50.63 26.23 -15.59
CA CYS A 542 50.69 24.91 -16.19
C CYS A 542 50.57 25.05 -17.70
N ARG A 543 51.32 24.23 -18.44
CA ARG A 543 51.21 24.19 -19.89
C ARG A 543 51.14 22.77 -20.41
N LYS A 544 50.87 21.78 -19.56
CA LYS A 544 51.06 20.39 -19.94
C LYS A 544 50.16 20.01 -21.10
N CYS A 545 48.86 20.29 -20.99
CA CYS A 545 47.94 19.96 -22.07
C CYS A 545 48.34 20.65 -23.37
N ALA A 546 48.70 21.93 -23.29
CA ALA A 546 49.14 22.65 -24.48
C ALA A 546 50.38 21.99 -25.08
N ARG A 547 51.30 21.57 -24.22
CA ARG A 547 52.54 20.96 -24.70
C ARG A 547 52.28 19.61 -25.36
N GLU A 548 51.26 18.89 -24.91
CA GLU A 548 51.04 17.53 -25.38
C GLU A 548 50.02 17.41 -26.49
N CYS A 549 49.43 18.51 -26.92
CA CYS A 549 48.43 18.44 -27.99
C CYS A 549 49.11 18.15 -29.32
N PRO A 550 48.66 17.14 -30.07
CA PRO A 550 49.36 16.76 -31.31
C PRO A 550 49.38 17.85 -32.38
N CYS A 551 48.41 18.77 -32.41
CA CYS A 551 48.35 19.81 -33.43
C CYS A 551 48.47 21.21 -32.85
N ASN A 552 48.88 21.34 -31.59
CA ASN A 552 49.21 22.63 -31.00
C ASN A 552 47.95 23.50 -30.93
N ALA A 553 46.81 22.88 -30.62
CA ALA A 553 45.54 23.60 -30.68
C ALA A 553 45.24 24.37 -29.40
N ILE A 554 45.93 24.05 -28.31
CA ILE A 554 45.66 24.64 -27.01
C ILE A 554 46.57 25.85 -26.82
N SER A 555 46.03 26.91 -26.21
CA SER A 555 46.77 28.15 -26.07
C SER A 555 47.80 28.06 -24.96
N PHE A 556 49.03 28.49 -25.28
CA PHE A 556 50.08 28.68 -24.29
C PHE A 556 50.01 30.04 -23.61
N GLY A 557 49.11 30.92 -24.05
CA GLY A 557 49.09 32.30 -23.63
C GLY A 557 48.03 32.59 -22.58
N ASP A 558 47.72 33.88 -22.44
CA ASP A 558 46.78 34.34 -21.43
C ASP A 558 45.34 34.15 -21.91
N LYS A 559 44.39 34.26 -20.96
CA LYS A 559 42.99 34.21 -21.33
C LYS A 559 42.61 35.41 -22.18
N VAL A 560 41.59 35.22 -23.04
CA VAL A 560 41.09 36.26 -23.91
C VAL A 560 39.58 36.40 -23.72
N MET A 561 39.04 37.50 -24.24
CA MET A 561 37.61 37.71 -24.29
C MET A 561 37.10 37.15 -25.61
N PHE A 562 36.00 36.39 -25.55
CA PHE A 562 35.49 35.67 -26.71
C PHE A 562 33.98 35.65 -26.61
N ASN A 563 33.31 36.31 -27.53
CA ASN A 563 31.85 36.38 -27.57
C ASN A 563 31.29 36.69 -26.18
N GLY A 564 31.92 37.65 -25.51
CA GLY A 564 31.38 38.19 -24.29
C GLY A 564 31.75 37.44 -23.02
N TYR A 565 32.74 36.56 -23.06
CA TYR A 565 33.18 35.91 -21.84
C TYR A 565 34.67 35.61 -21.91
N GLU A 566 35.27 35.44 -20.74
CA GLU A 566 36.69 35.17 -20.61
C GLU A 566 36.95 33.68 -20.74
N ILE A 567 37.97 33.33 -21.52
CA ILE A 567 38.18 31.93 -21.91
C ILE A 567 39.65 31.80 -22.30
N TRP A 568 40.21 30.60 -22.14
CA TRP A 568 41.38 30.23 -22.93
C TRP A 568 40.85 29.67 -24.25
N LYS A 569 41.12 30.37 -25.36
CA LYS A 569 40.55 29.95 -26.63
C LYS A 569 41.51 28.99 -27.33
N ALA A 570 41.12 27.73 -27.41
CA ALA A 570 41.83 26.78 -28.24
C ALA A 570 41.49 27.02 -29.71
N ASP A 571 42.32 26.46 -30.58
CA ASP A 571 42.11 26.57 -32.03
C ASP A 571 41.21 25.42 -32.46
N VAL A 572 39.90 25.66 -32.49
CA VAL A 572 38.95 24.60 -32.82
C VAL A 572 39.07 24.14 -34.26
N GLU A 573 39.66 24.95 -35.15
CA GLU A 573 39.90 24.47 -36.51
C GLU A 573 40.95 23.38 -36.53
N LYS A 574 42.11 23.63 -35.92
CA LYS A 574 43.17 22.63 -35.88
C LYS A 574 42.71 21.37 -35.17
N CYS A 575 42.04 21.53 -34.02
CA CYS A 575 41.59 20.36 -33.27
C CYS A 575 40.58 19.54 -34.05
N THR A 576 39.59 20.21 -34.67
CA THR A 576 38.64 19.49 -35.50
C THR A 576 39.37 18.70 -36.57
N LYS A 577 40.34 19.32 -37.27
CA LYS A 577 40.93 18.60 -38.40
C LYS A 577 41.71 17.42 -37.87
N TYR A 578 42.36 17.57 -36.72
CA TYR A 578 43.08 16.44 -36.15
C TYR A 578 42.13 15.31 -35.77
N ARG A 579 41.06 15.62 -35.03
CA ARG A 579 40.16 14.57 -34.54
C ARG A 579 39.44 13.86 -35.70
N VAL A 580 39.05 14.61 -36.73
CA VAL A 580 38.29 14.03 -37.85
C VAL A 580 39.22 13.24 -38.78
N THR A 581 40.46 13.72 -38.94
CA THR A 581 41.31 13.33 -40.06
C THR A 581 42.51 12.46 -39.70
N GLN A 582 43.05 12.57 -38.49
CA GLN A 582 44.23 11.78 -38.16
C GLN A 582 43.91 10.29 -38.28
N MET A 583 44.84 9.54 -38.86
CA MET A 583 44.59 8.18 -39.32
C MET A 583 45.26 7.12 -38.45
N LYS A 584 46.01 7.52 -37.42
CA LYS A 584 46.62 6.60 -36.47
C LYS A 584 45.81 6.49 -35.18
N GLY A 585 44.49 6.61 -35.29
CA GLY A 585 43.61 6.45 -34.15
C GLY A 585 42.19 6.80 -34.55
N SER A 586 41.29 6.74 -33.57
CA SER A 586 39.90 7.15 -33.76
C SER A 586 39.64 8.36 -32.88
N ALA A 587 39.60 9.55 -33.49
CA ALA A 587 39.45 10.83 -32.81
C ALA A 587 40.64 11.10 -31.89
N CYS A 588 40.44 11.92 -30.86
CA CYS A 588 41.53 12.29 -29.96
C CYS A 588 40.95 12.92 -28.70
N GLY A 589 41.60 12.64 -27.57
CA GLY A 589 41.24 13.24 -26.30
C GLY A 589 42.46 13.35 -25.42
N ARG A 590 43.63 13.46 -26.05
CA ARG A 590 44.90 13.41 -25.35
C ARG A 590 45.03 14.48 -24.28
N CYS A 591 44.45 15.65 -24.52
CA CYS A 591 44.51 16.77 -23.58
C CYS A 591 43.81 16.44 -22.25
N MET A 592 42.76 15.60 -22.28
CA MET A 592 42.20 15.01 -21.06
C MET A 592 43.16 14.08 -20.31
N LYS A 593 43.98 13.30 -21.02
CA LYS A 593 44.88 12.38 -20.35
C LYS A 593 46.03 13.11 -19.68
N MET A 594 46.51 14.21 -20.28
CA MET A 594 47.78 14.79 -19.89
C MET A 594 47.68 15.73 -18.69
N CYS A 595 46.49 16.18 -18.35
CA CYS A 595 46.36 17.16 -17.28
C CYS A 595 46.75 16.57 -15.93
N PRO A 596 47.45 17.33 -15.08
CA PRO A 596 47.80 16.81 -13.75
C PRO A 596 46.60 16.43 -12.91
N TRP A 597 45.45 17.08 -13.13
CA TRP A 597 44.23 16.74 -12.42
C TRP A 597 43.65 15.41 -12.84
N ASN A 598 44.13 14.83 -13.93
CA ASN A 598 43.73 13.48 -14.31
C ASN A 598 44.49 12.52 -13.39
N ARG A 599 43.84 12.09 -12.31
CA ARG A 599 44.50 11.28 -11.29
C ARG A 599 43.69 10.04 -10.96
N GLU A 600 44.37 9.10 -10.30
CA GLU A 600 43.74 7.89 -9.81
C GLU A 600 42.93 8.17 -8.55
N ASP A 601 41.89 7.38 -8.35
CA ASP A 601 41.02 7.51 -7.20
C ASP A 601 41.65 6.88 -5.96
N THR A 602 42.87 7.27 -5.61
CA THR A 602 43.56 6.78 -4.42
C THR A 602 43.66 7.89 -3.38
N VAL A 603 44.15 7.49 -2.19
CA VAL A 603 44.36 8.44 -1.12
C VAL A 603 45.40 9.48 -1.54
N GLU A 604 46.52 9.03 -2.13
CA GLU A 604 47.52 9.97 -2.64
C GLU A 604 46.94 10.89 -3.70
N GLY A 605 46.09 10.35 -4.59
CA GLY A 605 45.53 11.16 -5.66
C GLY A 605 44.61 12.25 -5.16
N ARG A 606 43.70 11.90 -4.26
CA ARG A 606 42.84 12.91 -3.64
C ARG A 606 43.66 13.92 -2.84
N ARG A 607 44.70 13.46 -2.14
CA ARG A 607 45.52 14.41 -1.39
C ARG A 607 46.21 15.41 -2.31
N LEU A 608 46.73 14.96 -3.46
CA LEU A 608 47.38 15.88 -4.38
C LEU A 608 46.39 16.88 -4.97
N ALA A 609 45.13 16.49 -5.14
CA ALA A 609 44.12 17.46 -5.54
C ALA A 609 43.81 18.43 -4.40
N GLU A 610 43.65 17.91 -3.17
CA GLU A 610 43.39 18.78 -2.03
C GLU A 610 44.46 19.84 -1.90
N LEU A 611 45.73 19.42 -1.98
CA LEU A 611 46.83 20.37 -1.88
C LEU A 611 46.72 21.44 -2.97
N SER A 612 46.46 21.02 -4.21
CA SER A 612 46.28 21.97 -5.29
C SER A 612 45.23 23.02 -4.93
N ILE A 613 44.11 22.57 -4.36
CA ILE A 613 43.00 23.47 -4.08
C ILE A 613 43.33 24.37 -2.88
N LYS A 614 43.84 23.77 -1.81
CA LYS A 614 43.94 24.45 -0.52
C LYS A 614 45.28 25.15 -0.30
N VAL A 615 46.31 24.81 -1.06
CA VAL A 615 47.66 25.28 -0.77
C VAL A 615 48.24 25.90 -2.03
N PRO A 616 47.99 27.19 -2.29
CA PRO A 616 48.53 27.81 -3.51
C PRO A 616 50.04 27.75 -3.61
N GLU A 617 50.76 27.92 -2.49
CA GLU A 617 52.22 27.97 -2.60
C GLU A 617 52.82 26.64 -3.05
N ALA A 618 52.02 25.58 -3.17
CA ALA A 618 52.51 24.28 -3.63
C ALA A 618 52.10 23.95 -5.05
N ARG A 619 51.39 24.83 -5.75
CA ARG A 619 50.87 24.45 -7.06
C ARG A 619 51.99 24.26 -8.08
N ALA A 620 53.00 25.13 -8.05
CA ALA A 620 54.09 25.02 -9.01
C ALA A 620 54.86 23.72 -8.81
N ALA A 621 55.03 23.29 -7.55
CA ALA A 621 55.74 22.05 -7.30
C ALA A 621 54.98 20.85 -7.85
N ILE A 622 53.65 20.85 -7.66
CA ILE A 622 52.82 19.76 -8.15
C ILE A 622 52.83 19.73 -9.68
N ILE A 623 52.71 20.90 -10.30
CA ILE A 623 52.78 20.99 -11.76
C ILE A 623 54.11 20.42 -12.26
N ALA A 624 55.21 20.77 -11.60
CA ALA A 624 56.53 20.35 -12.07
C ALA A 624 56.77 18.86 -11.81
N MET A 625 56.36 18.37 -10.64
CA MET A 625 56.60 16.96 -10.33
C MET A 625 55.67 16.04 -11.11
N ASP A 626 54.56 16.55 -11.64
CA ASP A 626 53.73 15.72 -12.51
C ASP A 626 54.49 15.30 -13.75
N ASP A 627 55.39 16.17 -14.23
CA ASP A 627 56.28 15.80 -15.33
C ASP A 627 57.47 15.00 -14.82
N ALA A 628 58.08 15.44 -13.71
CA ALA A 628 59.22 14.73 -13.15
C ALA A 628 58.92 13.27 -12.87
N LEU A 629 57.75 12.98 -12.29
CA LEU A 629 57.36 11.59 -12.04
C LEU A 629 56.77 10.92 -13.27
N GLN A 630 56.79 11.62 -14.41
CA GLN A 630 56.41 11.05 -15.71
C GLN A 630 54.96 10.59 -15.73
N ASN A 631 54.08 11.41 -15.16
CA ASN A 631 52.65 11.17 -15.27
C ASN A 631 52.18 11.54 -16.67
N GLY A 632 51.30 10.72 -17.25
CA GLY A 632 50.93 10.86 -18.63
C GLY A 632 51.64 9.89 -19.55
N LYS A 633 52.71 9.27 -19.08
CA LYS A 633 53.29 8.12 -19.76
C LYS A 633 52.31 6.95 -19.79
N ARG A 634 52.40 6.16 -20.85
CA ARG A 634 51.44 5.09 -21.08
C ARG A 634 51.76 3.87 -20.23
N ASN A 635 50.71 3.21 -19.75
CA ASN A 635 50.80 2.10 -18.82
C ASN A 635 50.30 0.87 -19.59
N LEU A 636 51.24 0.10 -20.15
CA LEU A 636 50.86 -0.98 -21.03
C LEU A 636 50.10 -2.09 -20.31
N ILE A 637 50.10 -2.11 -18.98
CA ILE A 637 49.23 -3.03 -18.25
C ILE A 637 47.77 -2.78 -18.62
N LYS A 638 47.42 -1.51 -18.84
CA LYS A 638 46.03 -1.12 -19.04
C LYS A 638 45.60 -1.14 -20.50
N ARG A 639 46.49 -1.46 -21.43
CA ARG A 639 46.14 -1.47 -22.85
C ARG A 639 45.37 -2.75 -23.16
N TRP A 640 44.06 -2.71 -22.90
CA TRP A 640 43.25 -3.91 -22.97
C TRP A 640 42.55 -4.10 -24.32
N TRP A 641 42.46 -3.06 -25.15
CA TRP A 641 41.67 -3.12 -26.36
C TRP A 641 42.50 -3.64 -27.54
N PHE A 642 41.79 -4.08 -28.58
CA PHE A 642 42.40 -4.46 -29.85
C PHE A 642 42.56 -3.22 -30.73
N ASP A 643 43.65 -3.18 -31.49
CA ASP A 643 43.82 -2.14 -32.51
C ASP A 643 43.17 -2.63 -33.79
N LEU A 644 41.91 -2.25 -33.99
CA LEU A 644 41.17 -2.62 -35.18
C LEU A 644 40.59 -1.36 -35.82
N GLU A 645 40.84 -1.20 -37.11
CA GLU A 645 40.22 -0.16 -37.92
C GLU A 645 39.28 -0.83 -38.90
N VAL A 646 38.01 -0.45 -38.88
CA VAL A 646 37.06 -0.95 -39.86
C VAL A 646 37.18 -0.11 -41.13
N ILE A 647 37.42 -0.77 -42.26
CA ILE A 647 37.50 -0.14 -43.56
C ILE A 647 36.62 -0.92 -44.53
N ASP A 648 35.70 -0.22 -45.18
CA ASP A 648 34.75 -0.84 -46.10
C ASP A 648 33.97 -1.97 -45.42
N GLY A 649 33.64 -1.76 -44.15
CA GLY A 649 32.80 -2.69 -43.43
C GLY A 649 33.50 -3.93 -42.90
N VAL A 650 34.83 -3.96 -42.90
CA VAL A 650 35.60 -5.12 -42.42
C VAL A 650 36.67 -4.63 -41.45
N ALA A 651 36.78 -5.31 -40.30
CA ALA A 651 37.73 -4.91 -39.27
C ALA A 651 39.11 -5.47 -39.57
N GLY A 652 40.10 -4.60 -39.72
CA GLY A 652 41.46 -5.05 -39.98
C GLY A 652 42.49 -4.35 -39.13
N ALA A 653 43.77 -4.60 -39.40
CA ALA A 653 44.82 -3.83 -38.76
C ALA A 653 44.78 -2.39 -39.25
N PRO A 654 45.32 -1.45 -38.48
CA PRO A 654 45.32 -0.04 -38.90
C PRO A 654 46.14 0.19 -40.16
N ARG A 655 45.53 0.85 -41.15
CA ARG A 655 46.25 1.23 -42.37
C ARG A 655 47.56 1.95 -42.07
N MET A 656 47.50 2.97 -41.23
CA MET A 656 48.59 3.92 -41.11
C MET A 656 49.38 3.79 -39.82
N GLY A 657 49.00 2.87 -38.94
CA GLY A 657 49.69 2.69 -37.69
C GLY A 657 48.84 3.08 -36.51
N THR A 658 49.52 3.39 -35.40
CA THR A 658 48.83 3.64 -34.15
C THR A 658 49.63 4.64 -33.34
N ASN A 659 48.99 5.74 -32.94
CA ASN A 659 49.62 6.71 -32.06
C ASN A 659 50.00 6.04 -30.75
N GLU A 660 51.27 6.15 -30.37
CA GLU A 660 51.77 5.62 -29.10
C GLU A 660 52.64 6.68 -28.42
N ARG A 661 52.03 7.85 -28.21
CA ARG A 661 52.75 9.01 -27.71
C ARG A 661 53.08 8.88 -26.23
N ASP A 662 54.27 9.31 -25.86
CA ASP A 662 54.68 9.55 -24.48
C ASP A 662 55.00 11.03 -24.33
N LEU A 663 55.33 11.42 -23.10
CA LEU A 663 55.58 12.82 -22.76
C LEU A 663 56.46 13.51 -23.79
N SER A 664 56.03 14.70 -24.20
CA SER A 664 56.73 15.56 -25.14
C SER A 664 57.57 16.57 -24.39
N PRO A 665 58.46 17.29 -25.07
CA PRO A 665 59.26 18.31 -24.36
C PRO A 665 58.85 19.75 -24.66
N ASP A 666 59.03 20.60 -23.64
CA ASP A 666 59.17 22.06 -23.72
C ASP A 666 59.33 22.74 -25.07
N ARG A 667 58.31 23.52 -25.41
CA ARG A 667 58.34 24.46 -26.52
C ARG A 667 59.14 25.71 -26.20
N GLY A 668 59.60 25.87 -24.98
CA GLY A 668 60.51 26.95 -24.65
C GLY A 668 59.83 28.12 -23.98
N ASP A 669 60.66 29.12 -23.67
CA ASP A 669 60.24 30.24 -22.83
C ASP A 669 59.32 31.21 -23.54
N LYS A 670 59.35 31.28 -24.86
CA LYS A 670 58.68 32.37 -25.58
C LYS A 670 57.45 31.92 -26.37
N ILE A 671 56.95 30.70 -26.14
CA ILE A 671 55.91 30.16 -27.01
C ILE A 671 54.62 30.95 -26.85
N GLY A 672 54.30 31.39 -25.63
CA GLY A 672 53.06 32.12 -25.42
C GLY A 672 53.00 33.43 -26.19
N ALA A 673 54.15 34.02 -26.48
CA ALA A 673 54.20 35.23 -27.30
C ALA A 673 54.20 34.92 -28.79
N ASN A 674 54.55 33.70 -29.18
CA ASN A 674 54.76 33.37 -30.59
C ASN A 674 53.69 32.46 -31.17
N GLN A 675 53.05 31.62 -30.37
CA GLN A 675 51.93 30.84 -30.89
C GLN A 675 50.82 31.81 -31.32
N LYS A 676 50.27 31.57 -32.50
CA LYS A 676 49.17 32.40 -33.01
C LYS A 676 48.07 31.46 -33.45
N LEU A 677 46.95 31.47 -32.72
CA LEU A 677 45.83 30.61 -33.00
C LEU A 677 44.70 31.41 -33.65
N ALA A 678 43.75 30.66 -34.22
CA ALA A 678 42.56 31.24 -34.83
C ALA A 678 41.37 31.03 -33.92
N MET A 679 40.54 32.06 -33.79
CA MET A 679 39.29 31.95 -33.05
C MET A 679 38.15 32.35 -33.96
N TYR A 680 36.98 31.79 -33.70
CA TYR A 680 35.82 31.94 -34.57
C TYR A 680 34.61 32.33 -33.74
N PRO A 681 34.59 33.56 -33.23
CA PRO A 681 33.39 34.07 -32.57
C PRO A 681 32.30 34.25 -33.61
N PRO A 682 31.03 34.45 -33.18
CA PRO A 682 29.91 34.49 -34.14
C PRO A 682 30.21 35.27 -35.42
N ARG A 683 30.93 36.39 -35.28
CA ARG A 683 31.32 37.23 -36.42
C ARG A 683 31.92 36.42 -37.55
N LEU A 684 32.69 35.39 -37.22
CA LEU A 684 33.41 34.57 -38.19
C LEU A 684 32.78 33.20 -38.36
N GLN A 685 31.55 33.05 -37.91
CA GLN A 685 30.79 31.82 -38.02
C GLN A 685 29.73 31.97 -39.10
N PRO A 686 29.13 30.86 -39.54
CA PRO A 686 27.95 30.97 -40.40
C PRO A 686 26.83 31.65 -39.64
N PRO A 687 26.16 32.63 -40.25
CA PRO A 687 25.16 33.40 -39.52
C PRO A 687 23.99 32.53 -39.12
N PRO A 688 23.26 32.90 -38.06
CA PRO A 688 22.02 32.19 -37.73
C PRO A 688 21.14 32.01 -38.96
N GLY A 689 20.53 30.84 -39.05
CA GLY A 689 19.74 30.48 -40.21
C GLY A 689 20.48 29.70 -41.28
N THR A 690 21.81 29.72 -41.26
CA THR A 690 22.55 28.95 -42.26
C THR A 690 22.38 27.46 -42.02
N THR A 691 22.40 26.71 -43.13
CA THR A 691 22.08 25.29 -43.16
C THR A 691 23.32 24.52 -43.64
N LEU A 692 23.29 23.18 -43.45
CA LEU A 692 24.36 22.31 -43.93
C LEU A 692 24.47 22.32 -45.46
N ASP A 693 23.41 22.76 -46.14
CA ASP A 693 23.26 22.91 -47.58
C ASP A 693 24.15 24.01 -48.15
N ALA A 694 24.59 24.93 -47.32
CA ALA A 694 25.51 26.00 -47.70
C ALA A 694 26.93 25.65 -47.25
N VAL A 695 27.90 26.19 -47.97
CA VAL A 695 29.31 26.01 -47.64
C VAL A 695 29.91 27.37 -47.31
N LEU A 696 30.59 27.45 -46.18
CA LEU A 696 31.29 28.67 -45.76
C LEU A 696 32.71 28.28 -45.41
N PRO A 697 33.63 28.35 -46.38
CA PRO A 697 35.03 27.99 -46.11
C PRO A 697 35.56 28.76 -44.92
N VAL A 698 36.19 28.03 -43.99
CA VAL A 698 36.65 28.64 -42.75
C VAL A 698 37.67 29.73 -43.06
N ASP A 699 37.43 30.94 -42.53
CA ASP A 699 38.29 32.10 -42.77
C ASP A 699 39.43 32.07 -41.74
N ARG A 700 40.48 31.31 -42.05
CA ARG A 700 41.55 31.15 -41.08
C ARG A 700 42.35 32.43 -40.91
N SER A 701 42.61 33.14 -41.99
CA SER A 701 43.37 34.38 -41.86
C SER A 701 42.60 35.39 -41.01
N GLY A 702 41.28 35.44 -41.16
CA GLY A 702 40.50 36.31 -40.31
C GLY A 702 40.44 35.81 -38.88
N GLY A 703 40.42 34.49 -38.70
CA GLY A 703 40.41 33.93 -37.36
C GLY A 703 41.70 34.22 -36.60
N LEU A 704 42.83 34.21 -37.32
CA LEU A 704 44.10 34.60 -36.71
C LEU A 704 44.11 36.08 -36.36
N ALA A 705 43.65 36.93 -37.27
CA ALA A 705 43.61 38.37 -37.01
C ALA A 705 42.63 38.68 -35.89
N GLU A 706 41.48 38.01 -35.89
CA GLU A 706 40.50 38.15 -34.80
C GLU A 706 41.13 37.94 -33.45
N TYR A 707 41.98 36.93 -33.33
CA TYR A 707 42.46 36.50 -32.03
C TYR A 707 43.61 37.39 -31.58
N ALA A 708 44.35 37.97 -32.55
CA ALA A 708 45.27 39.06 -32.22
C ALA A 708 44.51 40.27 -31.68
N ALA A 709 43.26 40.46 -32.10
CA ALA A 709 42.50 41.65 -31.78
C ALA A 709 41.65 41.51 -30.51
N ALA A 710 41.61 40.32 -29.91
CA ALA A 710 40.68 40.07 -28.81
C ALA A 710 40.98 40.96 -27.61
N GLU A 711 39.91 41.38 -26.93
CA GLU A 711 40.05 42.17 -25.72
C GLU A 711 40.66 41.34 -24.60
N THR A 712 41.53 41.97 -23.79
CA THR A 712 42.05 41.17 -22.68
C THR A 712 41.00 41.20 -21.58
N PRO A 713 40.86 40.12 -20.79
CA PRO A 713 39.87 40.16 -19.70
C PRO A 713 40.06 41.35 -18.78
N ALA A 714 41.29 41.85 -18.65
CA ALA A 714 41.55 43.01 -17.81
C ALA A 714 40.89 44.26 -18.38
N ALA A 715 41.03 44.47 -19.69
CA ALA A 715 40.39 45.62 -20.33
C ALA A 715 38.89 45.53 -20.24
N ALA A 716 38.34 44.32 -20.37
CA ALA A 716 36.90 44.14 -20.25
C ALA A 716 36.41 44.61 -18.88
N ARG A 717 37.11 44.21 -17.81
CA ARG A 717 36.71 44.62 -16.48
C ARG A 717 36.81 46.12 -16.29
N ALA A 718 37.85 46.73 -16.86
CA ALA A 718 37.95 48.19 -16.84
C ALA A 718 36.78 48.83 -17.58
N ARG A 719 36.57 48.41 -18.84
CA ARG A 719 35.48 48.96 -19.64
C ARG A 719 34.12 48.75 -18.98
N LEU A 720 33.87 47.56 -18.44
CA LEU A 720 32.60 47.31 -17.78
C LEU A 720 32.42 48.19 -16.55
N LYS A 721 33.52 48.44 -15.81
CA LYS A 721 33.46 49.23 -14.59
C LYS A 721 33.00 50.66 -14.85
N SER A 722 33.32 51.21 -16.02
CA SER A 722 32.95 52.59 -16.32
C SER A 722 31.47 52.77 -16.63
N SER A 723 30.72 51.69 -16.85
CA SER A 723 29.28 51.78 -17.06
C SER A 723 28.48 51.30 -15.85
N ALA A 724 29.14 51.15 -14.70
CA ALA A 724 28.52 50.58 -13.51
C ALA A 724 27.64 51.59 -12.78
N ILE B 26 -17.27 3.76 8.19
CA ILE B 26 -17.67 3.29 9.52
C ILE B 26 -19.19 3.30 9.69
N SER B 27 -19.92 3.29 8.58
CA SER B 27 -21.38 3.40 8.63
C SER B 27 -22.14 2.18 8.12
N MET B 28 -21.46 1.10 7.72
CA MET B 28 -22.17 -0.09 7.23
C MET B 28 -22.96 -0.72 8.37
N ARG B 29 -23.91 -1.56 8.00
CA ARG B 29 -24.61 -2.36 9.00
C ARG B 29 -23.67 -3.38 9.63
N LEU B 30 -23.67 -3.44 10.97
CA LEU B 30 -23.08 -4.56 11.70
C LEU B 30 -23.84 -5.86 11.59
N TYR B 31 -25.14 -5.85 11.32
CA TYR B 31 -25.94 -7.06 11.41
C TYR B 31 -26.60 -7.37 10.08
N SER B 32 -26.69 -8.66 9.77
CA SER B 32 -27.27 -9.10 8.51
C SER B 32 -28.80 -9.01 8.55
N ASN B 33 -29.38 -8.72 7.39
CA ASN B 33 -30.83 -8.78 7.24
C ASN B 33 -31.28 -10.06 6.56
N ARG B 34 -30.47 -11.12 6.63
CA ARG B 34 -30.78 -12.33 5.89
C ARG B 34 -32.02 -13.04 6.41
N ASP B 35 -32.41 -12.78 7.66
CA ASP B 35 -33.60 -13.37 8.25
C ASP B 35 -34.78 -12.41 8.27
N ARG B 36 -34.65 -11.27 7.57
CA ARG B 36 -35.68 -10.24 7.56
C ARG B 36 -36.43 -10.29 6.25
N PRO B 37 -37.75 -10.50 6.26
CA PRO B 37 -38.50 -10.49 5.01
C PRO B 37 -38.57 -9.09 4.41
N ASN B 38 -38.63 -9.04 3.07
CA ASN B 38 -38.44 -7.78 2.36
C ASN B 38 -39.55 -6.78 2.64
N HIS B 39 -40.76 -7.24 2.95
CA HIS B 39 -41.88 -6.34 3.20
C HIS B 39 -41.72 -5.55 4.49
N LEU B 40 -40.77 -5.92 5.36
CA LEU B 40 -40.46 -5.13 6.54
C LEU B 40 -39.62 -3.91 6.21
N GLY B 41 -38.89 -3.93 5.09
CA GLY B 41 -38.14 -2.78 4.66
C GLY B 41 -36.86 -2.59 5.43
N PRO B 42 -36.09 -1.57 5.04
CA PRO B 42 -34.77 -1.33 5.66
C PRO B 42 -34.84 -0.61 6.99
N LEU B 43 -35.97 0.00 7.32
CA LEU B 43 -36.14 0.69 8.60
C LEU B 43 -36.88 -0.20 9.58
N ALA B 44 -36.57 -0.02 10.87
CA ALA B 44 -37.16 -0.84 11.92
C ALA B 44 -38.53 -0.29 12.32
N LEU B 45 -39.45 -0.28 11.35
CA LEU B 45 -40.77 0.32 11.58
C LEU B 45 -41.58 -0.49 12.59
N GLU B 46 -41.34 -1.79 12.67
CA GLU B 46 -42.07 -2.67 13.58
C GLU B 46 -41.72 -2.42 15.04
N ARG B 47 -40.70 -1.62 15.33
CA ARG B 47 -40.34 -1.27 16.70
C ARG B 47 -40.83 0.11 17.10
N LEU B 48 -41.71 0.70 16.32
CA LEU B 48 -42.25 2.03 16.61
C LEU B 48 -43.58 1.90 17.36
N ALA B 49 -43.82 2.82 18.27
CA ALA B 49 -45.06 2.84 19.03
C ALA B 49 -46.26 3.08 18.11
N ARG B 50 -47.23 2.16 18.15
CA ARG B 50 -48.42 2.28 17.32
C ARG B 50 -49.69 2.10 18.15
N VAL B 51 -50.77 2.71 17.68
CA VAL B 51 -52.10 2.57 18.24
C VAL B 51 -53.04 2.16 17.11
N ASP B 52 -54.28 1.78 17.47
CA ASP B 52 -55.19 1.20 16.48
C ASP B 52 -55.78 2.26 15.56
N ASP B 53 -56.06 3.45 16.07
CA ASP B 53 -56.60 4.54 15.28
C ASP B 53 -56.05 5.84 15.81
N VAL B 54 -56.10 6.89 14.98
CA VAL B 54 -55.80 8.26 15.41
C VAL B 54 -56.78 9.20 14.74
N VAL B 55 -57.04 10.32 15.41
CA VAL B 55 -57.98 11.32 14.89
C VAL B 55 -57.31 12.08 13.76
N ALA B 56 -58.01 12.21 12.65
CA ALA B 56 -57.47 12.96 11.51
C ALA B 56 -57.29 14.43 11.86
N GLN B 57 -56.28 15.05 11.24
CA GLN B 57 -55.92 16.43 11.45
C GLN B 57 -55.52 17.02 10.10
N PRO B 58 -55.73 18.31 9.89
CA PRO B 58 -55.20 18.94 8.67
C PRO B 58 -53.68 18.90 8.70
N ALA B 59 -53.08 18.63 7.54
CA ALA B 59 -51.64 18.44 7.45
C ALA B 59 -51.21 18.52 5.99
N ARG B 60 -50.00 19.02 5.77
CA ARG B 60 -49.40 19.06 4.45
C ARG B 60 -48.07 18.31 4.45
N GLN B 61 -47.62 17.96 3.24
CA GLN B 61 -46.34 17.29 3.08
C GLN B 61 -45.20 18.27 3.32
N PRO B 62 -44.02 17.78 3.69
CA PRO B 62 -42.85 18.67 3.75
C PRO B 62 -42.59 19.26 2.37
N GLU B 63 -41.95 20.42 2.34
CA GLU B 63 -41.57 21.00 1.05
C GLU B 63 -40.28 21.79 1.26
N ASP B 64 -39.70 22.25 0.16
CA ASP B 64 -38.34 22.77 0.18
C ASP B 64 -38.20 24.00 1.07
N GLY B 65 -37.02 24.15 1.65
CA GLY B 65 -36.73 25.32 2.46
C GLY B 65 -36.37 26.54 1.63
N PHE B 66 -35.89 26.34 0.40
CA PHE B 66 -35.50 27.45 -0.46
C PHE B 66 -36.14 27.27 -1.83
N ALA B 67 -36.18 28.34 -2.61
CA ALA B 67 -36.84 28.34 -3.91
C ALA B 67 -35.83 28.09 -5.03
N ALA B 68 -36.32 27.45 -6.09
CA ALA B 68 -35.47 26.98 -7.18
C ALA B 68 -35.26 28.10 -8.21
N SER B 69 -34.02 28.28 -8.63
CA SER B 69 -33.67 29.39 -9.51
C SER B 69 -34.05 29.10 -10.95
N GLU B 70 -33.82 30.08 -11.82
CA GLU B 70 -33.90 29.88 -13.26
C GLU B 70 -32.73 29.04 -13.79
N ASP B 71 -31.78 28.69 -12.93
CA ASP B 71 -30.64 27.86 -13.29
C ASP B 71 -30.83 26.39 -12.91
N SER B 72 -32.03 25.99 -12.49
CA SER B 72 -32.20 24.69 -11.84
C SER B 72 -33.00 23.73 -12.73
N LEU B 73 -32.92 22.45 -12.37
CA LEU B 73 -33.55 21.37 -13.12
C LEU B 73 -35.02 21.18 -12.79
N LEU B 74 -35.63 22.14 -12.09
CA LEU B 74 -37.03 21.98 -11.70
C LEU B 74 -37.89 21.59 -12.90
N GLY B 75 -37.72 22.29 -14.02
CA GLY B 75 -38.55 22.02 -15.18
C GLY B 75 -38.43 20.60 -15.68
N ASP B 76 -37.27 19.97 -15.44
CA ASP B 76 -37.06 18.64 -15.99
C ASP B 76 -37.65 17.55 -15.12
N VAL B 77 -37.56 17.67 -13.80
CA VAL B 77 -38.24 16.69 -12.95
C VAL B 77 -39.75 16.86 -13.02
N GLU B 78 -40.24 18.06 -13.37
CA GLU B 78 -41.68 18.24 -13.55
C GLU B 78 -42.14 17.60 -14.86
N GLU B 79 -41.33 17.67 -15.91
CA GLU B 79 -41.72 17.04 -17.17
C GLU B 79 -41.88 15.54 -17.00
N TYR B 80 -40.92 14.90 -16.32
CA TYR B 80 -40.97 13.46 -16.16
C TYR B 80 -42.06 13.04 -15.18
N ALA B 81 -42.33 13.85 -14.15
CA ALA B 81 -43.49 13.63 -13.31
C ALA B 81 -44.77 13.69 -14.13
N ARG B 82 -44.89 14.70 -15.01
CA ARG B 82 -46.05 14.79 -15.89
C ARG B 82 -46.13 13.58 -16.83
N LEU B 83 -44.98 13.05 -17.26
CA LEU B 83 -44.98 11.86 -18.10
C LEU B 83 -45.51 10.66 -17.34
N PHE B 84 -44.99 10.42 -16.13
CA PHE B 84 -45.45 9.27 -15.35
C PHE B 84 -46.91 9.41 -14.95
N THR B 85 -47.40 10.65 -14.81
CA THR B 85 -48.81 10.87 -14.53
C THR B 85 -49.69 10.11 -15.51
N ARG B 86 -49.24 9.99 -16.77
CA ARG B 86 -50.04 9.35 -17.80
C ARG B 86 -50.41 7.91 -17.46
N PHE B 87 -49.69 7.28 -16.53
CA PHE B 87 -49.82 5.86 -16.29
C PHE B 87 -50.29 5.56 -14.86
N LEU B 88 -50.74 6.57 -14.13
CA LEU B 88 -51.36 6.35 -12.83
C LEU B 88 -52.63 5.51 -12.97
N ASP B 89 -53.26 5.54 -14.13
CA ASP B 89 -54.40 4.71 -14.46
C ASP B 89 -54.17 4.08 -15.83
N GLY B 90 -54.86 2.98 -16.09
CA GLY B 90 -54.73 2.29 -17.35
C GLY B 90 -55.70 1.13 -17.48
N PRO B 91 -55.56 0.34 -18.54
CA PRO B 91 -56.43 -0.82 -18.73
C PRO B 91 -56.17 -1.90 -17.69
N VAL B 92 -57.23 -2.62 -17.34
CA VAL B 92 -57.23 -3.63 -16.29
C VAL B 92 -57.32 -5.00 -16.95
N ALA B 93 -56.31 -5.84 -16.70
CA ALA B 93 -56.30 -7.18 -17.26
C ALA B 93 -57.46 -8.02 -16.71
N PRO B 94 -57.86 -9.07 -17.43
CA PRO B 94 -58.84 -10.00 -16.88
C PRO B 94 -58.29 -10.71 -15.66
N LEU B 95 -59.18 -11.06 -14.74
CA LEU B 95 -58.80 -11.78 -13.54
C LEU B 95 -58.55 -13.24 -13.88
N GLY B 96 -57.34 -13.72 -13.62
CA GLY B 96 -57.04 -15.13 -13.68
C GLY B 96 -57.31 -15.80 -12.35
N ASP B 97 -56.85 -17.04 -12.23
CA ASP B 97 -57.08 -17.84 -11.03
C ASP B 97 -55.77 -18.12 -10.29
N ALA B 98 -54.86 -17.16 -10.29
CA ALA B 98 -53.56 -17.36 -9.67
C ALA B 98 -53.19 -16.30 -8.64
N ILE B 99 -54.07 -15.35 -8.34
CA ILE B 99 -53.76 -14.30 -7.38
C ILE B 99 -54.08 -14.82 -5.99
N PRO B 100 -53.13 -14.78 -5.05
CA PRO B 100 -53.39 -15.28 -3.70
C PRO B 100 -54.57 -14.57 -3.04
N ASP B 101 -55.33 -15.33 -2.24
CA ASP B 101 -56.49 -14.77 -1.54
C ASP B 101 -56.08 -13.92 -0.35
N ASP B 102 -55.07 -14.36 0.39
CA ASP B 102 -54.79 -13.85 1.73
C ASP B 102 -54.43 -12.37 1.70
N PRO B 103 -55.25 -11.49 2.30
CA PRO B 103 -54.87 -10.08 2.35
C PRO B 103 -53.54 -9.84 3.04
N ALA B 104 -53.15 -10.69 4.00
CA ALA B 104 -51.85 -10.56 4.62
C ALA B 104 -50.74 -10.82 3.62
N ARG B 105 -50.87 -11.86 2.81
CA ARG B 105 -49.86 -12.17 1.82
C ARG B 105 -49.85 -11.12 0.70
N ARG B 106 -51.04 -10.61 0.35
CA ARG B 106 -51.11 -9.51 -0.60
C ARG B 106 -50.40 -8.28 -0.07
N ALA B 107 -50.61 -7.94 1.20
CA ALA B 107 -49.98 -6.78 1.81
C ALA B 107 -48.46 -6.92 1.81
N GLU B 108 -47.96 -8.05 2.30
CA GLU B 108 -46.52 -8.30 2.28
C GLU B 108 -45.96 -8.16 0.86
N ASN B 109 -46.65 -8.75 -0.11
CA ASN B 109 -46.17 -8.69 -1.49
C ASN B 109 -46.16 -7.26 -2.02
N LEU B 110 -47.22 -6.51 -1.78
CA LEU B 110 -47.29 -5.15 -2.31
C LEU B 110 -46.30 -4.24 -1.60
N LYS B 111 -46.16 -4.40 -0.28
CA LYS B 111 -45.13 -3.65 0.44
C LYS B 111 -43.74 -3.98 -0.09
N ALA B 112 -43.44 -5.26 -0.23
CA ALA B 112 -42.12 -5.67 -0.72
C ALA B 112 -41.88 -5.14 -2.13
N SER B 113 -42.92 -5.16 -2.97
CA SER B 113 -42.83 -4.56 -4.30
C SER B 113 -42.44 -3.09 -4.23
N ALA B 114 -43.04 -2.34 -3.29
CA ALA B 114 -42.74 -0.93 -3.20
C ALA B 114 -41.32 -0.67 -2.70
N TYR B 115 -40.85 -1.48 -1.75
CA TYR B 115 -39.48 -1.30 -1.27
C TYR B 115 -38.48 -1.63 -2.36
N PHE B 116 -38.81 -2.62 -3.19
CA PHE B 116 -37.98 -3.00 -4.33
C PHE B 116 -37.79 -1.83 -5.28
N LEU B 117 -38.81 -0.99 -5.42
CA LEU B 117 -38.74 0.23 -6.22
C LEU B 117 -38.22 1.42 -5.42
N ASP B 118 -37.70 1.18 -4.21
CA ASP B 118 -37.03 2.15 -3.35
C ASP B 118 -37.98 3.16 -2.71
N ALA B 119 -39.18 2.72 -2.36
CA ALA B 119 -39.95 3.46 -1.37
C ALA B 119 -39.15 3.52 -0.08
N SER B 120 -39.05 4.71 0.51
CA SER B 120 -38.34 4.82 1.78
C SER B 120 -39.11 4.18 2.91
N MET B 121 -40.44 4.15 2.82
CA MET B 121 -41.26 3.71 3.94
C MET B 121 -42.66 3.42 3.37
N VAL B 122 -43.28 2.32 3.81
CA VAL B 122 -44.54 1.88 3.21
C VAL B 122 -45.57 1.53 4.30
N GLY B 123 -46.85 1.67 3.93
CA GLY B 123 -47.94 1.30 4.81
C GLY B 123 -49.24 1.15 4.05
N ILE B 124 -50.18 0.44 4.66
CA ILE B 124 -51.48 0.15 4.07
C ILE B 124 -52.58 0.61 5.03
N CYS B 125 -53.69 1.11 4.48
CA CYS B 125 -54.84 1.45 5.30
C CYS B 125 -56.10 1.26 4.49
N ARG B 126 -57.24 1.27 5.18
CA ARG B 126 -58.54 1.17 4.55
C ARG B 126 -59.05 2.56 4.19
N LEU B 127 -59.88 2.61 3.14
CA LEU B 127 -60.39 3.87 2.60
C LEU B 127 -61.78 4.18 3.16
N ASP B 128 -62.05 5.47 3.39
CA ASP B 128 -63.34 5.95 3.85
C ASP B 128 -64.32 6.13 2.69
N PRO B 129 -65.61 6.27 3.00
CA PRO B 129 -66.51 6.89 2.01
C PRO B 129 -66.12 8.32 1.68
N ASP B 130 -65.50 9.04 2.62
CA ASP B 130 -64.97 10.36 2.32
C ASP B 130 -63.87 10.28 1.26
N ASP B 131 -63.09 9.19 1.27
CA ASP B 131 -62.05 9.02 0.26
C ASP B 131 -62.65 8.72 -1.11
N ARG B 132 -63.67 7.86 -1.14
CA ARG B 132 -64.36 7.49 -2.37
C ARG B 132 -65.32 8.58 -2.87
N ALA B 133 -65.62 9.59 -2.03
CA ALA B 133 -66.59 10.62 -2.42
C ALA B 133 -66.09 11.43 -3.60
N GLY B 134 -64.79 11.70 -3.66
CA GLY B 134 -64.23 12.47 -4.76
C GLY B 134 -64.15 11.70 -6.06
N ASP B 135 -63.22 12.10 -6.94
CA ASP B 135 -63.07 11.43 -8.23
C ASP B 135 -62.60 9.99 -8.09
N CYS B 136 -62.10 9.59 -6.92
CA CYS B 136 -61.61 8.25 -6.75
C CYS B 136 -62.69 7.23 -7.06
N ASP B 137 -62.31 6.17 -7.77
CA ASP B 137 -63.17 5.06 -8.11
C ASP B 137 -63.89 4.56 -6.84
N PRO B 138 -65.23 4.51 -6.83
CA PRO B 138 -65.93 4.09 -5.61
C PRO B 138 -65.73 2.63 -5.24
N SER B 139 -65.19 1.79 -6.13
CA SER B 139 -64.90 0.43 -5.76
C SER B 139 -63.62 0.29 -4.95
N HIS B 140 -62.89 1.37 -4.73
CA HIS B 140 -61.60 1.30 -4.07
C HIS B 140 -61.78 1.27 -2.56
N THR B 141 -61.20 0.24 -1.93
CA THR B 141 -61.37 -0.01 -0.51
C THR B 141 -60.08 0.12 0.28
N HIS B 142 -58.92 0.19 -0.39
CA HIS B 142 -57.64 0.15 0.30
C HIS B 142 -56.65 1.06 -0.39
N ALA B 143 -55.64 1.48 0.38
CA ALA B 143 -54.64 2.41 -0.10
C ALA B 143 -53.26 1.89 0.30
N LEU B 144 -52.37 1.73 -0.66
CA LEU B 144 -50.95 1.53 -0.38
C LEU B 144 -50.29 2.89 -0.34
N VAL B 145 -49.85 3.29 0.84
CA VAL B 145 -49.20 4.58 1.04
C VAL B 145 -47.70 4.33 1.16
N PHE B 146 -46.92 5.19 0.51
CA PHE B 146 -45.47 5.09 0.60
C PHE B 146 -44.88 6.49 0.57
N ALA B 147 -43.75 6.64 1.26
CA ALA B 147 -43.01 7.90 1.31
C ALA B 147 -41.64 7.70 0.69
N VAL B 148 -41.19 8.69 -0.07
CA VAL B 148 -39.84 8.72 -0.62
C VAL B 148 -39.11 9.88 0.04
N GLN B 149 -37.94 9.61 0.61
CA GLN B 149 -37.22 10.66 1.32
C GLN B 149 -36.57 11.63 0.34
N PHE B 150 -36.58 12.92 0.71
CA PHE B 150 -35.83 13.94 -0.01
C PHE B 150 -34.41 13.47 -0.26
N GLY B 151 -33.85 13.84 -1.42
CA GLY B 151 -32.46 13.51 -1.69
C GLY B 151 -31.49 14.40 -0.92
N ARG B 152 -30.28 13.88 -0.71
CA ARG B 152 -29.21 14.72 -0.22
C ARG B 152 -28.91 15.82 -1.23
N GLU B 153 -28.64 17.03 -0.74
CA GLU B 153 -28.29 18.12 -1.63
C GLU B 153 -26.87 18.61 -1.35
N PRO B 154 -26.17 19.13 -2.36
CA PRO B 154 -24.83 19.68 -2.11
C PRO B 154 -24.88 20.86 -1.15
N GLU B 155 -23.87 20.94 -0.28
CA GLU B 155 -23.73 22.08 0.61
C GLU B 155 -23.51 23.35 -0.20
N ALA B 156 -23.78 24.50 0.42
CA ALA B 156 -23.57 25.77 -0.26
C ALA B 156 -22.11 25.93 -0.66
N GLY B 157 -21.89 26.43 -1.88
CA GLY B 157 -20.55 26.53 -2.42
C GLY B 157 -20.03 25.28 -3.11
N GLU B 158 -20.61 24.12 -2.82
CA GLU B 158 -20.27 22.91 -3.56
C GLU B 158 -20.77 23.03 -5.00
N ALA B 159 -20.16 22.24 -5.87
CA ALA B 159 -20.53 22.26 -7.28
C ALA B 159 -21.95 21.74 -7.47
N GLY B 160 -22.76 22.48 -8.21
CA GLY B 160 -24.09 22.04 -8.57
C GLY B 160 -25.19 22.36 -7.58
N ALA B 161 -24.87 22.95 -6.43
CA ALA B 161 -25.92 23.33 -5.48
C ALA B 161 -26.97 24.21 -6.13
N GLU B 162 -26.53 25.10 -7.03
CA GLU B 162 -27.43 25.97 -7.78
C GLU B 162 -28.41 25.16 -8.64
N TRP B 163 -27.96 24.01 -9.16
CA TRP B 163 -28.80 23.18 -10.02
C TRP B 163 -29.92 22.50 -9.25
N ILE B 164 -29.69 22.22 -7.97
CA ILE B 164 -30.49 21.27 -7.21
C ILE B 164 -31.40 21.95 -6.19
N ARG B 165 -30.97 23.08 -5.63
N ARG B 165 -30.94 23.03 -5.57
CA ARG B 165 -31.69 23.81 -4.58
CA ARG B 165 -31.67 23.64 -4.46
C ARG B 165 -33.17 23.96 -4.93
C ARG B 165 -33.09 23.98 -4.87
N GLY B 166 -34.03 23.70 -3.96
CA GLY B 166 -35.44 23.95 -4.18
C GLY B 166 -36.14 23.04 -5.15
N THR B 167 -35.48 21.97 -5.62
CA THR B 167 -36.10 21.01 -6.51
C THR B 167 -36.48 19.71 -5.82
N ASN B 168 -36.28 19.60 -4.50
CA ASN B 168 -36.38 18.31 -3.85
C ASN B 168 -37.82 17.82 -3.80
N ALA B 169 -38.79 18.71 -3.57
CA ALA B 169 -40.18 18.28 -3.57
C ALA B 169 -40.59 17.75 -4.94
N ALA B 170 -40.15 18.40 -6.01
CA ALA B 170 -40.52 17.97 -7.36
C ALA B 170 -39.71 16.76 -7.81
N ARG B 171 -38.41 16.74 -7.48
CA ARG B 171 -37.60 15.55 -7.70
C ARG B 171 -38.20 14.35 -6.99
N THR B 172 -38.60 14.53 -5.74
CA THR B 172 -39.17 13.43 -4.97
C THR B 172 -40.59 13.10 -5.42
N ASP B 173 -41.36 14.12 -5.85
CA ASP B 173 -42.68 13.84 -6.40
C ASP B 173 -42.57 13.05 -7.70
N MET B 174 -41.57 13.35 -8.53
CA MET B 174 -41.31 12.55 -9.72
C MET B 174 -41.15 11.08 -9.37
N ARG B 175 -40.30 10.80 -8.38
CA ARG B 175 -40.06 9.42 -7.95
C ARG B 175 -41.34 8.77 -7.44
N CYS B 176 -42.17 9.55 -6.72
CA CYS B 176 -43.42 9.02 -6.22
C CYS B 176 -44.38 8.69 -7.36
N ALA B 177 -44.40 9.54 -8.40
CA ALA B 177 -45.29 9.31 -9.54
C ALA B 177 -44.89 8.07 -10.31
N GLU B 178 -43.59 7.94 -10.62
CA GLU B 178 -42.99 6.65 -10.94
C GLU B 178 -43.58 5.48 -10.17
N ILE B 179 -43.36 5.44 -8.87
CA ILE B 179 -43.62 4.23 -8.10
C ILE B 179 -45.12 3.95 -8.06
N ALA B 180 -45.91 5.00 -7.89
CA ALA B 180 -47.36 4.86 -7.96
C ALA B 180 -47.81 4.34 -9.32
N ALA B 181 -47.20 4.83 -10.40
CA ALA B 181 -47.58 4.38 -11.73
C ALA B 181 -47.26 2.91 -11.92
N ILE B 182 -46.09 2.47 -11.45
CA ILE B 182 -45.69 1.09 -11.64
C ILE B 182 -46.53 0.16 -10.77
N LEU B 183 -46.67 0.51 -9.49
CA LEU B 183 -47.40 -0.37 -8.58
C LEU B 183 -48.86 -0.48 -8.97
N SER B 184 -49.48 0.64 -9.34
CA SER B 184 -50.88 0.61 -9.76
C SER B 184 -51.05 -0.23 -11.01
N GLY B 185 -50.08 -0.16 -11.94
CA GLY B 185 -50.16 -0.99 -13.13
C GLY B 185 -49.97 -2.46 -12.82
N TYR B 186 -49.07 -2.76 -11.88
CA TYR B 186 -48.87 -4.14 -11.44
C TYR B 186 -50.18 -4.75 -10.94
N VAL B 187 -50.93 -4.00 -10.14
CA VAL B 187 -52.20 -4.48 -9.61
C VAL B 187 -53.22 -4.59 -10.73
N ARG B 188 -53.23 -3.63 -11.67
CA ARG B 188 -54.13 -3.73 -12.81
C ARG B 188 -53.82 -4.98 -13.63
N TRP B 189 -52.55 -5.29 -13.83
CA TRP B 189 -52.20 -6.47 -14.60
C TRP B 189 -52.56 -7.76 -13.86
N MET B 190 -52.86 -7.67 -12.57
CA MET B 190 -53.33 -8.81 -11.81
C MET B 190 -54.85 -8.94 -11.86
N GLY B 191 -55.54 -7.98 -12.46
CA GLY B 191 -56.97 -8.05 -12.67
C GLY B 191 -57.81 -7.15 -11.79
N PHE B 192 -57.19 -6.25 -11.02
CA PHE B 192 -57.88 -5.43 -10.04
C PHE B 192 -57.73 -3.96 -10.39
N PRO B 193 -58.80 -3.19 -10.47
CA PRO B 193 -58.66 -1.75 -10.72
C PRO B 193 -57.81 -1.10 -9.64
N ALA B 194 -56.90 -0.22 -10.07
CA ALA B 194 -56.01 0.51 -9.17
C ALA B 194 -55.63 1.83 -9.81
N ARG B 195 -55.50 2.86 -9.00
CA ARG B 195 -55.15 4.20 -9.47
C ARG B 195 -54.02 4.73 -8.60
N GLY B 196 -52.94 5.17 -9.25
CA GLY B 196 -51.86 5.82 -8.52
C GLY B 196 -52.17 7.27 -8.26
N HIS B 197 -51.60 7.79 -7.17
CA HIS B 197 -51.81 9.17 -6.77
C HIS B 197 -50.50 9.76 -6.26
N PHE B 198 -50.29 11.04 -6.55
CA PHE B 198 -49.20 11.81 -5.95
C PHE B 198 -49.58 13.28 -6.03
N SER B 199 -48.74 14.14 -5.43
CA SER B 199 -49.09 15.55 -5.29
C SER B 199 -49.54 16.17 -6.61
N GLY B 200 -48.88 15.82 -7.71
CA GLY B 200 -49.25 16.37 -9.00
C GLY B 200 -50.53 15.82 -9.59
N ASP B 201 -51.03 14.69 -9.07
CA ASP B 201 -52.28 14.11 -9.56
C ASP B 201 -52.79 13.14 -8.50
N ALA B 202 -53.72 13.61 -7.67
CA ALA B 202 -54.28 12.79 -6.61
C ALA B 202 -55.79 12.97 -6.58
N GLN B 203 -56.49 11.87 -6.33
CA GLN B 203 -57.94 11.88 -6.14
C GLN B 203 -58.33 11.66 -4.68
N VAL B 204 -57.35 11.52 -3.78
CA VAL B 204 -57.57 11.26 -2.37
C VAL B 204 -56.63 12.15 -1.57
N ASP B 205 -56.89 12.26 -0.27
CA ASP B 205 -56.07 13.10 0.60
C ASP B 205 -54.82 12.32 0.99
N LEU B 206 -53.69 12.66 0.34
CA LEU B 206 -52.45 11.92 0.58
C LEU B 206 -52.03 12.00 2.05
N ALA B 207 -51.96 13.22 2.60
CA ALA B 207 -51.50 13.37 3.98
C ALA B 207 -52.39 12.63 4.97
N ARG B 208 -53.71 12.72 4.78
CA ARG B 208 -54.63 11.99 5.65
C ARG B 208 -54.33 10.50 5.66
N LEU B 209 -54.07 9.93 4.48
CA LEU B 209 -53.82 8.50 4.41
C LEU B 209 -52.43 8.15 4.97
N ALA B 210 -51.46 9.04 4.77
CA ALA B 210 -50.13 8.80 5.31
C ALA B 210 -50.19 8.63 6.82
N VAL B 211 -51.03 9.41 7.50
CA VAL B 211 -51.17 9.28 8.93
C VAL B 211 -51.90 7.98 9.27
N ARG B 212 -53.04 7.74 8.64
CA ARG B 212 -53.83 6.55 8.93
C ARG B 212 -53.05 5.27 8.69
N ALA B 213 -52.20 5.25 7.65
CA ALA B 213 -51.42 4.07 7.33
C ALA B 213 -50.19 3.92 8.21
N GLY B 214 -49.87 4.91 9.04
CA GLY B 214 -48.81 4.79 10.01
C GLY B 214 -47.45 5.24 9.55
N LEU B 215 -47.38 6.12 8.54
CA LEU B 215 -46.09 6.61 8.06
C LEU B 215 -45.66 7.91 8.71
N ALA B 216 -46.60 8.76 9.11
CA ALA B 216 -46.25 10.09 9.61
C ALA B 216 -47.20 10.51 10.72
N ARG B 217 -46.77 11.55 11.43
CA ARG B 217 -47.58 12.28 12.41
C ARG B 217 -47.55 13.75 12.02
N VAL B 218 -48.48 14.53 12.59
CA VAL B 218 -48.59 15.95 12.28
C VAL B 218 -47.94 16.75 13.40
N VAL B 219 -46.98 17.60 13.06
CA VAL B 219 -46.40 18.58 13.97
C VAL B 219 -46.54 19.94 13.31
N ASP B 220 -47.30 20.84 13.96
CA ASP B 220 -47.57 22.18 13.44
C ASP B 220 -48.12 22.13 12.01
N GLY B 221 -49.04 21.20 11.77
CA GLY B 221 -49.70 21.14 10.48
C GLY B 221 -48.87 20.57 9.35
N VAL B 222 -47.67 20.08 9.62
CA VAL B 222 -46.83 19.44 8.61
C VAL B 222 -46.57 18.01 9.02
N LEU B 223 -46.59 17.10 8.04
CA LEU B 223 -46.28 15.71 8.30
C LEU B 223 -44.82 15.56 8.72
N VAL B 224 -44.59 14.80 9.80
CA VAL B 224 -43.25 14.41 10.22
C VAL B 224 -43.23 12.88 10.31
N ALA B 225 -42.30 12.27 9.58
CA ALA B 225 -42.20 10.82 9.60
C ALA B 225 -40.94 10.40 10.36
N PRO B 226 -41.01 9.31 11.13
CA PRO B 226 -39.79 8.82 11.78
C PRO B 226 -38.73 8.51 10.72
N PHE B 227 -37.45 8.64 11.12
CA PHE B 227 -36.32 8.24 10.30
C PHE B 227 -36.04 9.13 9.09
N LEU B 228 -37.06 9.79 8.54
CA LEU B 228 -36.88 10.57 7.31
C LEU B 228 -36.69 12.06 7.62
N ARG B 229 -35.56 12.34 8.25
CA ARG B 229 -35.26 13.66 8.77
C ARG B 229 -35.05 14.60 7.54
N ARG B 230 -34.57 14.14 6.32
CA ARG B 230 -34.37 15.11 5.20
C ARG B 230 -35.67 15.79 4.72
N GLY B 231 -36.85 15.23 5.07
CA GLY B 231 -38.09 15.52 4.37
C GLY B 231 -38.50 14.36 3.50
N PHE B 232 -39.73 14.43 3.00
CA PHE B 232 -40.24 13.33 2.17
C PHE B 232 -41.45 13.81 1.38
N ARG B 233 -41.82 13.01 0.38
CA ARG B 233 -43.07 13.19 -0.36
C ARG B 233 -43.77 11.84 -0.46
N LEU B 234 -45.04 11.89 -0.85
CA LEU B 234 -45.94 10.74 -0.74
C LEU B 234 -46.46 10.26 -2.09
N GLY B 235 -46.63 8.96 -2.17
CA GLY B 235 -47.43 8.37 -3.22
C GLY B 235 -48.44 7.43 -2.61
N VAL B 236 -49.57 7.27 -3.30
CA VAL B 236 -50.62 6.34 -2.89
C VAL B 236 -51.12 5.60 -4.11
N VAL B 237 -51.40 4.32 -3.95
CA VAL B 237 -52.14 3.54 -4.93
C VAL B 237 -53.36 2.93 -4.25
N THR B 238 -54.55 3.41 -4.64
CA THR B 238 -55.82 2.91 -4.16
C THR B 238 -56.31 1.79 -5.06
N THR B 239 -57.08 0.87 -4.49
CA THR B 239 -57.52 -0.30 -5.23
C THR B 239 -58.63 -1.01 -4.47
N GLY B 240 -59.38 -1.84 -5.19
CA GLY B 240 -60.28 -2.80 -4.59
C GLY B 240 -59.64 -4.10 -4.19
N TYR B 241 -58.41 -4.34 -4.67
CA TYR B 241 -57.52 -5.40 -4.21
C TYR B 241 -57.38 -5.36 -2.69
N ALA B 242 -58.04 -6.28 -1.99
CA ALA B 242 -58.12 -6.22 -0.53
C ALA B 242 -56.77 -6.51 0.11
N LEU B 243 -56.42 -5.73 1.12
CA LEU B 243 -55.10 -5.82 1.75
C LEU B 243 -55.21 -5.72 3.25
N ALA B 244 -54.31 -6.42 3.95
CA ALA B 244 -54.18 -6.25 5.39
C ALA B 244 -53.64 -4.87 5.71
N ALA B 245 -54.29 -4.17 6.65
CA ALA B 245 -53.94 -2.79 6.94
C ALA B 245 -52.96 -2.71 8.11
N ASP B 246 -52.31 -1.55 8.21
CA ASP B 246 -51.34 -1.24 9.25
C ASP B 246 -51.96 -0.28 10.24
N ARG B 247 -51.24 -0.03 11.32
CA ARG B 247 -51.73 0.80 12.39
C ARG B 247 -50.97 2.11 12.46
N PRO B 248 -51.62 3.20 12.84
CA PRO B 248 -50.94 4.50 12.87
C PRO B 248 -49.94 4.61 14.02
N LEU B 249 -49.07 5.59 13.90
CA LEU B 249 -48.09 5.85 14.94
C LEU B 249 -48.78 6.40 16.18
N ALA B 250 -48.21 6.09 17.34
CA ALA B 250 -48.65 6.72 18.58
C ALA B 250 -48.64 8.23 18.40
N PRO B 251 -49.77 8.92 18.58
CA PRO B 251 -49.85 10.32 18.14
C PRO B 251 -49.01 11.28 18.95
N GLU B 252 -48.67 10.95 20.19
CA GLU B 252 -47.87 11.83 21.04
C GLU B 252 -46.69 11.06 21.61
N GLY B 253 -45.58 11.77 21.80
CA GLY B 253 -44.45 11.23 22.52
C GLY B 253 -43.43 10.54 21.65
N ASP B 254 -42.40 10.02 22.31
CA ASP B 254 -41.31 9.33 21.63
C ASP B 254 -41.80 8.00 21.06
N LEU B 255 -41.50 7.77 19.78
CA LEU B 255 -41.91 6.55 19.09
C LEU B 255 -40.93 5.40 19.28
N GLY B 256 -39.76 5.65 19.85
CA GLY B 256 -38.75 4.61 20.00
C GLY B 256 -37.74 4.54 18.88
N GLU B 257 -37.61 5.60 18.07
CA GLU B 257 -36.69 5.60 16.94
C GLU B 257 -35.25 5.40 17.36
N THR B 258 -34.90 5.75 18.59
CA THR B 258 -33.52 5.65 19.06
C THR B 258 -33.33 4.62 20.16
N ALA B 259 -34.30 3.73 20.33
CA ALA B 259 -34.09 2.56 21.19
C ALA B 259 -32.82 1.85 20.76
N PRO B 260 -32.09 1.20 21.68
CA PRO B 260 -30.81 0.59 21.30
C PRO B 260 -30.93 -0.44 20.19
N GLU B 261 -32.01 -1.23 20.17
CA GLU B 261 -32.18 -2.21 19.11
C GLU B 261 -32.30 -1.55 17.74
N VAL B 262 -33.00 -0.42 17.68
CA VAL B 262 -33.11 0.31 16.41
C VAL B 262 -31.80 1.01 16.07
N MET B 263 -31.19 1.64 17.08
CA MET B 263 -29.93 2.35 16.85
C MET B 263 -28.87 1.43 16.27
N LEU B 264 -28.65 0.29 16.92
CA LEU B 264 -27.71 -0.69 16.37
C LEU B 264 -28.27 -1.46 15.19
N GLY B 265 -29.60 -1.47 15.01
CA GLY B 265 -30.20 -2.19 13.92
C GLY B 265 -29.93 -3.68 13.96
N ILE B 266 -30.15 -4.30 15.12
CA ILE B 266 -29.86 -5.73 15.32
C ILE B 266 -30.56 -6.64 14.34
N ASP B 267 -31.70 -6.22 13.79
CA ASP B 267 -32.46 -7.12 12.93
C ASP B 267 -32.08 -6.99 11.47
N GLY B 268 -30.99 -6.30 11.16
CA GLY B 268 -30.56 -6.08 9.80
C GLY B 268 -30.95 -4.74 9.21
N THR B 269 -31.37 -3.79 10.05
CA THR B 269 -31.92 -2.52 9.57
C THR B 269 -30.88 -1.41 9.62
N ARG B 270 -31.25 -0.29 9.04
CA ARG B 270 -30.38 0.88 8.92
C ARG B 270 -29.93 1.40 10.28
N PRO B 271 -28.62 1.52 10.54
CA PRO B 271 -28.16 2.05 11.82
C PRO B 271 -28.54 3.51 11.99
N GLY B 272 -28.87 3.88 13.23
CA GLY B 272 -29.32 5.24 13.51
C GLY B 272 -28.25 6.29 13.26
N TRP B 273 -26.99 5.90 13.25
CA TRP B 273 -25.91 6.84 12.99
C TRP B 273 -25.60 7.00 11.50
N GLU B 274 -26.26 6.24 10.63
CA GLU B 274 -25.81 6.21 9.25
C GLU B 274 -26.17 7.50 8.51
N ASP B 275 -27.37 8.04 8.74
CA ASP B 275 -27.72 9.31 8.13
C ASP B 275 -26.65 10.36 8.44
N ALA B 276 -26.32 10.53 9.72
CA ALA B 276 -25.35 11.54 10.11
C ALA B 276 -23.98 11.25 9.52
N GLU B 277 -23.52 10.00 9.60
CA GLU B 277 -22.21 9.66 9.07
C GLU B 277 -22.15 9.89 7.56
N GLU B 278 -23.16 9.42 6.83
CA GLU B 278 -23.23 9.64 5.39
C GLU B 278 -23.07 11.11 5.04
N GLU B 279 -23.79 11.98 5.74
CA GLU B 279 -23.78 13.40 5.41
C GLU B 279 -22.45 14.08 5.70
N LYS B 280 -21.50 13.36 6.33
CA LYS B 280 -20.15 13.90 6.48
C LYS B 280 -19.40 13.90 5.16
N ARG B 281 -19.71 12.94 4.24
CA ARG B 281 -19.12 12.86 2.91
C ARG B 281 -19.74 13.91 2.00
N PRO B 282 -18.96 14.54 1.12
CA PRO B 282 -19.55 15.36 0.06
C PRO B 282 -20.42 14.52 -0.85
N LEU B 283 -21.50 15.14 -1.34
CA LEU B 283 -22.47 14.39 -2.14
C LEU B 283 -21.84 13.82 -3.40
N HIS B 284 -20.95 14.59 -4.03
CA HIS B 284 -20.35 14.18 -5.30
C HIS B 284 -19.43 12.97 -5.16
N MET B 285 -19.21 12.43 -3.97
CA MET B 285 -18.37 11.27 -3.80
C MET B 285 -19.15 9.96 -3.72
N GLY B 286 -20.48 10.02 -3.67
CA GLY B 286 -21.29 8.82 -3.65
C GLY B 286 -21.24 8.10 -2.32
N ARG B 287 -22.09 7.08 -2.15
CA ARG B 287 -22.09 6.36 -0.87
C ARG B 287 -20.88 5.45 -0.75
N TYR B 288 -20.50 4.77 -1.85
CA TYR B 288 -19.39 3.83 -1.72
C TYR B 288 -18.05 4.53 -1.91
N PRO B 289 -17.01 4.10 -1.19
CA PRO B 289 -15.73 4.85 -1.21
C PRO B 289 -14.87 4.50 -2.42
N MET B 290 -15.33 4.90 -3.62
CA MET B 290 -14.54 4.68 -4.82
C MET B 290 -13.21 5.40 -4.77
N GLU B 291 -13.05 6.39 -3.89
CA GLU B 291 -11.81 7.12 -3.78
C GLU B 291 -10.67 6.25 -3.25
N THR B 292 -10.98 5.10 -2.67
CA THR B 292 -9.97 4.22 -2.12
C THR B 292 -9.50 3.17 -3.12
N ILE B 293 -10.14 3.08 -4.27
CA ILE B 293 -9.81 2.10 -5.30
C ILE B 293 -8.69 2.68 -6.15
N ARG B 294 -7.68 1.87 -6.45
CA ARG B 294 -6.51 2.39 -7.15
C ARG B 294 -6.88 2.73 -8.59
N ARG B 295 -6.44 3.90 -9.05
CA ARG B 295 -6.65 4.34 -10.42
C ARG B 295 -5.39 4.13 -11.22
N VAL B 296 -5.57 3.75 -12.48
CA VAL B 296 -4.49 3.46 -13.42
C VAL B 296 -4.76 4.29 -14.68
N ASP B 297 -3.74 4.45 -15.50
CA ASP B 297 -3.94 5.21 -16.72
C ASP B 297 -4.61 4.36 -17.80
N GLU B 298 -4.20 3.13 -17.92
CA GLU B 298 -4.82 2.20 -18.85
C GLU B 298 -5.56 1.11 -18.09
N PRO B 299 -6.64 0.58 -18.66
CA PRO B 299 -7.36 -0.50 -17.98
C PRO B 299 -6.46 -1.71 -17.71
N THR B 300 -6.92 -2.56 -16.80
CA THR B 300 -6.18 -3.76 -16.45
C THR B 300 -6.19 -4.79 -17.56
N THR B 301 -7.03 -4.61 -18.58
CA THR B 301 -7.06 -5.48 -19.75
C THR B 301 -6.76 -4.66 -21.00
N LEU B 302 -6.18 -5.33 -22.00
CA LEU B 302 -5.65 -4.64 -23.17
C LEU B 302 -6.76 -4.07 -24.03
N VAL B 303 -6.58 -2.83 -24.47
CA VAL B 303 -7.50 -2.13 -25.37
C VAL B 303 -6.66 -1.57 -26.51
N VAL B 304 -6.85 -2.11 -27.71
CA VAL B 304 -6.13 -1.64 -28.90
C VAL B 304 -7.09 -0.83 -29.76
N ARG B 305 -7.19 0.47 -29.48
CA ARG B 305 -8.20 1.29 -30.13
C ARG B 305 -8.12 1.23 -31.64
N GLN B 306 -6.91 1.25 -32.20
CA GLN B 306 -6.81 1.25 -33.66
C GLN B 306 -7.34 -0.03 -34.29
N GLU B 307 -7.60 -1.07 -33.50
CA GLU B 307 -8.08 -2.33 -34.02
C GLU B 307 -9.52 -2.64 -33.64
N ILE B 308 -10.22 -1.72 -32.99
CA ILE B 308 -11.61 -1.93 -32.60
C ILE B 308 -12.50 -1.45 -33.73
N GLN B 309 -13.28 -2.35 -34.31
CA GLN B 309 -14.28 -1.97 -35.29
C GLN B 309 -15.59 -1.59 -34.63
N ARG B 310 -16.31 -0.68 -35.28
CA ARG B 310 -17.63 -0.31 -34.81
C ARG B 310 -18.65 -1.31 -35.35
N VAL B 311 -19.65 -1.61 -34.53
CA VAL B 311 -20.59 -2.70 -34.76
C VAL B 311 -21.92 -2.11 -35.19
N ALA B 312 -22.57 -2.74 -36.17
CA ALA B 312 -23.94 -2.37 -36.47
C ALA B 312 -24.83 -2.64 -35.26
N LYS B 313 -25.69 -1.68 -34.94
CA LYS B 313 -26.66 -1.92 -33.86
C LYS B 313 -27.51 -3.15 -34.15
N ARG B 314 -27.67 -3.50 -35.42
CA ARG B 314 -28.30 -4.74 -35.83
C ARG B 314 -27.55 -5.99 -35.35
N GLY B 315 -26.34 -5.82 -34.81
CA GLY B 315 -25.53 -6.94 -34.36
C GLY B 315 -25.76 -7.28 -32.90
N ASP B 316 -26.31 -6.32 -32.16
CA ASP B 316 -27.00 -6.59 -30.89
C ASP B 316 -27.79 -7.89 -31.02
N PHE B 317 -27.45 -8.89 -30.21
CA PHE B 317 -28.06 -10.20 -30.39
C PHE B 317 -29.53 -10.22 -30.00
N PHE B 318 -30.03 -9.21 -29.26
CA PHE B 318 -31.47 -9.09 -29.14
C PHE B 318 -32.08 -8.68 -30.46
N LYS B 319 -31.46 -7.73 -31.16
CA LYS B 319 -31.93 -7.37 -32.50
C LYS B 319 -31.78 -8.54 -33.46
N ARG B 320 -30.71 -9.33 -33.31
CA ARG B 320 -30.57 -10.54 -34.12
C ARG B 320 -31.71 -11.51 -33.86
N ALA B 321 -32.07 -11.70 -32.59
CA ALA B 321 -33.22 -12.55 -32.26
C ALA B 321 -34.50 -11.99 -32.86
N GLU B 322 -34.75 -10.69 -32.67
CA GLU B 322 -35.93 -10.03 -33.23
C GLU B 322 -36.08 -10.29 -34.72
N ALA B 323 -34.95 -10.28 -35.45
CA ALA B 323 -34.99 -10.34 -36.91
C ALA B 323 -35.07 -11.75 -37.45
N GLY B 324 -34.86 -12.77 -36.61
CA GLY B 324 -34.88 -14.15 -37.06
C GLY B 324 -33.53 -14.81 -37.19
N ASP B 325 -32.45 -14.09 -36.85
CA ASP B 325 -31.10 -14.67 -36.97
C ASP B 325 -30.93 -15.90 -36.10
N LEU B 326 -31.70 -16.01 -35.02
CA LEU B 326 -31.53 -17.08 -34.04
C LEU B 326 -32.65 -18.11 -34.06
N GLY B 327 -33.51 -18.08 -35.07
CA GLY B 327 -34.54 -19.11 -35.20
C GLY B 327 -35.92 -18.59 -34.83
N GLU B 328 -36.88 -19.50 -34.96
CA GLU B 328 -38.29 -19.13 -34.86
C GLU B 328 -38.69 -18.80 -33.44
N LYS B 329 -38.41 -19.70 -32.48
CA LYS B 329 -38.89 -19.49 -31.12
C LYS B 329 -38.28 -18.24 -30.49
N ALA B 330 -37.00 -17.98 -30.76
CA ALA B 330 -36.38 -16.76 -30.26
C ALA B 330 -37.03 -15.53 -30.89
N LYS B 331 -37.35 -15.62 -32.17
CA LYS B 331 -38.02 -14.50 -32.85
C LYS B 331 -39.37 -14.18 -32.20
N GLN B 332 -40.18 -15.22 -31.94
CA GLN B 332 -41.51 -15.00 -31.38
C GLN B 332 -41.42 -14.38 -29.99
N GLU B 333 -40.49 -14.86 -29.17
CA GLU B 333 -40.44 -14.52 -27.75
C GLU B 333 -39.70 -13.22 -27.48
N LYS B 334 -39.10 -12.60 -28.50
CA LYS B 334 -38.25 -11.43 -28.27
C LYS B 334 -39.02 -10.31 -27.59
N LYS B 335 -40.30 -10.14 -27.93
CA LYS B 335 -41.07 -9.04 -27.35
C LYS B 335 -41.42 -9.30 -25.90
N ARG B 336 -41.76 -10.54 -25.56
CA ARG B 336 -42.41 -10.83 -24.29
C ARG B 336 -41.48 -11.37 -23.22
N PHE B 337 -40.29 -11.86 -23.58
CA PHE B 337 -39.46 -12.57 -22.60
C PHE B 337 -39.16 -11.78 -21.33
N PRO B 338 -38.95 -10.46 -21.34
CA PRO B 338 -38.77 -9.75 -20.07
C PRO B 338 -40.05 -9.21 -19.46
N MET B 339 -41.18 -9.39 -20.16
CA MET B 339 -42.45 -8.83 -19.74
C MET B 339 -43.47 -9.91 -19.40
N LYS B 340 -42.99 -11.08 -18.97
CA LYS B 340 -43.89 -12.15 -18.57
C LYS B 340 -44.51 -11.88 -17.20
N HIS B 341 -43.86 -11.07 -16.38
CA HIS B 341 -44.38 -10.88 -15.03
C HIS B 341 -45.12 -9.54 -14.92
N PRO B 342 -46.26 -9.52 -14.22
CA PRO B 342 -47.05 -8.28 -14.12
C PRO B 342 -46.28 -7.07 -13.60
N LEU B 343 -45.32 -7.26 -12.70
CA LEU B 343 -44.55 -6.14 -12.19
C LEU B 343 -43.74 -5.49 -13.30
N ALA B 344 -43.08 -6.30 -14.14
CA ALA B 344 -42.39 -5.77 -15.30
C ALA B 344 -43.36 -5.06 -16.24
N LEU B 345 -44.55 -5.62 -16.42
CA LEU B 345 -45.53 -5.01 -17.30
C LEU B 345 -46.00 -3.66 -16.79
N GLY B 346 -46.01 -3.46 -15.48
CA GLY B 346 -46.29 -2.14 -14.94
C GLY B 346 -45.19 -1.14 -15.26
N MET B 347 -43.94 -1.63 -15.39
CA MET B 347 -42.82 -0.74 -15.74
C MET B 347 -42.82 -0.39 -17.23
N GLN B 348 -43.35 -1.26 -18.09
CA GLN B 348 -43.20 -1.06 -19.53
C GLN B 348 -43.67 0.29 -20.06
N PRO B 349 -44.83 0.84 -19.65
CA PRO B 349 -45.25 2.13 -20.22
C PRO B 349 -44.28 3.25 -19.95
N LEU B 350 -43.66 3.26 -18.76
CA LEU B 350 -42.68 4.28 -18.44
C LEU B 350 -41.43 4.10 -19.27
N ILE B 351 -40.93 2.87 -19.35
CA ILE B 351 -39.73 2.58 -20.13
C ILE B 351 -39.88 3.06 -21.57
N GLN B 352 -41.00 2.70 -22.19
CA GLN B 352 -41.15 2.97 -23.63
C GLN B 352 -41.40 4.45 -23.91
N ASN B 353 -42.11 5.14 -23.03
CA ASN B 353 -42.46 6.53 -23.26
C ASN B 353 -41.41 7.51 -22.78
N MET B 354 -40.34 7.05 -22.13
CA MET B 354 -39.21 7.93 -21.86
C MET B 354 -38.30 8.06 -23.08
N VAL B 355 -38.49 7.17 -24.07
CA VAL B 355 -37.60 7.18 -25.25
C VAL B 355 -37.66 8.49 -26.02
N PRO B 356 -38.82 9.08 -26.29
CA PRO B 356 -38.83 10.35 -27.04
C PRO B 356 -38.14 11.49 -26.32
N LEU B 357 -37.85 11.35 -25.02
CA LEU B 357 -37.26 12.43 -24.24
C LEU B 357 -35.77 12.26 -24.01
N GLN B 358 -35.11 11.38 -24.79
CA GLN B 358 -33.73 11.06 -24.48
C GLN B 358 -32.77 12.16 -24.91
N GLY B 359 -33.04 12.82 -26.05
CA GLY B 359 -32.29 14.04 -26.27
C GLY B 359 -31.76 14.17 -27.68
N THR B 360 -30.76 15.03 -27.81
CA THR B 360 -30.36 15.61 -29.08
C THR B 360 -28.97 15.13 -29.48
N ARG B 361 -28.73 15.09 -30.78
CA ARG B 361 -27.42 14.75 -31.32
C ARG B 361 -26.69 15.95 -31.92
N GLU B 362 -27.42 16.99 -32.32
CA GLU B 362 -26.83 18.19 -32.89
C GLU B 362 -26.26 19.09 -31.79
N LYS B 363 -25.29 19.91 -32.17
CA LYS B 363 -24.65 20.82 -31.22
C LYS B 363 -25.64 21.88 -30.74
N LEU B 364 -25.42 22.36 -29.52
CA LEU B 364 -26.22 23.41 -28.94
C LEU B 364 -25.36 24.59 -28.55
N ALA B 365 -25.99 25.76 -28.50
CA ALA B 365 -25.31 26.98 -28.07
C ALA B 365 -25.44 27.13 -26.56
N PRO B 366 -24.33 27.30 -25.84
CA PRO B 366 -24.41 27.58 -24.41
C PRO B 366 -25.36 28.73 -24.14
N THR B 367 -26.22 28.56 -23.13
CA THR B 367 -27.31 29.48 -22.86
C THR B 367 -27.02 30.45 -21.72
N GLY B 368 -25.88 30.31 -21.05
CA GLY B 368 -25.56 31.12 -19.90
C GLY B 368 -26.18 30.65 -18.61
N LYS B 369 -27.07 29.67 -18.65
CA LYS B 369 -27.69 29.09 -17.46
C LYS B 369 -26.79 28.01 -16.88
N GLY B 370 -26.97 27.78 -15.57
CA GLY B 370 -26.21 26.77 -14.86
C GLY B 370 -25.05 27.30 -14.04
N GLY B 371 -24.89 28.61 -13.95
CA GLY B 371 -23.80 29.14 -13.15
C GLY B 371 -22.46 29.03 -13.87
N ASP B 372 -21.41 29.04 -13.07
CA ASP B 372 -20.04 28.98 -13.58
C ASP B 372 -19.77 27.58 -14.12
N LEU B 373 -19.59 27.47 -15.45
CA LEU B 373 -19.25 26.19 -16.08
C LEU B 373 -17.85 26.23 -16.67
N SER B 374 -16.97 27.08 -16.14
CA SER B 374 -15.62 27.21 -16.68
C SER B 374 -14.67 26.15 -16.14
N ASP B 375 -14.97 25.55 -14.98
CA ASP B 375 -14.08 24.57 -14.37
C ASP B 375 -14.59 23.17 -14.66
N PRO B 376 -13.94 22.41 -15.54
CA PRO B 376 -14.42 21.05 -15.81
C PRO B 376 -14.34 20.13 -14.60
N GLY B 377 -13.34 20.32 -13.74
CA GLY B 377 -13.29 19.52 -12.51
C GLY B 377 -14.51 19.75 -11.63
N ARG B 378 -14.99 20.99 -11.56
CA ARG B 378 -16.19 21.29 -10.81
C ARG B 378 -17.43 20.78 -11.53
N ASN B 379 -17.45 20.86 -12.87
CA ASN B 379 -18.57 20.33 -13.63
C ASN B 379 -18.73 18.84 -13.39
N ALA B 380 -17.61 18.10 -13.33
CA ALA B 380 -17.68 16.68 -13.03
C ALA B 380 -18.31 16.44 -11.66
N GLU B 381 -17.84 17.18 -10.65
CA GLU B 381 -18.40 17.05 -9.31
C GLU B 381 -19.89 17.35 -9.29
N ALA B 382 -20.32 18.32 -10.09
CA ALA B 382 -21.74 18.69 -10.12
C ALA B 382 -22.57 17.61 -10.81
N ILE B 383 -22.09 17.11 -11.94
CA ILE B 383 -22.77 16.01 -12.61
C ILE B 383 -22.85 14.79 -11.70
N LYS B 384 -21.78 14.54 -10.93
CA LYS B 384 -21.78 13.41 -10.00
C LYS B 384 -22.77 13.65 -8.87
N ALA B 385 -22.68 14.80 -8.20
CA ALA B 385 -23.65 15.15 -7.18
C ALA B 385 -25.07 15.11 -7.73
N LEU B 386 -25.26 15.59 -8.96
CA LEU B 386 -26.58 15.53 -9.59
C LEU B 386 -27.07 14.10 -9.72
N GLY B 387 -26.19 13.20 -10.17
CA GLY B 387 -26.59 11.80 -10.33
C GLY B 387 -26.96 11.15 -9.01
N TYR B 388 -26.15 11.36 -7.97
CA TYR B 388 -26.43 10.76 -6.67
C TYR B 388 -27.72 11.31 -6.07
N TYR B 389 -27.95 12.62 -6.22
CA TYR B 389 -29.19 13.25 -5.76
C TYR B 389 -30.41 12.64 -6.43
N LEU B 390 -30.30 12.29 -7.71
CA LEU B 390 -31.42 11.71 -8.43
C LEU B 390 -31.59 10.23 -8.20
N GLY B 391 -30.60 9.56 -7.59
CA GLY B 391 -30.79 8.19 -7.15
C GLY B 391 -29.79 7.17 -7.65
N ALA B 392 -28.77 7.63 -8.39
CA ALA B 392 -27.77 6.72 -8.90
C ALA B 392 -26.92 6.16 -7.76
N ASP B 393 -26.37 4.96 -7.98
CA ASP B 393 -25.49 4.35 -6.99
C ASP B 393 -24.02 4.62 -7.28
N PHE B 394 -23.66 4.79 -8.55
CA PHE B 394 -22.31 5.19 -8.96
C PHE B 394 -22.43 6.17 -10.11
N VAL B 395 -21.49 7.12 -10.17
CA VAL B 395 -21.36 8.01 -11.31
C VAL B 395 -19.90 8.09 -11.72
N GLY B 396 -19.65 7.89 -13.01
CA GLY B 396 -18.32 8.06 -13.55
C GLY B 396 -18.41 8.74 -14.91
N ILE B 397 -17.30 9.38 -15.30
CA ILE B 397 -17.26 10.16 -16.52
C ILE B 397 -16.04 9.76 -17.34
N CYS B 398 -16.21 9.69 -18.66
CA CYS B 398 -15.09 9.43 -19.55
C CYS B 398 -15.34 10.11 -20.89
N ARG B 399 -14.27 10.27 -21.65
CA ARG B 399 -14.36 10.65 -23.06
C ARG B 399 -15.24 9.66 -23.82
N ALA B 400 -16.18 10.18 -24.60
CA ALA B 400 -17.05 9.34 -25.43
C ALA B 400 -16.35 9.09 -26.77
N GLU B 401 -15.57 8.01 -26.82
CA GLU B 401 -14.74 7.75 -27.99
C GLU B 401 -15.58 7.18 -29.13
N PRO B 402 -15.20 7.46 -30.39
CA PRO B 402 -16.05 7.05 -31.52
C PRO B 402 -16.26 5.54 -31.61
N TRP B 403 -15.24 4.74 -31.27
CA TRP B 403 -15.43 3.29 -31.30
C TRP B 403 -16.42 2.80 -30.26
N MET B 404 -16.87 3.68 -29.35
CA MET B 404 -17.92 3.36 -28.39
C MET B 404 -19.32 3.45 -29.00
N TYR B 405 -19.47 4.14 -30.12
CA TYR B 405 -20.76 4.27 -30.78
C TYR B 405 -20.98 3.10 -31.75
N TYR B 406 -22.23 2.69 -31.90
CA TYR B 406 -22.55 1.73 -32.94
C TYR B 406 -22.25 2.35 -34.30
N ALA B 407 -22.02 1.48 -35.28
CA ALA B 407 -21.74 1.97 -36.63
C ALA B 407 -23.00 2.51 -37.30
N SER B 408 -24.10 1.76 -37.22
CA SER B 408 -25.35 2.11 -37.86
C SER B 408 -26.50 1.82 -36.89
N ASP B 409 -27.67 2.38 -37.19
CA ASP B 409 -28.88 2.02 -36.46
C ASP B 409 -29.48 0.77 -37.10
N GLU B 410 -30.37 0.11 -36.36
CA GLU B 410 -30.90 -1.16 -36.82
C GLU B 410 -32.21 -1.01 -37.58
N VAL B 411 -32.81 0.17 -37.58
CA VAL B 411 -34.11 0.33 -38.20
C VAL B 411 -33.99 0.79 -39.64
N GLU B 412 -33.25 1.89 -39.86
CA GLU B 412 -33.02 2.43 -41.19
C GLU B 412 -31.67 2.03 -41.77
N GLY B 413 -30.74 1.59 -40.92
CA GLY B 413 -29.39 1.28 -41.37
C GLY B 413 -28.53 2.48 -41.64
N LYS B 414 -28.94 3.67 -41.18
CA LYS B 414 -28.15 4.86 -41.45
C LYS B 414 -26.99 4.97 -40.45
N PRO B 415 -25.90 5.61 -40.85
CA PRO B 415 -24.75 5.73 -39.95
C PRO B 415 -25.15 6.42 -38.66
N ILE B 416 -24.45 6.06 -37.59
CA ILE B 416 -24.51 6.80 -36.32
C ILE B 416 -23.23 7.60 -36.22
N GLU B 417 -23.35 8.87 -35.87
CA GLU B 417 -22.20 9.74 -35.71
C GLU B 417 -21.76 9.77 -34.26
N ALA B 418 -20.47 10.00 -34.04
CA ALA B 418 -19.93 10.18 -32.69
C ALA B 418 -20.15 11.63 -32.28
N TYR B 419 -21.39 11.94 -31.94
CA TYR B 419 -21.84 13.32 -31.88
C TYR B 419 -21.59 14.02 -30.55
N HIS B 420 -21.15 13.31 -29.51
CA HIS B 420 -20.90 13.93 -28.21
C HIS B 420 -19.51 13.58 -27.73
N ASP B 421 -18.93 14.48 -26.93
CA ASP B 421 -17.55 14.32 -26.47
C ASP B 421 -17.41 13.46 -25.23
N TYR B 422 -18.38 13.47 -24.33
CA TYR B 422 -18.23 12.82 -23.04
C TYR B 422 -19.35 11.83 -22.80
N ALA B 423 -19.06 10.83 -21.98
CA ALA B 423 -20.04 9.85 -21.53
C ALA B 423 -20.14 9.92 -20.02
N VAL B 424 -21.32 10.26 -19.51
CA VAL B 424 -21.60 10.16 -18.09
C VAL B 424 -22.23 8.79 -17.84
N VAL B 425 -21.53 7.96 -17.06
CA VAL B 425 -21.88 6.56 -16.85
C VAL B 425 -22.34 6.37 -15.42
N MET B 426 -23.51 5.77 -15.24
CA MET B 426 -24.08 5.58 -13.92
C MET B 426 -24.55 4.13 -13.75
N LEU B 427 -24.25 3.58 -12.59
CA LEU B 427 -24.66 2.23 -12.24
C LEU B 427 -25.84 2.29 -11.28
N ILE B 428 -26.86 1.50 -11.58
CA ILE B 428 -27.99 1.29 -10.67
C ILE B 428 -27.85 -0.10 -10.10
N ASP B 429 -27.74 -0.21 -8.78
CA ASP B 429 -27.67 -1.50 -8.13
C ASP B 429 -28.93 -2.30 -8.48
N GLN B 430 -28.75 -3.57 -8.82
CA GLN B 430 -29.90 -4.33 -9.29
C GLN B 430 -30.64 -5.02 -8.15
N GLY B 431 -30.01 -5.11 -6.98
CA GLY B 431 -30.70 -5.51 -5.76
C GLY B 431 -30.19 -6.78 -5.11
N TYR B 432 -29.46 -6.65 -4.00
CA TYR B 432 -28.89 -7.84 -3.37
C TYR B 432 -29.98 -8.72 -2.76
N GLU B 433 -30.87 -8.13 -1.95
CA GLU B 433 -31.78 -8.95 -1.15
C GLU B 433 -32.76 -9.73 -2.01
N THR B 434 -33.34 -9.07 -3.02
CA THR B 434 -34.24 -9.77 -3.93
C THR B 434 -33.53 -10.89 -4.66
N MET B 435 -32.36 -10.59 -5.23
CA MET B 435 -31.59 -11.62 -5.94
C MET B 435 -31.17 -12.75 -5.03
N GLU B 436 -31.05 -12.50 -3.73
CA GLU B 436 -30.59 -13.52 -2.80
C GLU B 436 -31.68 -14.54 -2.52
N GLY B 437 -32.94 -14.17 -2.71
CA GLY B 437 -34.02 -15.13 -2.66
C GLY B 437 -34.42 -15.72 -3.99
N ALA B 438 -33.90 -15.19 -5.09
CA ALA B 438 -34.27 -15.63 -6.42
C ALA B 438 -33.35 -16.74 -6.90
N SER B 439 -33.73 -17.36 -8.02
CA SER B 439 -32.86 -18.31 -8.71
C SER B 439 -31.94 -17.62 -9.70
N GLY B 440 -32.22 -16.38 -10.06
CA GLY B 440 -31.56 -15.70 -11.14
C GLY B 440 -32.27 -15.86 -12.46
N ASP B 441 -32.98 -16.98 -12.65
CA ASP B 441 -33.68 -17.27 -13.89
C ASP B 441 -35.15 -17.61 -13.62
N ASP B 442 -35.71 -17.12 -12.53
CA ASP B 442 -37.10 -17.34 -12.21
C ASP B 442 -37.93 -16.13 -12.65
N TRP B 443 -39.09 -15.92 -12.01
CA TRP B 443 -40.09 -14.98 -12.53
C TRP B 443 -39.81 -13.53 -12.16
N ILE B 444 -38.83 -13.27 -11.30
CA ILE B 444 -38.50 -11.90 -10.94
C ILE B 444 -37.24 -11.39 -11.64
N SER B 445 -36.54 -12.25 -12.39
CA SER B 445 -35.27 -11.88 -12.98
C SER B 445 -35.39 -10.64 -13.87
N ALA B 446 -36.28 -10.70 -14.86
CA ALA B 446 -36.43 -9.59 -15.78
C ALA B 446 -36.94 -8.34 -15.08
N SER B 447 -37.68 -8.48 -13.98
CA SER B 447 -38.11 -7.31 -13.23
C SER B 447 -36.94 -6.63 -12.54
N GLN B 448 -35.95 -7.42 -12.09
CA GLN B 448 -34.77 -6.82 -11.50
C GLN B 448 -33.99 -6.01 -12.51
N SER B 449 -33.90 -6.52 -13.76
CA SER B 449 -33.28 -5.74 -14.82
C SER B 449 -34.12 -4.52 -15.18
N MET B 450 -35.42 -4.72 -15.42
CA MET B 450 -36.28 -3.64 -15.90
C MET B 450 -36.37 -2.52 -14.87
N ARG B 451 -36.37 -2.88 -13.59
CA ARG B 451 -36.38 -1.88 -12.52
C ARG B 451 -35.17 -0.97 -12.62
N ALA B 452 -33.98 -1.54 -12.79
CA ALA B 452 -32.76 -0.74 -12.90
C ALA B 452 -32.71 0.00 -14.24
N TYR B 453 -33.18 -0.65 -15.30
CA TYR B 453 -33.31 -0.01 -16.61
C TYR B 453 -34.20 1.23 -16.53
N MET B 454 -35.38 1.09 -15.94
CA MET B 454 -36.33 2.19 -15.89
C MET B 454 -35.83 3.30 -14.98
N ARG B 455 -35.24 2.94 -13.85
CA ARG B 455 -34.76 3.96 -12.92
C ARG B 455 -33.57 4.73 -13.50
N GLY B 456 -32.63 4.01 -14.10
CA GLY B 456 -31.51 4.68 -14.72
C GLY B 456 -31.95 5.57 -15.87
N ALA B 457 -32.94 5.10 -16.65
CA ALA B 457 -33.39 5.87 -17.79
C ALA B 457 -33.99 7.20 -17.38
N GLU B 458 -34.73 7.24 -16.26
CA GLU B 458 -35.32 8.53 -15.87
C GLU B 458 -34.25 9.45 -15.30
N ILE B 459 -33.29 8.89 -14.55
CA ILE B 459 -32.24 9.72 -13.99
C ILE B 459 -31.42 10.36 -15.11
N ALA B 460 -31.03 9.56 -16.10
CA ALA B 460 -30.23 10.09 -17.20
C ALA B 460 -31.05 11.02 -18.09
N GLY B 461 -32.33 10.74 -18.27
CA GLY B 461 -33.17 11.65 -19.05
C GLY B 461 -33.26 13.01 -18.40
N VAL B 462 -33.33 13.06 -17.06
CA VAL B 462 -33.39 14.33 -16.36
C VAL B 462 -32.05 15.07 -16.48
N MET B 463 -30.95 14.36 -16.23
CA MET B 463 -29.64 15.00 -16.28
C MET B 463 -29.32 15.48 -17.70
N ALA B 464 -29.59 14.63 -18.70
CA ALA B 464 -29.35 15.05 -20.08
C ALA B 464 -30.15 16.29 -20.43
N ALA B 465 -31.41 16.34 -19.98
CA ALA B 465 -32.24 17.51 -20.22
C ALA B 465 -31.67 18.75 -19.55
N HIS B 466 -31.13 18.60 -18.35
CA HIS B 466 -30.53 19.76 -17.69
C HIS B 466 -29.28 20.22 -18.43
N CYS B 467 -28.49 19.28 -18.95
CA CYS B 467 -27.36 19.68 -19.78
C CYS B 467 -27.83 20.47 -20.99
N ARG B 468 -28.95 20.05 -21.60
CA ARG B 468 -29.49 20.78 -22.74
C ARG B 468 -29.99 22.17 -22.33
N ARG B 469 -30.58 22.28 -21.14
CA ARG B 469 -30.99 23.59 -20.64
C ARG B 469 -29.80 24.54 -20.53
N MET B 470 -28.65 24.02 -20.13
CA MET B 470 -27.43 24.80 -20.08
C MET B 470 -26.80 25.00 -21.44
N GLY B 471 -27.48 24.59 -22.52
CA GLY B 471 -26.95 24.78 -23.85
C GLY B 471 -25.84 23.82 -24.24
N TYR B 472 -25.86 22.61 -23.71
CA TYR B 472 -24.89 21.59 -24.07
C TYR B 472 -25.64 20.35 -24.51
N SER B 473 -25.46 19.97 -25.79
CA SER B 473 -26.14 18.81 -26.33
C SER B 473 -25.94 17.61 -25.43
N ALA B 474 -27.01 16.87 -25.19
CA ALA B 474 -26.94 15.70 -24.34
C ALA B 474 -28.06 14.74 -24.73
N ARG B 475 -27.74 13.45 -24.74
CA ARG B 475 -28.71 12.42 -25.05
C ARG B 475 -28.41 11.19 -24.21
N SER B 476 -29.47 10.62 -23.62
CA SER B 476 -29.35 9.43 -22.80
C SER B 476 -29.44 8.17 -23.66
N HIS B 477 -28.99 7.05 -23.10
CA HIS B 477 -28.88 5.79 -23.85
C HIS B 477 -29.43 4.67 -22.99
N SER B 478 -30.68 4.28 -23.26
CA SER B 478 -31.43 3.37 -22.41
C SER B 478 -31.38 1.94 -22.96
N ASN B 479 -32.01 1.02 -22.23
CA ASN B 479 -32.20 -0.34 -22.70
C ASN B 479 -33.07 -0.38 -23.95
N ALA B 480 -34.01 0.58 -24.06
CA ALA B 480 -34.91 0.66 -25.21
C ALA B 480 -34.26 1.36 -26.39
N HIS B 481 -33.28 2.22 -26.14
CA HIS B 481 -32.61 2.94 -27.22
C HIS B 481 -31.24 3.44 -26.72
N SER B 482 -30.19 2.72 -27.12
CA SER B 482 -28.82 3.18 -26.95
C SER B 482 -28.18 3.34 -28.31
N GLU B 483 -27.31 4.34 -28.45
CA GLU B 483 -26.46 4.43 -29.63
C GLU B 483 -24.99 4.31 -29.27
N VAL B 484 -24.66 4.12 -27.99
CA VAL B 484 -23.32 3.72 -27.57
C VAL B 484 -23.42 2.34 -26.93
N ILE B 485 -22.28 1.67 -26.85
CA ILE B 485 -22.15 0.43 -26.11
C ILE B 485 -21.64 0.80 -24.71
N HIS B 486 -22.36 0.36 -23.68
CA HIS B 486 -22.07 0.84 -22.34
C HIS B 486 -20.73 0.34 -21.83
N ASN B 487 -20.39 -0.92 -22.13
CA ASN B 487 -19.27 -1.60 -21.48
C ASN B 487 -17.96 -0.83 -21.56
N PRO B 488 -17.47 -0.46 -22.75
CA PRO B 488 -16.19 0.29 -22.79
C PRO B 488 -16.25 1.57 -21.99
N ALA B 489 -17.43 2.18 -21.88
CA ALA B 489 -17.58 3.38 -21.07
C ALA B 489 -17.60 3.06 -19.58
N ILE B 490 -18.17 1.91 -19.19
CA ILE B 490 -18.05 1.50 -17.79
C ILE B 490 -16.59 1.29 -17.44
N LEU B 491 -15.84 0.68 -18.36
CA LEU B 491 -14.41 0.46 -18.13
C LEU B 491 -13.65 1.78 -18.08
N MET B 492 -13.81 2.62 -19.11
CA MET B 492 -13.03 3.85 -19.17
C MET B 492 -13.41 4.84 -18.09
N ALA B 493 -14.67 4.83 -17.63
CA ALA B 493 -15.08 5.67 -16.51
C ALA B 493 -14.63 5.12 -15.17
N GLY B 494 -13.93 3.99 -15.16
CA GLY B 494 -13.42 3.44 -13.91
C GLY B 494 -14.48 3.00 -12.93
N LEU B 495 -15.59 2.45 -13.43
CA LEU B 495 -16.62 1.88 -12.57
C LEU B 495 -16.59 0.35 -12.50
N GLY B 496 -15.77 -0.31 -13.32
CA GLY B 496 -15.63 -1.74 -13.18
C GLY B 496 -14.41 -2.26 -13.91
N GLU B 497 -14.13 -3.55 -13.71
CA GLU B 497 -13.10 -4.28 -14.43
C GLU B 497 -13.74 -5.36 -15.29
N VAL B 498 -13.00 -5.80 -16.31
CA VAL B 498 -13.42 -6.95 -17.10
C VAL B 498 -13.54 -8.15 -16.19
N SER B 499 -14.63 -8.90 -16.33
CA SER B 499 -14.91 -10.06 -15.48
C SER B 499 -15.14 -11.30 -16.34
N ARG B 500 -15.07 -12.47 -15.69
CA ARG B 500 -15.25 -13.73 -16.42
C ARG B 500 -16.66 -13.85 -16.99
N ILE B 501 -17.64 -13.21 -16.35
CA ILE B 501 -19.00 -13.22 -16.87
C ILE B 501 -19.00 -12.79 -18.34
N GLY B 502 -18.13 -11.86 -18.69
CA GLY B 502 -17.84 -11.58 -20.08
C GLY B 502 -18.38 -10.25 -20.60
N ASP B 503 -19.69 -10.17 -20.74
CA ASP B 503 -20.34 -8.97 -21.24
C ASP B 503 -20.88 -8.10 -20.13
N THR B 504 -20.53 -8.39 -18.88
CA THR B 504 -20.80 -7.51 -17.76
C THR B 504 -19.48 -7.19 -17.07
N LEU B 505 -19.32 -5.95 -16.64
CA LEU B 505 -18.15 -5.58 -15.87
C LEU B 505 -18.48 -5.63 -14.39
N LEU B 506 -17.45 -5.75 -13.58
CA LEU B 506 -17.60 -6.05 -12.16
C LEU B 506 -17.05 -4.90 -11.33
N ASN B 507 -17.88 -4.41 -10.41
CA ASN B 507 -17.59 -3.29 -9.53
C ASN B 507 -17.16 -3.79 -8.17
N PRO B 508 -16.16 -3.15 -7.53
CA PRO B 508 -15.60 -3.72 -6.29
C PRO B 508 -16.55 -3.69 -5.11
N PHE B 509 -17.63 -2.92 -5.17
CA PHE B 509 -18.53 -2.78 -4.02
C PHE B 509 -19.89 -3.43 -4.24
N ILE B 510 -20.44 -3.35 -5.44
CA ILE B 510 -21.71 -4.00 -5.75
C ILE B 510 -21.52 -5.18 -6.70
N GLY B 511 -20.29 -5.69 -6.82
CA GLY B 511 -20.01 -6.83 -7.65
C GLY B 511 -20.51 -6.62 -9.06
N PRO B 512 -21.03 -7.69 -9.67
CA PRO B 512 -21.64 -7.58 -11.01
C PRO B 512 -23.11 -7.18 -10.99
N ARG B 513 -23.61 -6.67 -9.87
CA ARG B 513 -25.05 -6.58 -9.62
C ARG B 513 -25.59 -5.21 -10.04
N SER B 514 -25.44 -4.90 -11.33
CA SER B 514 -25.80 -3.57 -11.80
C SER B 514 -26.32 -3.60 -13.23
N GLN B 515 -27.30 -2.73 -13.50
CA GLN B 515 -27.52 -2.20 -14.84
C GLN B 515 -26.90 -0.81 -14.90
N SER B 516 -26.31 -0.50 -16.04
CA SER B 516 -25.75 0.83 -16.27
C SER B 516 -26.69 1.66 -17.15
N ILE B 517 -26.64 2.96 -16.92
CA ILE B 517 -27.25 3.94 -17.82
C ILE B 517 -26.16 4.91 -18.22
N VAL B 518 -26.16 5.31 -19.49
CA VAL B 518 -25.21 6.27 -20.03
C VAL B 518 -26.00 7.42 -20.61
N PHE B 519 -25.51 8.63 -20.45
CA PHE B 519 -25.89 9.71 -21.35
C PHE B 519 -24.62 10.41 -21.79
N THR B 520 -24.58 10.76 -23.07
CA THR B 520 -23.44 11.46 -23.64
C THR B 520 -23.77 12.95 -23.73
N THR B 521 -22.72 13.77 -23.62
CA THR B 521 -22.93 15.22 -23.62
C THR B 521 -21.63 15.90 -24.05
N ASP B 522 -21.78 17.16 -24.47
CA ASP B 522 -20.64 18.01 -24.78
C ASP B 522 -20.18 18.84 -23.59
N LEU B 523 -20.94 18.86 -22.50
CA LEU B 523 -20.57 19.58 -21.30
C LEU B 523 -19.15 19.21 -20.88
N PRO B 524 -18.24 20.18 -20.78
CA PRO B 524 -16.84 19.86 -20.42
C PRO B 524 -16.74 19.39 -18.98
N MET B 525 -16.13 18.22 -18.80
CA MET B 525 -15.99 17.56 -17.51
C MET B 525 -14.65 16.86 -17.43
N SER B 526 -13.99 16.96 -16.29
CA SER B 526 -12.81 16.14 -16.03
C SER B 526 -13.21 14.68 -16.00
N VAL B 527 -12.47 13.86 -16.71
CA VAL B 527 -12.81 12.45 -16.80
C VAL B 527 -12.16 11.69 -15.65
N ASP B 528 -12.77 10.57 -15.28
CA ASP B 528 -12.17 9.64 -14.34
C ASP B 528 -11.20 8.72 -15.07
N ARG B 529 -10.46 7.94 -14.29
CA ARG B 529 -9.49 6.99 -14.82
C ARG B 529 -9.92 5.57 -14.53
N PRO B 530 -9.51 4.60 -15.34
CA PRO B 530 -9.80 3.19 -15.03
C PRO B 530 -9.32 2.81 -13.64
N ILE B 531 -9.85 1.70 -13.13
CA ILE B 531 -9.54 1.23 -11.78
C ILE B 531 -8.89 -0.14 -11.86
N ASP B 532 -8.12 -0.45 -10.81
CA ASP B 532 -7.49 -1.75 -10.64
C ASP B 532 -7.72 -2.19 -9.19
N PHE B 533 -8.52 -3.23 -9.01
CA PHE B 533 -8.73 -3.79 -7.68
C PHE B 533 -8.47 -5.30 -7.66
N GLY B 534 -7.58 -5.75 -8.53
CA GLY B 534 -7.12 -7.12 -8.50
C GLY B 534 -8.03 -8.13 -9.16
N LEU B 535 -9.03 -7.70 -9.92
CA LEU B 535 -10.05 -8.61 -10.39
C LEU B 535 -9.50 -9.62 -11.39
N GLN B 536 -8.57 -9.20 -12.25
CA GLN B 536 -8.02 -10.13 -13.24
C GLN B 536 -7.42 -11.35 -12.55
N ASP B 537 -6.65 -11.12 -11.48
CA ASP B 537 -6.09 -12.24 -10.75
C ASP B 537 -7.18 -13.05 -10.06
N PHE B 538 -8.20 -12.37 -9.54
CA PHE B 538 -9.29 -13.04 -8.84
C PHE B 538 -10.07 -13.95 -9.78
N CYS B 539 -10.60 -13.38 -10.87
CA CYS B 539 -11.35 -14.17 -11.85
C CYS B 539 -10.52 -15.28 -12.45
N ASN B 540 -9.20 -15.11 -12.47
CA ASN B 540 -8.33 -16.12 -13.02
C ASN B 540 -8.32 -17.36 -12.14
N GLN B 541 -8.69 -17.22 -10.87
CA GLN B 541 -8.70 -18.28 -9.87
C GLN B 541 -10.11 -18.75 -9.50
N CYS B 542 -11.14 -18.27 -10.22
CA CYS B 542 -12.54 -18.51 -9.87
C CYS B 542 -13.31 -18.97 -11.10
N ARG B 543 -14.26 -19.88 -10.89
CA ARG B 543 -15.09 -20.29 -11.97
C ARG B 543 -16.56 -20.34 -11.61
N LYS B 544 -16.99 -19.67 -10.54
CA LYS B 544 -18.29 -19.93 -9.96
C LYS B 544 -19.38 -19.60 -10.96
N CYS B 545 -19.34 -18.40 -11.54
CA CYS B 545 -20.37 -17.97 -12.48
C CYS B 545 -20.42 -18.89 -13.70
N ALA B 546 -19.25 -19.32 -14.20
CA ALA B 546 -19.22 -20.29 -15.28
C ALA B 546 -19.88 -21.59 -14.87
N ARG B 547 -19.62 -22.03 -13.64
CA ARG B 547 -20.18 -23.28 -13.15
C ARG B 547 -21.70 -23.23 -13.03
N GLU B 548 -22.25 -22.06 -12.73
CA GLU B 548 -23.67 -21.92 -12.42
C GLU B 548 -24.50 -21.41 -13.59
N CYS B 549 -23.88 -21.07 -14.71
CA CYS B 549 -24.65 -20.65 -15.87
C CYS B 549 -25.51 -21.79 -16.38
N PRO B 550 -26.83 -21.61 -16.52
CA PRO B 550 -27.70 -22.72 -16.94
C PRO B 550 -27.40 -23.26 -18.33
N CYS B 551 -26.81 -22.47 -19.23
CA CYS B 551 -26.57 -22.95 -20.59
C CYS B 551 -25.08 -23.03 -20.93
N ASN B 552 -24.19 -22.96 -19.93
CA ASN B 552 -22.77 -23.18 -20.15
C ASN B 552 -22.27 -22.16 -21.17
N ALA B 553 -22.59 -20.88 -20.92
CA ALA B 553 -22.22 -19.84 -21.86
C ALA B 553 -20.99 -19.05 -21.42
N ILE B 554 -20.59 -19.16 -20.16
CA ILE B 554 -19.47 -18.39 -19.64
C ILE B 554 -18.20 -19.21 -19.81
N SER B 555 -17.12 -18.53 -20.19
CA SER B 555 -15.87 -19.24 -20.48
C SER B 555 -15.19 -19.69 -19.21
N PHE B 556 -14.80 -20.97 -19.18
CA PHE B 556 -13.93 -21.53 -18.14
C PHE B 556 -12.46 -21.30 -18.45
N GLY B 557 -12.13 -20.90 -19.68
CA GLY B 557 -10.76 -20.75 -20.10
C GLY B 557 -10.21 -19.36 -19.85
N ASP B 558 -9.16 -19.03 -20.58
CA ASP B 558 -8.47 -17.77 -20.38
C ASP B 558 -9.10 -16.68 -21.25
N LYS B 559 -8.63 -15.44 -21.03
CA LYS B 559 -9.08 -14.33 -21.84
C LYS B 559 -8.60 -14.48 -23.28
N VAL B 560 -9.34 -13.86 -24.20
CA VAL B 560 -9.01 -13.87 -25.61
C VAL B 560 -9.04 -12.42 -26.11
N MET B 561 -8.47 -12.22 -27.30
CA MET B 561 -8.61 -10.95 -28.00
C MET B 561 -9.87 -11.00 -28.85
N PHE B 562 -10.62 -9.91 -28.84
CA PHE B 562 -11.93 -9.88 -29.49
C PHE B 562 -12.18 -8.47 -29.97
N ASN B 563 -12.26 -8.29 -31.29
CA ASN B 563 -12.45 -7.00 -31.92
C ASN B 563 -11.54 -5.93 -31.32
N GLY B 564 -10.28 -6.28 -31.05
CA GLY B 564 -9.30 -5.29 -30.67
C GLY B 564 -9.09 -5.09 -29.19
N TYR B 565 -9.62 -5.97 -28.34
CA TYR B 565 -9.46 -5.82 -26.90
C TYR B 565 -9.57 -7.20 -26.25
N GLU B 566 -8.95 -7.36 -25.08
CA GLU B 566 -8.96 -8.66 -24.42
C GLU B 566 -10.14 -8.75 -23.47
N ILE B 567 -10.72 -9.94 -23.42
CA ILE B 567 -12.02 -10.15 -22.81
C ILE B 567 -12.12 -11.63 -22.46
N TRP B 568 -12.92 -11.95 -21.47
CA TRP B 568 -13.47 -13.29 -21.37
C TRP B 568 -14.71 -13.28 -22.25
N LYS B 569 -14.70 -14.02 -23.35
CA LYS B 569 -15.84 -13.99 -24.26
C LYS B 569 -16.82 -15.09 -23.91
N ALA B 570 -17.99 -14.70 -23.41
CA ALA B 570 -19.09 -15.62 -23.24
C ALA B 570 -19.73 -15.93 -24.59
N ASP B 571 -20.43 -17.06 -24.64
CA ASP B 571 -21.15 -17.46 -25.85
C ASP B 571 -22.48 -16.72 -25.85
N VAL B 572 -22.51 -15.56 -26.53
CA VAL B 572 -23.72 -14.74 -26.50
C VAL B 572 -24.86 -15.40 -27.28
N GLU B 573 -24.59 -16.36 -28.16
CA GLU B 573 -25.70 -17.03 -28.82
C GLU B 573 -26.45 -17.90 -27.84
N LYS B 574 -25.73 -18.73 -27.09
CA LYS B 574 -26.38 -19.60 -26.11
C LYS B 574 -27.09 -18.79 -25.03
N CYS B 575 -26.45 -17.72 -24.54
CA CYS B 575 -27.08 -16.90 -23.51
C CYS B 575 -28.31 -16.19 -24.03
N THR B 576 -28.26 -15.62 -25.23
CA THR B 576 -29.43 -14.96 -25.80
C THR B 576 -30.59 -15.94 -25.93
N LYS B 577 -30.31 -17.15 -26.43
CA LYS B 577 -31.36 -18.14 -26.56
C LYS B 577 -31.95 -18.52 -25.21
N TYR B 578 -31.11 -18.62 -24.17
CA TYR B 578 -31.64 -18.96 -22.86
C TYR B 578 -32.51 -17.84 -22.29
N ARG B 579 -32.00 -16.62 -22.26
CA ARG B 579 -32.78 -15.50 -21.72
C ARG B 579 -34.08 -15.29 -22.48
N VAL B 580 -34.04 -15.45 -23.81
CA VAL B 580 -35.22 -15.15 -24.61
C VAL B 580 -36.25 -16.28 -24.51
N THR B 581 -35.80 -17.54 -24.47
CA THR B 581 -36.70 -18.65 -24.71
C THR B 581 -36.92 -19.58 -23.53
N GLN B 582 -36.18 -19.48 -22.45
CA GLN B 582 -36.41 -20.41 -21.36
C GLN B 582 -37.78 -20.13 -20.73
N MET B 583 -38.49 -21.20 -20.37
CA MET B 583 -39.91 -21.10 -20.04
C MET B 583 -40.20 -21.16 -18.54
N LYS B 584 -39.20 -21.47 -17.71
CA LYS B 584 -39.40 -21.55 -16.26
C LYS B 584 -38.97 -20.27 -15.54
N GLY B 585 -39.12 -19.13 -16.20
CA GLY B 585 -38.81 -17.84 -15.61
C GLY B 585 -38.90 -16.77 -16.68
N SER B 586 -38.56 -15.55 -16.28
CA SER B 586 -38.53 -14.41 -17.19
C SER B 586 -37.09 -13.93 -17.30
N ALA B 587 -36.45 -14.23 -18.43
CA ALA B 587 -35.06 -13.86 -18.72
C ALA B 587 -34.16 -14.59 -17.72
N CYS B 588 -32.98 -14.05 -17.44
CA CYS B 588 -31.99 -14.68 -16.59
C CYS B 588 -30.92 -13.68 -16.22
N GLY B 589 -30.37 -13.82 -15.01
CA GLY B 589 -29.25 -13.02 -14.55
C GLY B 589 -28.51 -13.76 -13.46
N ARG B 590 -28.50 -15.09 -13.57
CA ARG B 590 -28.02 -15.94 -12.48
C ARG B 590 -26.54 -15.73 -12.23
N CYS B 591 -25.79 -15.43 -13.29
CA CYS B 591 -24.37 -15.14 -13.19
C CYS B 591 -24.05 -13.93 -12.30
N MET B 592 -24.96 -12.96 -12.21
CA MET B 592 -24.79 -11.91 -11.20
C MET B 592 -25.02 -12.43 -9.79
N LYS B 593 -25.96 -13.36 -9.63
CA LYS B 593 -26.26 -13.87 -8.29
C LYS B 593 -25.10 -14.66 -7.72
N MET B 594 -24.47 -15.50 -8.53
CA MET B 594 -23.55 -16.51 -8.02
C MET B 594 -22.14 -15.99 -7.77
N CYS B 595 -21.84 -14.77 -8.19
CA CYS B 595 -20.48 -14.26 -8.05
C CYS B 595 -20.15 -14.00 -6.59
N PRO B 596 -18.92 -14.32 -6.15
CA PRO B 596 -18.54 -14.02 -4.75
C PRO B 596 -18.58 -12.54 -4.42
N TRP B 597 -18.38 -11.67 -5.41
CA TRP B 597 -18.45 -10.24 -5.14
C TRP B 597 -19.87 -9.76 -4.89
N ASN B 598 -20.88 -10.60 -5.16
CA ASN B 598 -22.27 -10.29 -4.84
C ASN B 598 -22.46 -10.51 -3.34
N ARG B 599 -22.36 -9.44 -2.57
CA ARG B 599 -22.33 -9.53 -1.11
C ARG B 599 -23.28 -8.54 -0.48
N GLU B 600 -23.66 -8.85 0.76
CA GLU B 600 -24.48 -7.96 1.55
C GLU B 600 -23.67 -6.74 2.03
N ASP B 601 -24.36 -5.62 2.18
CA ASP B 601 -23.72 -4.37 2.60
C ASP B 601 -23.51 -4.33 4.12
N THR B 602 -22.77 -5.31 4.61
CA THR B 602 -22.43 -5.40 6.03
C THR B 602 -20.93 -5.11 6.24
N VAL B 603 -20.57 -4.95 7.51
CA VAL B 603 -19.15 -4.92 7.91
C VAL B 603 -18.41 -6.13 7.36
N GLU B 604 -18.92 -7.33 7.64
CA GLU B 604 -18.24 -8.53 7.15
C GLU B 604 -18.18 -8.54 5.63
N GLY B 605 -19.29 -8.19 4.97
CA GLY B 605 -19.33 -8.24 3.52
C GLY B 605 -18.33 -7.31 2.88
N ARG B 606 -18.22 -6.08 3.41
CA ARG B 606 -17.24 -5.14 2.90
C ARG B 606 -15.82 -5.60 3.18
N ARG B 607 -15.60 -6.22 4.35
CA ARG B 607 -14.25 -6.67 4.71
C ARG B 607 -13.76 -7.75 3.75
N LEU B 608 -14.65 -8.66 3.33
CA LEU B 608 -14.24 -9.69 2.39
C LEU B 608 -13.89 -9.08 1.03
N ALA B 609 -14.49 -7.94 0.70
CA ALA B 609 -14.11 -7.23 -0.53
C ALA B 609 -12.74 -6.57 -0.37
N GLU B 610 -12.53 -5.86 0.75
CA GLU B 610 -11.23 -5.27 1.05
C GLU B 610 -10.12 -6.30 0.98
N LEU B 611 -10.33 -7.45 1.62
CA LEU B 611 -9.32 -8.50 1.59
C LEU B 611 -9.06 -8.97 0.17
N SER B 612 -10.13 -9.22 -0.59
CA SER B 612 -9.96 -9.63 -1.98
C SER B 612 -9.15 -8.60 -2.75
N ILE B 613 -9.34 -7.32 -2.46
CA ILE B 613 -8.63 -6.27 -3.17
C ILE B 613 -7.19 -6.14 -2.67
N LYS B 614 -7.01 -6.05 -1.35
CA LYS B 614 -5.72 -5.69 -0.78
C LYS B 614 -4.84 -6.87 -0.42
N VAL B 615 -5.31 -8.11 -0.51
CA VAL B 615 -4.53 -9.26 -0.04
C VAL B 615 -4.61 -10.40 -1.05
N PRO B 616 -3.70 -10.44 -2.05
CA PRO B 616 -3.79 -11.49 -3.08
C PRO B 616 -3.65 -12.90 -2.55
N GLU B 617 -2.66 -13.15 -1.68
CA GLU B 617 -2.55 -14.41 -0.93
C GLU B 617 -3.85 -14.95 -0.33
N ALA B 618 -4.91 -14.15 -0.17
CA ALA B 618 -6.13 -14.68 0.42
C ALA B 618 -7.25 -14.92 -0.59
N ARG B 619 -7.02 -14.64 -1.88
CA ARG B 619 -8.09 -14.69 -2.86
C ARG B 619 -8.58 -16.11 -3.08
N ALA B 620 -7.68 -17.09 -3.11
CA ALA B 620 -8.10 -18.47 -3.34
C ALA B 620 -8.97 -18.98 -2.18
N ALA B 621 -8.61 -18.61 -0.95
CA ALA B 621 -9.39 -19.03 0.21
C ALA B 621 -10.79 -18.43 0.20
N ILE B 622 -10.89 -17.14 -0.16
CA ILE B 622 -12.19 -16.49 -0.24
C ILE B 622 -13.03 -17.15 -1.32
N ILE B 623 -12.42 -17.47 -2.46
CA ILE B 623 -13.16 -18.11 -3.54
C ILE B 623 -13.72 -19.44 -3.07
N ALA B 624 -12.91 -20.22 -2.34
CA ALA B 624 -13.34 -21.56 -1.92
C ALA B 624 -14.36 -21.50 -0.80
N MET B 625 -14.17 -20.59 0.16
CA MET B 625 -15.11 -20.49 1.27
C MET B 625 -16.44 -19.88 0.84
N ASP B 626 -16.48 -19.17 -0.29
CA ASP B 626 -17.77 -18.73 -0.82
C ASP B 626 -18.66 -19.91 -1.14
N ASP B 627 -18.05 -21.01 -1.61
CA ASP B 627 -18.81 -22.23 -1.84
C ASP B 627 -19.01 -23.01 -0.54
N ALA B 628 -17.96 -23.12 0.28
CA ALA B 628 -18.08 -23.83 1.56
C ALA B 628 -19.21 -23.27 2.41
N LEU B 629 -19.25 -21.95 2.57
CA LEU B 629 -20.32 -21.30 3.33
C LEU B 629 -21.63 -21.21 2.54
N GLN B 630 -21.69 -21.87 1.38
CA GLN B 630 -22.93 -22.02 0.62
C GLN B 630 -23.54 -20.68 0.20
N ASN B 631 -22.68 -19.73 -0.18
CA ASN B 631 -23.16 -18.47 -0.71
C ASN B 631 -23.65 -18.69 -2.13
N GLY B 632 -24.85 -18.17 -2.42
CA GLY B 632 -25.53 -18.46 -3.67
C GLY B 632 -26.74 -19.34 -3.51
N LYS B 633 -26.90 -19.99 -2.35
CA LYS B 633 -28.15 -20.66 -2.05
C LYS B 633 -29.28 -19.64 -2.07
N ARG B 634 -30.50 -20.14 -2.24
CA ARG B 634 -31.66 -19.27 -2.29
C ARG B 634 -32.20 -19.04 -0.88
N ASN B 635 -32.33 -17.76 -0.50
CA ASN B 635 -32.76 -17.37 0.84
C ASN B 635 -34.28 -17.19 0.82
N LEU B 636 -34.97 -18.10 1.51
CA LEU B 636 -36.36 -18.36 1.23
C LEU B 636 -37.18 -17.19 1.73
N ILE B 637 -36.67 -16.57 2.80
CA ILE B 637 -37.25 -15.41 3.45
C ILE B 637 -37.39 -14.27 2.46
N LYS B 638 -36.47 -14.17 1.51
CA LYS B 638 -36.43 -13.06 0.57
C LYS B 638 -37.29 -13.27 -0.67
N ARG B 639 -37.99 -14.41 -0.77
CA ARG B 639 -38.83 -14.70 -1.93
C ARG B 639 -40.18 -14.00 -1.77
N TRP B 640 -40.20 -12.71 -2.09
CA TRP B 640 -41.36 -11.87 -1.81
C TRP B 640 -42.33 -11.74 -2.97
N TRP B 641 -41.98 -12.21 -4.16
CA TRP B 641 -42.82 -11.98 -5.34
C TRP B 641 -43.75 -13.16 -5.59
N PHE B 642 -44.78 -12.92 -6.40
CA PHE B 642 -45.65 -13.98 -6.90
C PHE B 642 -45.08 -14.58 -8.17
N ASP B 643 -45.22 -15.89 -8.32
CA ASP B 643 -44.90 -16.56 -9.58
C ASP B 643 -46.11 -16.44 -10.49
N LEU B 644 -46.14 -15.39 -11.30
CA LEU B 644 -47.20 -15.16 -12.27
C LEU B 644 -46.61 -14.96 -13.65
N GLU B 645 -47.13 -15.71 -14.63
CA GLU B 645 -46.78 -15.56 -16.04
C GLU B 645 -48.00 -15.08 -16.79
N VAL B 646 -47.86 -13.95 -17.50
CA VAL B 646 -48.96 -13.43 -18.30
C VAL B 646 -48.96 -14.12 -19.64
N ILE B 647 -50.12 -14.63 -20.04
CA ILE B 647 -50.31 -15.31 -21.32
C ILE B 647 -51.65 -14.87 -21.89
N ASP B 648 -51.64 -14.34 -23.11
CA ASP B 648 -52.84 -13.81 -23.77
C ASP B 648 -53.47 -12.71 -22.92
N GLY B 649 -52.63 -11.94 -22.23
CA GLY B 649 -53.11 -10.80 -21.48
C GLY B 649 -53.69 -11.10 -20.12
N VAL B 650 -53.59 -12.35 -19.63
CA VAL B 650 -54.10 -12.73 -18.33
C VAL B 650 -52.97 -13.32 -17.51
N ALA B 651 -52.82 -12.86 -16.27
CA ALA B 651 -51.84 -13.41 -15.37
C ALA B 651 -52.35 -14.75 -14.85
N GLY B 652 -51.55 -15.80 -15.02
CA GLY B 652 -51.87 -17.10 -14.47
C GLY B 652 -50.65 -17.72 -13.85
N ALA B 653 -50.75 -18.97 -13.43
CA ALA B 653 -49.60 -19.68 -12.89
C ALA B 653 -48.57 -19.91 -14.00
N PRO B 654 -47.33 -20.23 -13.64
CA PRO B 654 -46.32 -20.55 -14.67
C PRO B 654 -46.64 -21.83 -15.45
N ARG B 655 -46.62 -21.76 -16.78
CA ARG B 655 -47.04 -22.90 -17.59
C ARG B 655 -46.06 -24.07 -17.49
N MET B 656 -44.78 -23.79 -17.45
CA MET B 656 -43.78 -24.82 -17.39
C MET B 656 -43.09 -25.07 -16.09
N GLY B 657 -43.44 -24.25 -15.13
CA GLY B 657 -42.75 -24.38 -13.87
C GLY B 657 -41.92 -23.17 -13.49
N THR B 658 -40.98 -23.40 -12.58
CA THR B 658 -40.22 -22.31 -11.99
C THR B 658 -38.81 -22.78 -11.66
N ASN B 659 -37.80 -22.12 -12.22
CA ASN B 659 -36.42 -22.43 -11.88
C ASN B 659 -36.16 -22.15 -10.41
N GLU B 660 -35.64 -23.15 -9.71
CA GLU B 660 -35.35 -23.06 -8.28
C GLU B 660 -33.96 -23.66 -8.04
N ARG B 661 -32.97 -23.06 -8.69
CA ARG B 661 -31.62 -23.64 -8.72
C ARG B 661 -30.85 -23.33 -7.44
N ASP B 662 -30.03 -24.29 -7.04
CA ASP B 662 -29.12 -24.15 -5.92
C ASP B 662 -27.69 -24.30 -6.43
N LEU B 663 -26.74 -24.04 -5.52
CA LEU B 663 -25.34 -24.37 -5.73
C LEU B 663 -25.16 -25.70 -6.44
N SER B 664 -24.12 -25.75 -7.28
CA SER B 664 -23.66 -26.90 -8.02
C SER B 664 -22.25 -27.27 -7.55
N PRO B 665 -21.84 -28.53 -7.67
CA PRO B 665 -20.50 -28.91 -7.20
C PRO B 665 -19.47 -28.84 -8.32
N ASP B 666 -18.31 -28.28 -7.99
CA ASP B 666 -17.35 -27.85 -9.01
C ASP B 666 -16.44 -29.00 -9.45
N ARG B 667 -16.35 -29.18 -10.77
CA ARG B 667 -15.76 -30.35 -11.39
C ARG B 667 -14.23 -30.34 -11.42
N GLY B 672 -12.81 -26.78 -14.16
CA GLY B 672 -12.78 -26.37 -15.55
C GLY B 672 -13.29 -27.44 -16.51
N ALA B 673 -13.36 -27.09 -17.80
CA ALA B 673 -13.81 -28.02 -18.83
C ALA B 673 -13.25 -27.59 -20.17
N ASN B 674 -13.12 -28.56 -21.08
CA ASN B 674 -12.74 -28.29 -22.47
C ASN B 674 -14.01 -28.13 -23.31
N GLN B 675 -14.74 -27.08 -22.98
CA GLN B 675 -15.93 -26.63 -23.69
C GLN B 675 -15.53 -25.89 -24.97
N LYS B 676 -16.49 -25.74 -25.87
CA LYS B 676 -16.25 -25.07 -27.14
C LYS B 676 -17.33 -24.01 -27.35
N LEU B 677 -16.94 -22.75 -27.27
CA LEU B 677 -17.83 -21.61 -27.39
C LEU B 677 -17.67 -20.90 -28.74
N ALA B 678 -18.72 -20.20 -29.14
CA ALA B 678 -18.71 -19.40 -30.35
C ALA B 678 -18.65 -17.92 -29.99
N MET B 679 -17.93 -17.16 -30.81
CA MET B 679 -17.82 -15.71 -30.63
C MET B 679 -18.15 -15.04 -31.95
N TYR B 680 -18.67 -13.83 -31.89
CA TYR B 680 -19.19 -13.13 -33.05
C TYR B 680 -18.65 -11.70 -33.09
N PRO B 681 -17.37 -11.55 -33.41
CA PRO B 681 -16.82 -10.23 -33.66
C PRO B 681 -17.37 -9.67 -34.96
N PRO B 682 -17.17 -8.37 -35.25
CA PRO B 682 -17.79 -7.75 -36.43
C PRO B 682 -17.82 -8.58 -37.70
N ARG B 683 -16.74 -9.29 -38.00
CA ARG B 683 -16.70 -10.27 -39.09
C ARG B 683 -17.94 -11.15 -39.25
N LEU B 684 -18.39 -11.71 -38.14
CA LEU B 684 -19.47 -12.66 -38.15
C LEU B 684 -20.80 -12.02 -37.78
N GLN B 685 -20.84 -10.69 -37.73
CA GLN B 685 -22.03 -9.93 -37.44
C GLN B 685 -22.65 -9.41 -38.73
N PRO B 686 -23.91 -8.97 -38.68
CA PRO B 686 -24.47 -8.24 -39.83
C PRO B 686 -23.68 -6.99 -40.12
N PRO B 687 -23.38 -6.72 -41.37
CA PRO B 687 -22.53 -5.59 -41.71
C PRO B 687 -23.19 -4.28 -41.30
N PRO B 688 -22.40 -3.23 -41.05
CA PRO B 688 -22.97 -1.90 -40.85
C PRO B 688 -23.91 -1.53 -41.98
N GLY B 689 -25.08 -1.00 -41.63
CA GLY B 689 -26.11 -0.68 -42.59
C GLY B 689 -27.22 -1.71 -42.70
N THR B 690 -27.01 -2.93 -42.18
CA THR B 690 -28.09 -3.91 -42.17
C THR B 690 -29.19 -3.45 -41.22
N THR B 691 -30.44 -3.72 -41.59
CA THR B 691 -31.60 -3.44 -40.75
C THR B 691 -32.29 -4.73 -40.31
N LEU B 692 -33.33 -4.57 -39.51
CA LEU B 692 -34.09 -5.69 -38.99
C LEU B 692 -34.88 -6.39 -40.08
N ASP B 693 -35.05 -5.74 -41.23
CA ASP B 693 -35.79 -6.32 -42.34
C ASP B 693 -35.01 -7.39 -43.09
N ALA B 694 -33.70 -7.49 -42.85
CA ALA B 694 -32.85 -8.54 -43.39
C ALA B 694 -32.65 -9.62 -42.33
N VAL B 695 -32.31 -10.82 -42.78
CA VAL B 695 -32.19 -11.97 -41.90
C VAL B 695 -30.81 -12.57 -42.14
N LEU B 696 -30.08 -12.87 -41.09
CA LEU B 696 -28.69 -13.29 -41.27
C LEU B 696 -28.52 -14.44 -40.30
N PRO B 697 -28.82 -15.67 -40.73
CA PRO B 697 -28.70 -16.81 -39.80
C PRO B 697 -27.34 -16.84 -39.12
N VAL B 698 -27.33 -17.04 -37.81
CA VAL B 698 -26.09 -16.98 -37.06
C VAL B 698 -25.17 -18.10 -37.51
N ASP B 699 -23.93 -17.74 -37.83
CA ASP B 699 -22.92 -18.68 -38.33
C ASP B 699 -22.19 -19.27 -37.14
N ARG B 700 -22.85 -20.21 -36.46
CA ARG B 700 -22.23 -20.83 -35.30
C ARG B 700 -20.97 -21.60 -35.70
N SER B 701 -20.99 -22.22 -36.88
CA SER B 701 -19.85 -22.96 -37.39
C SER B 701 -18.61 -22.06 -37.41
N GLY B 702 -18.71 -20.93 -38.10
CA GLY B 702 -17.63 -19.96 -38.08
C GLY B 702 -17.37 -19.35 -36.72
N GLY B 703 -18.44 -19.18 -35.92
CA GLY B 703 -18.26 -18.61 -34.59
C GLY B 703 -17.42 -19.50 -33.68
N LEU B 704 -17.58 -20.82 -33.81
CA LEU B 704 -16.72 -21.74 -33.07
C LEU B 704 -15.28 -21.67 -33.59
N ALA B 705 -15.12 -21.68 -34.92
CA ALA B 705 -13.78 -21.59 -35.50
C ALA B 705 -13.13 -20.26 -35.15
N GLU B 706 -13.91 -19.18 -35.19
CA GLU B 706 -13.40 -17.87 -34.83
C GLU B 706 -12.75 -17.88 -33.46
N TYR B 707 -13.35 -18.59 -32.51
CA TYR B 707 -12.81 -18.56 -31.17
C TYR B 707 -11.85 -19.68 -30.82
N ALA B 708 -11.73 -20.71 -31.64
CA ALA B 708 -10.48 -21.46 -31.60
C ALA B 708 -9.30 -20.61 -32.07
N ALA B 709 -9.53 -19.71 -33.03
CA ALA B 709 -8.47 -18.97 -33.69
C ALA B 709 -8.16 -17.63 -33.06
N ALA B 710 -8.81 -17.29 -31.95
CA ALA B 710 -8.63 -15.97 -31.35
C ALA B 710 -7.20 -15.78 -30.86
N GLU B 711 -6.66 -14.60 -31.07
CA GLU B 711 -5.33 -14.27 -30.56
C GLU B 711 -5.36 -14.22 -29.05
N THR B 712 -4.32 -14.77 -28.43
CA THR B 712 -4.23 -14.63 -26.97
C THR B 712 -3.72 -13.23 -26.62
N PRO B 713 -4.16 -12.68 -25.48
CA PRO B 713 -3.67 -11.36 -25.07
C PRO B 713 -2.16 -11.31 -24.97
N ALA B 714 -1.51 -12.43 -24.63
CA ALA B 714 -0.06 -12.44 -24.57
C ALA B 714 0.55 -12.18 -25.94
N ALA B 715 0.03 -12.84 -26.98
CA ALA B 715 0.54 -12.63 -28.33
C ALA B 715 0.30 -11.20 -28.80
N ALA B 716 -0.87 -10.65 -28.46
CA ALA B 716 -1.19 -9.30 -28.89
C ALA B 716 -0.17 -8.29 -28.36
N ARG B 717 0.14 -8.36 -27.05
CA ARG B 717 1.10 -7.42 -26.48
C ARG B 717 2.46 -7.58 -27.12
N ALA B 718 2.85 -8.81 -27.44
CA ALA B 718 4.11 -9.04 -28.15
C ALA B 718 4.06 -8.42 -29.53
N ARG B 719 2.98 -8.66 -30.27
CA ARG B 719 2.80 -8.06 -31.60
C ARG B 719 2.89 -6.54 -31.54
N LEU B 720 2.12 -5.93 -30.64
CA LEU B 720 2.13 -4.47 -30.49
C LEU B 720 3.52 -3.97 -30.14
N LYS B 721 4.26 -4.71 -29.32
CA LYS B 721 5.59 -4.31 -28.90
C LYS B 721 6.54 -4.22 -30.09
N SER B 722 6.39 -5.12 -31.07
CA SER B 722 7.29 -5.15 -32.21
C SER B 722 7.07 -3.97 -33.15
N SER B 723 5.94 -3.28 -33.05
CA SER B 723 5.71 -2.12 -33.90
C SER B 723 6.29 -0.85 -33.29
N ALA B 724 6.04 -0.61 -32.00
CA ALA B 724 6.61 0.52 -31.28
C ALA B 724 8.14 0.45 -31.26
N ALA C 24 -8.88 1.17 7.90
CA ALA C 24 -7.76 0.83 7.03
C ALA C 24 -6.67 0.06 7.78
N GLN C 25 -7.10 -0.94 8.55
CA GLN C 25 -6.19 -1.86 9.25
C GLN C 25 -6.89 -3.22 9.24
N ILE C 26 -6.66 -3.99 8.18
CA ILE C 26 -7.55 -5.10 7.83
C ILE C 26 -7.02 -6.45 8.36
N SER C 27 -6.16 -6.43 9.36
CA SER C 27 -5.55 -7.68 9.81
C SER C 27 -6.34 -8.41 10.89
N MET C 28 -7.43 -7.83 11.41
CA MET C 28 -8.14 -8.47 12.52
C MET C 28 -8.77 -9.76 12.04
N ARG C 29 -9.08 -10.64 12.99
CA ARG C 29 -9.88 -11.81 12.66
C ARG C 29 -11.30 -11.39 12.31
N LEU C 30 -11.86 -12.02 11.27
CA LEU C 30 -13.30 -11.88 11.03
C LEU C 30 -14.11 -12.82 11.91
N TYR C 31 -13.52 -13.94 12.31
CA TYR C 31 -14.23 -15.04 12.94
C TYR C 31 -13.84 -15.15 14.41
N SER C 32 -14.85 -15.37 15.25
CA SER C 32 -14.66 -15.43 16.69
C SER C 32 -14.12 -16.78 17.12
N ASN C 33 -13.30 -16.76 18.17
CA ASN C 33 -12.77 -17.98 18.77
C ASN C 33 -13.56 -18.38 20.02
N ARG C 34 -14.80 -17.91 20.14
CA ARG C 34 -15.55 -18.11 21.39
C ARG C 34 -15.89 -19.57 21.61
N ASP C 35 -15.98 -20.37 20.54
CA ASP C 35 -16.23 -21.80 20.66
C ASP C 35 -14.95 -22.62 20.59
N ARG C 36 -13.79 -21.96 20.64
CA ARG C 36 -12.52 -22.65 20.54
C ARG C 36 -11.91 -22.80 21.93
N PRO C 37 -11.68 -24.02 22.42
CA PRO C 37 -11.04 -24.18 23.73
C PRO C 37 -9.58 -23.73 23.68
N ASN C 38 -9.11 -23.21 24.81
CA ASN C 38 -7.84 -22.49 24.84
C ASN C 38 -6.65 -23.38 24.51
N HIS C 39 -6.75 -24.68 24.79
CA HIS C 39 -5.61 -25.58 24.56
C HIS C 39 -5.33 -25.76 23.07
N LEU C 40 -6.27 -25.43 22.20
CA LEU C 40 -6.02 -25.50 20.76
C LEU C 40 -5.14 -24.36 20.28
N GLY C 41 -5.10 -23.26 21.03
CA GLY C 41 -4.23 -22.15 20.71
C GLY C 41 -4.75 -21.31 19.56
N PRO C 42 -4.01 -20.24 19.24
CA PRO C 42 -4.45 -19.33 18.17
C PRO C 42 -4.21 -19.84 16.76
N LEU C 43 -3.39 -20.88 16.60
CA LEU C 43 -3.07 -21.43 15.28
C LEU C 43 -3.88 -22.70 15.03
N ALA C 44 -4.20 -22.94 13.77
CA ALA C 44 -5.02 -24.09 13.39
C ALA C 44 -4.15 -25.33 13.23
N LEU C 45 -3.45 -25.69 14.31
CA LEU C 45 -2.55 -26.83 14.29
C LEU C 45 -3.30 -28.13 14.05
N GLU C 46 -4.56 -28.20 14.48
CA GLU C 46 -5.37 -29.40 14.29
C GLU C 46 -5.67 -29.70 12.83
N ARG C 47 -5.39 -28.77 11.92
CA ARG C 47 -5.63 -28.94 10.50
C ARG C 47 -4.36 -29.30 9.73
N LEU C 48 -3.29 -29.67 10.43
CA LEU C 48 -2.03 -29.99 9.78
C LEU C 48 -1.91 -31.49 9.58
N ALA C 49 -1.23 -31.87 8.49
CA ALA C 49 -0.98 -33.27 8.20
C ALA C 49 -0.07 -33.87 9.25
N ARG C 50 -0.50 -35.00 9.84
CA ARG C 50 0.27 -35.66 10.87
C ARG C 50 0.37 -37.15 10.57
N VAL C 51 1.48 -37.75 11.02
CA VAL C 51 1.72 -39.17 10.90
C VAL C 51 1.92 -39.73 12.32
N ASP C 52 1.85 -41.05 12.43
CA ASP C 52 1.94 -41.69 13.75
C ASP C 52 3.33 -41.58 14.33
N ASP C 53 4.35 -41.73 13.49
CA ASP C 53 5.73 -41.66 13.94
C ASP C 53 6.60 -41.15 12.80
N VAL C 54 7.73 -40.57 13.17
CA VAL C 54 8.73 -40.08 12.23
C VAL C 54 10.10 -40.47 12.76
N VAL C 55 10.98 -40.93 11.84
CA VAL C 55 12.33 -41.30 12.23
C VAL C 55 13.10 -40.05 12.64
N ALA C 56 13.86 -40.16 13.73
CA ALA C 56 14.72 -39.08 14.20
C ALA C 56 15.61 -38.59 13.07
N GLN C 57 16.08 -37.36 13.17
CA GLN C 57 16.86 -36.75 12.13
C GLN C 57 17.71 -35.73 12.86
N PRO C 58 19.01 -35.68 12.57
CA PRO C 58 19.84 -34.64 13.21
C PRO C 58 19.26 -33.28 12.90
N ALA C 59 19.15 -32.47 13.94
CA ALA C 59 18.50 -31.21 13.76
C ALA C 59 18.89 -30.24 14.86
N ARG C 60 18.70 -28.98 14.49
CA ARG C 60 19.17 -27.70 15.01
C ARG C 60 18.00 -26.75 15.22
N GLN C 61 18.04 -25.94 16.30
CA GLN C 61 17.15 -24.77 16.39
C GLN C 61 17.50 -23.59 15.45
N PRO C 62 16.51 -22.78 15.08
CA PRO C 62 16.82 -21.55 14.33
C PRO C 62 17.72 -20.63 15.16
N GLU C 63 18.70 -20.05 14.48
CA GLU C 63 19.49 -18.94 14.99
C GLU C 63 19.21 -17.73 14.12
N ASP C 64 19.75 -16.57 14.50
CA ASP C 64 19.49 -15.37 13.71
C ASP C 64 20.64 -15.07 12.75
N GLY C 65 20.34 -14.28 11.73
CA GLY C 65 21.15 -14.15 10.54
C GLY C 65 22.22 -13.09 10.58
N PHE C 66 22.38 -12.39 11.68
CA PHE C 66 23.46 -11.43 11.86
C PHE C 66 23.96 -11.53 13.29
N ALA C 67 25.22 -11.17 13.50
CA ALA C 67 25.80 -11.21 14.84
C ALA C 67 25.39 -9.97 15.63
N ALA C 68 25.38 -10.11 16.95
CA ALA C 68 24.86 -9.08 17.84
C ALA C 68 25.94 -8.07 18.20
N SER C 69 25.59 -6.78 18.10
CA SER C 69 26.47 -5.67 18.42
C SER C 69 26.95 -5.72 19.86
N GLU C 70 28.03 -4.97 20.13
CA GLU C 70 28.53 -4.78 21.49
C GLU C 70 27.75 -3.72 22.26
N ASP C 71 27.01 -2.87 21.56
CA ASP C 71 26.04 -1.98 22.19
C ASP C 71 24.61 -2.47 21.95
N SER C 72 24.41 -3.78 22.07
CA SER C 72 23.08 -4.36 21.91
C SER C 72 22.57 -4.92 23.23
N LEU C 73 21.30 -5.33 23.14
CA LEU C 73 20.47 -5.86 24.21
C LEU C 73 21.06 -7.12 24.83
N LEU C 74 22.03 -7.77 24.15
CA LEU C 74 22.22 -9.22 24.30
C LEU C 74 22.54 -9.60 25.73
N GLY C 75 23.47 -8.89 26.37
CA GLY C 75 23.84 -9.23 27.74
C GLY C 75 22.65 -9.25 28.69
N ASP C 76 21.71 -8.33 28.48
CA ASP C 76 20.56 -8.23 29.38
C ASP C 76 19.65 -9.45 29.25
N VAL C 77 19.28 -9.81 28.03
CA VAL C 77 18.39 -10.97 27.87
C VAL C 77 19.08 -12.25 28.28
N GLU C 78 20.41 -12.28 28.28
CA GLU C 78 21.12 -13.45 28.79
C GLU C 78 21.13 -13.46 30.31
N GLU C 79 21.23 -12.28 30.94
CA GLU C 79 21.18 -12.24 32.40
C GLU C 79 19.84 -12.70 32.93
N TYR C 80 18.73 -12.24 32.32
CA TYR C 80 17.42 -12.64 32.79
C TYR C 80 17.14 -14.10 32.46
N ALA C 81 17.70 -14.60 31.35
CA ALA C 81 17.62 -16.03 31.07
C ALA C 81 18.31 -16.83 32.18
N ARG C 82 19.52 -16.42 32.57
CA ARG C 82 20.20 -17.08 33.69
C ARG C 82 19.45 -16.94 35.00
N LEU C 83 18.72 -15.84 35.20
CA LEU C 83 17.88 -15.71 36.39
C LEU C 83 16.79 -16.76 36.39
N PHE C 84 16.05 -16.87 35.28
CA PHE C 84 14.94 -17.81 35.20
C PHE C 84 15.43 -19.26 35.26
N THR C 85 16.65 -19.53 34.78
CA THR C 85 17.22 -20.88 34.88
C THR C 85 17.23 -21.38 36.32
N ARG C 86 17.40 -20.47 37.28
CA ARG C 86 17.42 -20.84 38.69
C ARG C 86 16.15 -21.58 39.12
N PHE C 87 15.07 -21.46 38.35
CA PHE C 87 13.77 -21.99 38.76
C PHE C 87 13.25 -23.06 37.82
N LEU C 88 14.10 -23.57 36.92
CA LEU C 88 13.71 -24.70 36.09
C LEU C 88 13.46 -25.96 36.93
N ASP C 89 14.09 -26.06 38.09
CA ASP C 89 13.80 -27.10 39.06
C ASP C 89 13.55 -26.46 40.42
N GLY C 90 12.91 -27.21 41.31
CA GLY C 90 12.60 -26.72 42.62
C GLY C 90 11.92 -27.75 43.51
N PRO C 91 11.42 -27.30 44.65
CA PRO C 91 10.73 -28.22 45.56
C PRO C 91 9.39 -28.68 44.99
N VAL C 92 9.03 -29.92 45.33
CA VAL C 92 7.81 -30.57 44.84
C VAL C 92 6.84 -30.70 46.01
N ALA C 93 5.67 -30.08 45.86
CA ALA C 93 4.69 -30.07 46.93
C ALA C 93 4.16 -31.47 47.20
N PRO C 94 3.60 -31.71 48.38
CA PRO C 94 2.87 -32.97 48.61
C PRO C 94 1.70 -33.09 47.64
N LEU C 95 1.40 -34.34 47.27
CA LEU C 95 0.30 -34.59 46.34
C LEU C 95 -1.03 -34.59 47.09
N GLY C 96 -2.01 -33.86 46.56
CA GLY C 96 -3.33 -33.80 47.16
C GLY C 96 -4.26 -34.85 46.57
N ASP C 97 -5.56 -34.62 46.73
CA ASP C 97 -6.55 -35.49 46.12
C ASP C 97 -7.34 -34.80 45.03
N ALA C 98 -6.90 -33.62 44.58
CA ALA C 98 -7.69 -32.76 43.71
C ALA C 98 -7.11 -32.62 42.31
N ILE C 99 -6.05 -33.35 41.97
CA ILE C 99 -5.44 -33.29 40.65
C ILE C 99 -6.17 -34.29 39.74
N PRO C 100 -6.80 -33.84 38.66
CA PRO C 100 -7.56 -34.76 37.81
C PRO C 100 -6.70 -35.90 37.28
N ASP C 101 -7.34 -37.05 37.07
CA ASP C 101 -6.62 -38.26 36.66
C ASP C 101 -6.51 -38.40 35.14
N ASP C 102 -7.48 -37.90 34.39
CA ASP C 102 -7.53 -38.11 32.95
C ASP C 102 -6.32 -37.48 32.26
N PRO C 103 -5.51 -38.26 31.54
CA PRO C 103 -4.33 -37.69 30.88
C PRO C 103 -4.65 -36.75 29.73
N ALA C 104 -5.82 -36.87 29.10
CA ALA C 104 -6.21 -35.91 28.07
C ALA C 104 -6.59 -34.57 28.68
N ARG C 105 -7.29 -34.58 29.82
CA ARG C 105 -7.61 -33.34 30.50
C ARG C 105 -6.36 -32.63 31.02
N ARG C 106 -5.37 -33.40 31.50
CA ARG C 106 -4.12 -32.79 31.92
C ARG C 106 -3.42 -32.12 30.76
N ALA C 107 -3.42 -32.77 29.60
CA ALA C 107 -2.78 -32.21 28.40
C ALA C 107 -3.45 -30.89 28.01
N GLU C 108 -4.78 -30.89 27.94
CA GLU C 108 -5.51 -29.66 27.61
C GLU C 108 -5.16 -28.55 28.60
N ASN C 109 -5.18 -28.88 29.90
CA ASN C 109 -4.90 -27.88 30.93
C ASN C 109 -3.48 -27.34 30.82
N LEU C 110 -2.50 -28.21 30.57
CA LEU C 110 -1.11 -27.76 30.49
C LEU C 110 -0.84 -27.01 29.20
N LYS C 111 -1.41 -27.48 28.08
CA LYS C 111 -1.31 -26.73 26.82
C LYS C 111 -1.93 -25.35 26.97
N ALA C 112 -3.15 -25.30 27.51
CA ALA C 112 -3.81 -24.01 27.75
C ALA C 112 -2.96 -23.11 28.65
N SER C 113 -2.37 -23.71 29.70
CA SER C 113 -1.49 -22.94 30.57
C SER C 113 -0.32 -22.34 29.80
N ALA C 114 0.24 -23.10 28.85
CA ALA C 114 1.38 -22.60 28.10
C ALA C 114 0.97 -21.50 27.14
N TYR C 115 -0.20 -21.64 26.51
CA TYR C 115 -0.67 -20.58 25.61
C TYR C 115 -1.00 -19.31 26.40
N PHE C 116 -1.62 -19.48 27.58
CA PHE C 116 -1.90 -18.35 28.47
C PHE C 116 -0.64 -17.51 28.72
N LEU C 117 0.51 -18.18 28.80
CA LEU C 117 1.80 -17.54 28.99
C LEU C 117 2.45 -17.13 27.68
N ASP C 118 1.73 -17.27 26.56
CA ASP C 118 2.12 -16.82 25.22
C ASP C 118 3.16 -17.73 24.56
N ALA C 119 3.06 -19.03 24.80
CA ALA C 119 3.71 -19.97 23.90
C ALA C 119 3.09 -19.82 22.52
N SER C 120 3.94 -19.75 21.50
CA SER C 120 3.43 -19.62 20.13
C SER C 120 2.80 -20.91 19.65
N MET C 121 3.27 -22.05 20.16
CA MET C 121 2.91 -23.36 19.65
C MET C 121 3.28 -24.40 20.70
N VAL C 122 2.38 -25.35 20.96
CA VAL C 122 2.56 -26.30 22.05
C VAL C 122 2.28 -27.72 21.57
N GLY C 123 3.02 -28.68 22.14
CA GLY C 123 2.79 -30.09 21.87
C GLY C 123 3.33 -30.95 22.98
N ILE C 124 2.87 -32.20 23.00
CA ILE C 124 3.23 -33.17 24.03
C ILE C 124 3.70 -34.45 23.37
N CYS C 125 4.67 -35.12 23.99
CA CYS C 125 5.13 -36.43 23.55
C CYS C 125 5.63 -37.22 24.74
N ARG C 126 5.74 -38.54 24.56
CA ARG C 126 6.32 -39.41 25.56
C ARG C 126 7.84 -39.46 25.40
N LEU C 127 8.56 -39.59 26.52
CA LEU C 127 10.01 -39.66 26.43
C LEU C 127 10.49 -41.09 26.22
N ASP C 128 11.58 -41.21 25.45
CA ASP C 128 12.22 -42.48 25.15
C ASP C 128 13.28 -42.78 26.21
N PRO C 129 14.17 -43.74 25.96
CA PRO C 129 15.25 -44.00 26.93
C PRO C 129 16.44 -43.06 26.80
N ASP C 130 16.66 -42.47 25.63
CA ASP C 130 17.81 -41.61 25.40
C ASP C 130 17.43 -40.14 25.63
N GLY C 134 19.46 -40.14 29.45
CA GLY C 134 20.19 -38.89 29.56
C GLY C 134 20.43 -38.46 30.99
N ASP C 135 20.88 -37.21 31.16
CA ASP C 135 21.14 -36.64 32.48
C ASP C 135 19.86 -36.37 33.26
N CYS C 136 18.70 -36.50 32.62
CA CYS C 136 17.41 -36.09 33.17
C CYS C 136 16.95 -37.03 34.28
N ASP C 137 15.98 -36.57 35.06
CA ASP C 137 15.40 -37.38 36.12
C ASP C 137 14.85 -38.68 35.55
N PRO C 138 15.06 -39.81 36.22
CA PRO C 138 14.68 -41.10 35.63
C PRO C 138 13.18 -41.37 35.59
N SER C 139 12.39 -40.75 36.47
CA SER C 139 10.96 -41.03 36.50
C SER C 139 10.16 -40.23 35.48
N HIS C 140 10.82 -39.42 34.65
CA HIS C 140 10.11 -38.53 33.73
C HIS C 140 9.65 -39.30 32.49
N THR C 141 8.35 -39.24 32.22
CA THR C 141 7.72 -40.03 31.17
C THR C 141 7.11 -39.20 30.05
N HIS C 142 6.88 -37.90 30.28
CA HIS C 142 6.25 -37.07 29.27
C HIS C 142 6.95 -35.70 29.19
N ALA C 143 6.83 -35.08 28.02
CA ALA C 143 7.47 -33.80 27.73
C ALA C 143 6.42 -32.84 27.19
N LEU C 144 6.27 -31.69 27.84
CA LEU C 144 5.52 -30.58 27.27
C LEU C 144 6.48 -29.74 26.45
N VAL C 145 6.33 -29.78 25.13
CA VAL C 145 7.18 -29.02 24.22
C VAL C 145 6.41 -27.79 23.76
N PHE C 146 7.06 -26.64 23.81
CA PHE C 146 6.46 -25.42 23.29
C PHE C 146 7.52 -24.64 22.52
N ALA C 147 7.05 -23.85 21.56
CA ALA C 147 7.89 -22.94 20.80
C ALA C 147 7.43 -21.51 21.03
N VAL C 148 8.37 -20.58 21.01
CA VAL C 148 8.07 -19.16 21.08
C VAL C 148 8.69 -18.52 19.85
N GLN C 149 7.87 -17.80 19.08
CA GLN C 149 8.36 -17.26 17.82
C GLN C 149 9.27 -16.07 18.05
N PHE C 150 10.27 -15.95 17.18
CA PHE C 150 11.13 -14.76 17.15
C PHE C 150 10.28 -13.49 17.15
N GLY C 151 10.81 -12.45 17.77
CA GLY C 151 10.15 -11.17 17.73
C GLY C 151 10.40 -10.43 16.43
N ARG C 152 9.49 -9.52 16.11
CA ARG C 152 9.72 -8.61 15.00
C ARG C 152 10.84 -7.65 15.36
N GLU C 153 11.71 -7.37 14.39
CA GLU C 153 12.81 -6.46 14.62
C GLU C 153 12.64 -5.22 13.76
N PRO C 154 13.17 -4.08 14.19
CA PRO C 154 13.15 -2.89 13.33
C PRO C 154 13.98 -3.15 12.08
N GLU C 155 13.49 -2.65 10.97
CA GLU C 155 14.21 -2.80 9.72
C GLU C 155 15.39 -1.84 9.72
N ALA C 156 16.33 -2.06 8.80
CA ALA C 156 17.57 -1.31 8.82
C ALA C 156 17.29 0.19 8.69
N GLY C 157 18.03 0.99 9.45
CA GLY C 157 17.82 2.43 9.48
C GLY C 157 16.74 2.90 10.43
N GLU C 158 15.84 2.01 10.84
CA GLU C 158 14.87 2.37 11.86
C GLU C 158 15.57 2.49 13.21
N ALA C 159 15.02 3.35 14.06
CA ALA C 159 15.62 3.59 15.37
C ALA C 159 15.67 2.30 16.18
N GLY C 160 16.81 2.03 16.80
CA GLY C 160 16.96 0.90 17.69
C GLY C 160 17.29 -0.43 17.04
N ALA C 161 17.45 -0.47 15.71
CA ALA C 161 17.87 -1.70 15.06
C ALA C 161 19.22 -2.19 15.58
N GLU C 162 20.12 -1.27 15.95
CA GLU C 162 21.40 -1.65 16.56
C GLU C 162 21.19 -2.45 17.83
N TRP C 163 20.23 -2.00 18.66
CA TRP C 163 19.95 -2.62 19.94
C TRP C 163 19.42 -4.04 19.80
N ILE C 164 18.86 -4.38 18.65
CA ILE C 164 18.02 -5.56 18.52
C ILE C 164 18.60 -6.63 17.58
N ARG C 165 19.32 -6.25 16.50
CA ARG C 165 20.00 -7.25 15.66
C ARG C 165 20.61 -8.38 16.46
N GLY C 166 20.41 -9.61 15.99
CA GLY C 166 21.20 -10.70 16.52
C GLY C 166 20.94 -11.04 17.96
N THR C 167 19.90 -10.49 18.56
CA THR C 167 19.50 -10.81 19.92
C THR C 167 18.26 -11.71 19.97
N ASN C 168 17.67 -12.04 18.82
CA ASN C 168 16.37 -12.70 18.83
C ASN C 168 16.45 -14.10 19.44
N ALA C 169 17.53 -14.84 19.15
CA ALA C 169 17.65 -16.18 19.71
C ALA C 169 17.76 -16.14 21.23
N ALA C 170 18.43 -15.13 21.77
CA ALA C 170 18.57 -15.00 23.22
C ALA C 170 17.34 -14.35 23.84
N ARG C 171 16.80 -13.31 23.20
CA ARG C 171 15.54 -12.73 23.66
C ARG C 171 14.44 -13.80 23.70
N THR C 172 14.36 -14.63 22.68
CA THR C 172 13.35 -15.68 22.67
C THR C 172 13.67 -16.78 23.67
N ASP C 173 14.96 -17.11 23.82
CA ASP C 173 15.36 -18.11 24.81
C ASP C 173 15.00 -17.66 26.22
N MET C 174 15.20 -16.38 26.53
CA MET C 174 14.77 -15.82 27.81
C MET C 174 13.31 -16.13 28.08
N ARG C 175 12.46 -15.93 27.08
CA ARG C 175 11.03 -16.17 27.21
C ARG C 175 10.72 -17.66 27.37
N CYS C 176 11.40 -18.50 26.59
CA CYS C 176 11.26 -19.94 26.77
C CYS C 176 11.66 -20.35 28.18
N ALA C 177 12.67 -19.68 28.74
CA ALA C 177 13.14 -20.01 30.08
C ALA C 177 12.10 -19.63 31.14
N GLU C 178 11.46 -18.47 30.98
CA GLU C 178 10.43 -18.10 31.94
C GLU C 178 9.27 -19.07 31.89
N ILE C 179 8.83 -19.44 30.67
CA ILE C 179 7.64 -20.29 30.53
C ILE C 179 7.92 -21.66 31.11
N ALA C 180 9.08 -22.22 30.77
CA ALA C 180 9.49 -23.50 31.33
C ALA C 180 9.57 -23.42 32.85
N ALA C 181 10.14 -22.34 33.38
CA ALA C 181 10.26 -22.18 34.83
C ALA C 181 8.89 -22.14 35.49
N ILE C 182 7.96 -21.36 34.93
CA ILE C 182 6.64 -21.21 35.53
C ILE C 182 5.85 -22.51 35.41
N LEU C 183 5.84 -23.09 34.22
CA LEU C 183 5.05 -24.30 34.00
C LEU C 183 5.58 -25.46 34.83
N SER C 184 6.91 -25.62 34.89
CA SER C 184 7.49 -26.68 35.70
C SER C 184 7.13 -26.50 37.17
N GLY C 185 7.22 -25.26 37.67
CA GLY C 185 6.85 -25.01 39.06
C GLY C 185 5.37 -25.23 39.33
N TYR C 186 4.52 -24.90 38.35
CA TYR C 186 3.09 -25.17 38.45
C TYR C 186 2.84 -26.66 38.65
N VAL C 187 3.55 -27.51 37.90
CA VAL C 187 3.39 -28.95 38.01
C VAL C 187 3.95 -29.44 39.34
N ARG C 188 5.08 -28.89 39.77
CA ARG C 188 5.66 -29.25 41.05
C ARG C 188 4.71 -28.92 42.20
N TRP C 189 4.07 -27.75 42.13
CA TRP C 189 3.13 -27.36 43.17
C TRP C 189 1.87 -28.22 43.18
N MET C 190 1.63 -28.97 42.11
CA MET C 190 0.54 -29.93 42.05
C MET C 190 0.97 -31.30 42.57
N GLY C 191 2.23 -31.47 42.93
CA GLY C 191 2.71 -32.69 43.54
C GLY C 191 3.51 -33.62 42.65
N PHE C 192 3.91 -33.17 41.47
CA PHE C 192 4.60 -34.03 40.52
C PHE C 192 5.97 -33.46 40.21
N PRO C 193 7.03 -34.28 40.19
CA PRO C 193 8.34 -33.78 39.82
C PRO C 193 8.35 -33.31 38.37
N ALA C 194 8.89 -32.12 38.15
CA ALA C 194 8.95 -31.55 36.81
C ALA C 194 10.18 -30.67 36.69
N ARG C 195 10.77 -30.65 35.50
CA ARG C 195 11.98 -29.91 35.25
C ARG C 195 11.84 -29.20 33.92
N GLY C 196 12.04 -27.87 33.94
CA GLY C 196 12.01 -27.11 32.70
C GLY C 196 13.34 -27.13 31.99
N HIS C 197 13.28 -27.06 30.67
CA HIS C 197 14.48 -27.12 29.82
C HIS C 197 14.39 -26.05 28.75
N PHE C 198 15.53 -25.46 28.40
CA PHE C 198 15.62 -24.61 27.23
C PHE C 198 17.06 -24.64 26.79
N SER C 199 17.38 -23.89 25.72
CA SER C 199 18.71 -24.01 25.11
C SER C 199 19.84 -23.69 26.09
N GLY C 200 19.60 -22.78 27.04
CA GLY C 200 20.63 -22.44 28.00
C GLY C 200 20.82 -23.46 29.11
N ASP C 201 19.84 -24.36 29.31
CA ASP C 201 19.93 -25.37 30.36
C ASP C 201 18.93 -26.48 30.05
N ALA C 202 19.42 -27.56 29.44
CA ALA C 202 18.56 -28.66 29.03
C ALA C 202 19.21 -29.99 29.36
N GLN C 203 18.40 -30.92 29.87
CA GLN C 203 18.83 -32.29 30.13
C GLN C 203 18.32 -33.27 29.09
N VAL C 204 17.60 -32.77 28.07
CA VAL C 204 17.05 -33.58 26.99
C VAL C 204 17.33 -32.87 25.68
N ASP C 205 17.15 -33.58 24.58
CA ASP C 205 17.39 -33.03 23.25
C ASP C 205 16.12 -32.32 22.79
N LEU C 206 16.15 -30.99 22.83
CA LEU C 206 14.95 -30.19 22.56
C LEU C 206 14.46 -30.41 21.14
N ALA C 207 15.36 -30.36 20.17
CA ALA C 207 14.97 -30.47 18.76
C ALA C 207 14.26 -31.79 18.49
N ARG C 208 14.83 -32.91 18.95
CA ARG C 208 14.19 -34.21 18.72
C ARG C 208 12.81 -34.25 19.36
N LEU C 209 12.64 -33.62 20.52
CA LEU C 209 11.33 -33.61 21.17
C LEU C 209 10.37 -32.68 20.44
N ALA C 210 10.86 -31.54 19.94
CA ALA C 210 10.02 -30.66 19.13
C ALA C 210 9.42 -31.40 17.94
N VAL C 211 10.21 -32.27 17.30
CA VAL C 211 9.71 -33.05 16.18
C VAL C 211 8.74 -34.12 16.66
N ARG C 212 9.14 -34.88 17.69
CA ARG C 212 8.29 -35.97 18.16
C ARG C 212 6.96 -35.46 18.70
N ALA C 213 6.93 -34.23 19.24
CA ALA C 213 5.69 -33.67 19.75
C ALA C 213 4.84 -33.02 18.67
N GLY C 214 5.37 -32.84 17.47
CA GLY C 214 4.59 -32.35 16.35
C GLY C 214 4.63 -30.85 16.13
N LEU C 215 5.69 -30.17 16.58
CA LEU C 215 5.81 -28.72 16.41
C LEU C 215 6.64 -28.33 15.20
N ALA C 216 7.65 -29.12 14.86
CA ALA C 216 8.54 -28.74 13.77
C ALA C 216 8.92 -29.98 12.97
N ARG C 217 9.64 -29.71 11.91
CA ARG C 217 10.05 -30.72 10.96
C ARG C 217 11.39 -30.21 10.45
N VAL C 218 12.23 -31.09 9.90
CA VAL C 218 13.62 -30.75 9.62
C VAL C 218 13.80 -30.41 8.14
N VAL C 219 14.56 -29.35 7.86
CA VAL C 219 14.86 -28.93 6.49
C VAL C 219 16.31 -28.49 6.44
N ASP C 220 17.13 -29.19 5.64
CA ASP C 220 18.57 -28.97 5.55
C ASP C 220 19.21 -28.82 6.93
N GLY C 221 18.83 -29.69 7.87
CA GLY C 221 19.44 -29.75 9.18
C GLY C 221 18.84 -28.85 10.24
N VAL C 222 17.87 -28.01 9.88
CA VAL C 222 17.31 -27.02 10.80
C VAL C 222 15.83 -27.31 11.00
N LEU C 223 15.36 -27.05 12.22
CA LEU C 223 13.93 -27.14 12.52
C LEU C 223 13.17 -26.05 11.79
N VAL C 224 12.07 -26.43 11.15
CA VAL C 224 11.15 -25.49 10.50
C VAL C 224 9.75 -25.78 11.03
N ALA C 225 9.14 -24.77 11.66
CA ALA C 225 7.81 -24.97 12.22
C ALA C 225 6.77 -24.27 11.37
N PRO C 226 5.60 -24.88 11.17
CA PRO C 226 4.54 -24.19 10.42
C PRO C 226 4.15 -22.90 11.13
N PHE C 227 3.70 -21.93 10.34
CA PHE C 227 3.16 -20.67 10.86
C PHE C 227 4.21 -19.74 11.49
N LEU C 228 5.31 -20.26 12.02
CA LEU C 228 6.32 -19.42 12.67
C LEU C 228 7.43 -19.08 11.67
N ARG C 229 7.06 -18.25 10.70
CA ARG C 229 7.91 -18.02 9.54
C ARG C 229 9.14 -17.16 9.85
N ARG C 230 9.16 -16.43 10.97
CA ARG C 230 10.32 -15.61 11.29
C ARG C 230 11.24 -16.26 12.33
N GLY C 231 11.09 -17.56 12.57
CA GLY C 231 11.97 -18.30 13.45
C GLY C 231 11.37 -18.47 14.85
N PHE C 232 12.02 -19.34 15.63
CA PHE C 232 11.50 -19.67 16.95
C PHE C 232 12.59 -20.31 17.78
N ARG C 233 12.33 -20.40 19.09
CA ARG C 233 13.16 -21.14 20.03
C ARG C 233 12.26 -22.02 20.89
N LEU C 234 12.87 -22.97 21.58
CA LEU C 234 12.14 -24.06 22.22
C LEU C 234 12.30 -24.05 23.73
N GLY C 235 11.23 -24.46 24.41
CA GLY C 235 11.30 -24.84 25.81
C GLY C 235 10.56 -26.15 26.01
N VAL C 236 10.98 -26.88 27.05
CA VAL C 236 10.39 -28.18 27.37
C VAL C 236 10.21 -28.29 28.87
N VAL C 237 9.13 -28.95 29.29
CA VAL C 237 8.94 -29.36 30.67
C VAL C 237 8.77 -30.88 30.66
N THR C 238 9.72 -31.59 31.25
CA THR C 238 9.64 -33.03 31.43
C THR C 238 9.10 -33.33 32.82
N THR C 239 8.34 -34.41 32.93
CA THR C 239 7.64 -34.69 34.18
C THR C 239 7.07 -36.11 34.14
N GLY C 240 6.90 -36.69 35.33
CA GLY C 240 6.14 -37.92 35.45
C GLY C 240 4.65 -37.73 35.33
N TYR C 241 4.16 -36.51 35.55
CA TYR C 241 2.77 -36.10 35.33
C TYR C 241 2.29 -36.59 33.98
N ALA C 242 1.49 -37.66 33.97
CA ALA C 242 1.15 -38.35 32.73
C ALA C 242 0.20 -37.51 31.88
N LEU C 243 0.49 -37.43 30.59
CA LEU C 243 -0.23 -36.55 29.67
C LEU C 243 -0.56 -37.30 28.38
N ALA C 244 -1.67 -36.90 27.77
CA ALA C 244 -1.99 -37.39 26.43
C ALA C 244 -1.01 -36.79 25.43
N ALA C 245 -0.45 -37.62 24.56
CA ALA C 245 0.59 -37.19 23.63
C ALA C 245 0.00 -36.83 22.27
N ASP C 246 0.73 -36.00 21.55
CA ASP C 246 0.38 -35.60 20.20
C ASP C 246 1.22 -36.36 19.19
N ARG C 247 0.90 -36.13 17.92
CA ARG C 247 1.46 -36.84 16.79
C ARG C 247 2.38 -35.93 15.99
N PRO C 248 3.46 -36.46 15.43
CA PRO C 248 4.38 -35.59 14.68
C PRO C 248 3.79 -35.13 13.36
N LEU C 249 4.37 -34.07 12.83
CA LEU C 249 3.96 -33.56 11.53
C LEU C 249 4.40 -34.53 10.44
N ALA C 250 3.59 -34.64 9.40
CA ALA C 250 4.02 -35.30 8.18
C ALA C 250 5.38 -34.77 7.75
N PRO C 251 6.40 -35.62 7.62
CA PRO C 251 7.78 -35.11 7.50
C PRO C 251 8.12 -34.52 6.14
N GLU C 252 7.33 -34.82 5.11
CA GLU C 252 7.53 -34.27 3.77
C GLU C 252 6.20 -33.73 3.26
N GLY C 253 6.24 -32.60 2.58
CA GLY C 253 5.08 -32.09 1.87
C GLY C 253 4.50 -30.83 2.48
N ASP C 254 3.19 -30.66 2.25
CA ASP C 254 2.54 -29.36 2.44
C ASP C 254 2.18 -29.10 3.91
N LEU C 255 1.48 -30.05 4.53
CA LEU C 255 0.87 -29.96 5.87
C LEU C 255 -0.51 -29.30 5.83
N GLY C 256 -0.73 -28.39 4.89
CA GLY C 256 -2.00 -27.72 4.75
C GLY C 256 -2.11 -26.39 5.45
N GLU C 257 -1.02 -25.62 5.53
CA GLU C 257 -1.04 -24.36 6.25
C GLU C 257 -1.85 -23.29 5.54
N THR C 258 -2.14 -23.50 4.26
CA THR C 258 -2.87 -22.53 3.45
C THR C 258 -4.16 -23.11 2.90
N ALA C 259 -4.72 -24.12 3.54
CA ALA C 259 -6.08 -24.51 3.20
C ALA C 259 -7.00 -23.32 3.46
N PRO C 260 -8.08 -23.18 2.69
CA PRO C 260 -8.93 -21.99 2.86
C PRO C 260 -9.43 -21.81 4.29
N GLU C 261 -9.73 -22.90 4.98
CA GLU C 261 -10.21 -22.80 6.36
C GLU C 261 -9.14 -22.23 7.28
N VAL C 262 -7.86 -22.58 7.03
CA VAL C 262 -6.78 -22.04 7.83
C VAL C 262 -6.48 -20.60 7.44
N MET C 263 -6.46 -20.33 6.15
CA MET C 263 -6.17 -18.99 5.64
C MET C 263 -7.17 -17.96 6.18
N LEU C 264 -8.46 -18.29 6.12
CA LEU C 264 -9.48 -17.39 6.62
C LEU C 264 -9.68 -17.49 8.13
N GLY C 265 -9.20 -18.57 8.74
CA GLY C 265 -9.30 -18.76 10.17
C GLY C 265 -10.73 -18.87 10.64
N ILE C 266 -11.49 -19.79 10.05
CA ILE C 266 -12.93 -19.87 10.33
C ILE C 266 -13.21 -20.35 11.74
N ASP C 267 -12.29 -21.09 12.35
CA ASP C 267 -12.47 -21.58 13.71
C ASP C 267 -12.14 -20.52 14.76
N GLY C 268 -11.84 -19.31 14.35
CA GLY C 268 -11.39 -18.27 15.24
C GLY C 268 -9.89 -18.09 15.30
N THR C 269 -9.15 -18.69 14.38
CA THR C 269 -7.70 -18.73 14.46
C THR C 269 -7.07 -17.57 13.68
N ARG C 270 -5.76 -17.46 13.82
CA ARG C 270 -5.00 -16.41 13.19
C ARG C 270 -5.15 -16.46 11.67
N PRO C 271 -5.58 -15.37 11.03
CA PRO C 271 -5.66 -15.37 9.57
C PRO C 271 -4.27 -15.49 8.97
N GLY C 272 -4.17 -16.23 7.86
CA GLY C 272 -2.89 -16.43 7.21
C GLY C 272 -2.22 -15.16 6.75
N TRP C 273 -2.99 -14.08 6.56
CA TRP C 273 -2.44 -12.82 6.09
C TRP C 273 -1.99 -11.89 7.19
N GLU C 274 -2.23 -12.24 8.46
CA GLU C 274 -2.01 -11.28 9.55
C GLU C 274 -0.53 -11.02 9.76
N ASP C 275 0.31 -12.05 9.69
CA ASP C 275 1.75 -11.86 9.76
C ASP C 275 2.21 -10.79 8.77
N ALA C 276 1.87 -10.99 7.49
CA ALA C 276 2.33 -10.11 6.44
C ALA C 276 1.72 -8.71 6.57
N GLU C 277 0.44 -8.63 6.94
CA GLU C 277 -0.16 -7.32 7.13
C GLU C 277 0.46 -6.58 8.31
N GLU C 278 0.69 -7.29 9.42
CA GLU C 278 1.28 -6.67 10.60
C GLU C 278 2.66 -6.10 10.30
N GLU C 279 3.45 -6.81 9.48
CA GLU C 279 4.78 -6.35 9.13
C GLU C 279 4.79 -5.14 8.21
N LYS C 280 3.63 -4.73 7.68
CA LYS C 280 3.57 -3.48 6.92
C LYS C 280 3.71 -2.26 7.83
N ARG C 281 3.35 -2.40 9.12
CA ARG C 281 3.49 -1.32 10.10
C ARG C 281 4.90 -1.30 10.66
N PRO C 282 5.46 -0.11 10.93
CA PRO C 282 6.70 -0.06 11.69
C PRO C 282 6.53 -0.71 13.05
N LEU C 283 7.63 -1.29 13.56
CA LEU C 283 7.57 -1.91 14.87
C LEU C 283 7.26 -0.87 15.95
N HIS C 284 7.85 0.32 15.84
CA HIS C 284 7.66 1.34 16.86
C HIS C 284 6.25 1.89 16.94
N MET C 285 5.36 1.49 16.04
CA MET C 285 3.99 1.96 16.06
C MET C 285 3.04 1.03 16.81
N GLY C 286 3.51 -0.16 17.20
CA GLY C 286 2.68 -1.09 17.94
C GLY C 286 1.65 -1.80 17.09
N ARG C 287 0.98 -2.79 17.68
CA ARG C 287 0.02 -3.59 16.93
C ARG C 287 -1.35 -2.92 16.85
N TYR C 288 -1.70 -2.08 17.83
CA TYR C 288 -2.96 -1.36 17.81
C TYR C 288 -2.77 0.05 17.27
N PRO C 289 -3.73 0.58 16.52
CA PRO C 289 -3.52 1.87 15.84
C PRO C 289 -3.78 3.08 16.75
N MET C 290 -2.93 3.22 17.78
CA MET C 290 -3.03 4.37 18.66
C MET C 290 -2.88 5.68 17.92
N GLU C 291 -2.26 5.66 16.74
CA GLU C 291 -2.09 6.87 15.94
C GLU C 291 -3.42 7.45 15.46
N THR C 292 -4.50 6.69 15.53
CA THR C 292 -5.83 7.12 15.10
C THR C 292 -6.69 7.65 16.25
N ILE C 293 -6.13 7.75 17.44
CA ILE C 293 -6.83 8.29 18.61
C ILE C 293 -6.49 9.76 18.74
N ARG C 294 -7.50 10.59 19.00
CA ARG C 294 -7.25 12.02 19.17
C ARG C 294 -6.29 12.26 20.33
N ARG C 295 -5.40 13.23 20.15
CA ARG C 295 -4.51 13.66 21.20
C ARG C 295 -4.90 15.07 21.67
N VAL C 296 -4.63 15.34 22.94
CA VAL C 296 -4.91 16.63 23.55
C VAL C 296 -3.70 17.03 24.40
N ASP C 297 -3.52 18.34 24.57
CA ASP C 297 -2.39 18.83 25.37
C ASP C 297 -2.59 18.53 26.85
N GLU C 298 -3.79 18.78 27.35
CA GLU C 298 -4.17 18.48 28.71
C GLU C 298 -5.14 17.29 28.72
N PRO C 299 -5.10 16.45 29.76
CA PRO C 299 -5.98 15.27 29.77
C PRO C 299 -7.45 15.65 29.85
N THR C 300 -8.30 14.67 29.52
CA THR C 300 -9.74 14.85 29.49
C THR C 300 -10.35 15.08 30.88
N THR C 301 -9.60 14.82 31.94
CA THR C 301 -10.04 15.11 33.29
C THR C 301 -9.09 16.12 33.93
N LEU C 302 -9.63 16.92 34.84
CA LEU C 302 -8.85 18.00 35.44
C LEU C 302 -7.69 17.45 36.26
N VAL C 303 -6.56 18.15 36.21
CA VAL C 303 -5.36 17.75 36.93
C VAL C 303 -4.67 19.02 37.45
N VAL C 304 -4.73 19.24 38.75
CA VAL C 304 -4.24 20.48 39.36
C VAL C 304 -2.95 20.18 40.12
N ARG C 305 -1.80 20.32 39.44
CA ARG C 305 -0.54 19.88 40.01
C ARG C 305 -0.19 20.63 41.29
N GLN C 306 -0.54 21.92 41.36
CA GLN C 306 -0.26 22.70 42.57
C GLN C 306 -1.00 22.17 43.79
N GLU C 307 -1.98 21.29 43.61
CA GLU C 307 -2.78 20.76 44.70
C GLU C 307 -2.58 19.26 44.93
N ILE C 308 -1.69 18.61 44.17
CA ILE C 308 -1.47 17.18 44.34
C ILE C 308 -0.38 16.99 45.39
N GLN C 309 -0.72 16.30 46.47
CA GLN C 309 0.25 15.94 47.50
C GLN C 309 0.82 14.56 47.23
N ARG C 310 2.09 14.39 47.57
CA ARG C 310 2.72 13.09 47.41
C ARG C 310 2.37 12.19 48.59
N VAL C 311 2.24 10.90 48.31
CA VAL C 311 1.67 9.93 49.24
C VAL C 311 2.79 9.02 49.75
N ALA C 312 2.76 8.73 51.05
CA ALA C 312 3.64 7.70 51.59
C ALA C 312 3.33 6.37 50.90
N LYS C 313 4.38 5.63 50.52
CA LYS C 313 4.13 4.28 50.02
C LYS C 313 3.41 3.43 51.05
N ARG C 314 3.52 3.78 52.33
CA ARG C 314 2.78 3.14 53.40
C ARG C 314 1.27 3.32 53.26
N GLY C 315 0.82 4.21 52.37
CA GLY C 315 -0.59 4.48 52.16
C GLY C 315 -1.25 3.56 51.15
N ASP C 316 -0.43 2.95 50.28
CA ASP C 316 -0.84 1.77 49.53
C ASP C 316 -1.64 0.84 50.43
N PHE C 317 -2.90 0.58 50.04
CA PHE C 317 -3.78 -0.15 50.94
C PHE C 317 -3.40 -1.62 51.08
N PHE C 318 -2.58 -2.16 50.17
CA PHE C 318 -1.98 -3.47 50.44
C PHE C 318 -0.98 -3.37 51.58
N LYS C 319 -0.18 -2.30 51.60
CA LYS C 319 0.73 -2.06 52.71
C LYS C 319 -0.05 -1.74 53.98
N ARG C 320 -1.17 -1.03 53.86
CA ARG C 320 -2.05 -0.83 55.02
C ARG C 320 -2.59 -2.15 55.53
N ALA C 321 -2.98 -3.04 54.63
CA ALA C 321 -3.45 -4.37 55.04
C ALA C 321 -2.33 -5.14 55.73
N GLU C 322 -1.14 -5.16 55.11
CA GLU C 322 0.02 -5.85 55.69
C GLU C 322 0.30 -5.38 57.12
N ALA C 323 0.13 -4.09 57.38
CA ALA C 323 0.51 -3.49 58.65
C ALA C 323 -0.58 -3.56 59.71
N GLY C 324 -1.77 -4.11 59.39
CA GLY C 324 -2.83 -4.26 60.35
C GLY C 324 -3.91 -3.19 60.30
N ASP C 325 -3.73 -2.16 59.45
CA ASP C 325 -4.69 -1.06 59.35
C ASP C 325 -6.11 -1.54 59.07
N LEU C 326 -6.26 -2.72 58.45
CA LEU C 326 -7.56 -3.20 57.99
C LEU C 326 -8.05 -4.40 58.80
N GLY C 327 -7.47 -4.66 59.96
CA GLY C 327 -7.88 -5.78 60.78
C GLY C 327 -7.05 -7.03 60.53
N GLU C 328 -7.29 -8.04 61.37
CA GLU C 328 -6.39 -9.18 61.43
C GLU C 328 -6.58 -10.17 60.28
N LYS C 329 -7.79 -10.30 59.75
CA LYS C 329 -7.99 -11.22 58.63
C LYS C 329 -7.30 -10.72 57.37
N ALA C 330 -7.46 -9.44 57.05
CA ALA C 330 -6.74 -8.84 55.94
C ALA C 330 -5.24 -8.88 56.19
N LYS C 331 -4.84 -8.52 57.40
CA LYS C 331 -3.44 -8.61 57.81
C LYS C 331 -2.88 -10.02 57.55
N GLN C 332 -3.64 -11.05 57.93
CA GLN C 332 -3.13 -12.42 57.87
C GLN C 332 -3.03 -12.92 56.43
N GLU C 333 -3.95 -12.48 55.56
CA GLU C 333 -4.05 -13.00 54.21
C GLU C 333 -3.23 -12.22 53.19
N LYS C 334 -2.52 -11.17 53.62
CA LYS C 334 -1.93 -10.23 52.66
C LYS C 334 -0.87 -10.88 51.78
N LYS C 335 -0.06 -11.79 52.34
CA LYS C 335 0.97 -12.43 51.54
C LYS C 335 0.39 -13.51 50.63
N ARG C 336 -0.72 -14.12 51.03
CA ARG C 336 -1.22 -15.34 50.44
C ARG C 336 -2.26 -15.13 49.35
N PHE C 337 -3.05 -14.06 49.42
CA PHE C 337 -4.24 -13.95 48.59
C PHE C 337 -4.02 -14.07 47.07
N PRO C 338 -2.93 -13.59 46.47
CA PRO C 338 -2.75 -13.82 45.04
C PRO C 338 -2.05 -15.13 44.72
N MET C 339 -1.55 -15.83 45.74
CA MET C 339 -0.77 -17.04 45.56
C MET C 339 -1.51 -18.30 46.01
N LYS C 340 -2.84 -18.26 46.03
CA LYS C 340 -3.61 -19.45 46.37
C LYS C 340 -3.56 -20.52 45.28
N HIS C 341 -3.27 -20.15 44.03
CA HIS C 341 -3.32 -21.10 42.94
C HIS C 341 -1.91 -21.53 42.52
N PRO C 342 -1.70 -22.83 42.28
CA PRO C 342 -0.36 -23.32 41.94
C PRO C 342 0.30 -22.61 40.77
N LEU C 343 -0.46 -22.20 39.75
CA LEU C 343 0.11 -21.50 38.61
C LEU C 343 0.71 -20.16 39.03
N ALA C 344 0.01 -19.41 39.87
CA ALA C 344 0.58 -18.18 40.42
C ALA C 344 1.84 -18.49 41.21
N LEU C 345 1.82 -19.57 42.00
CA LEU C 345 2.98 -19.96 42.79
C LEU C 345 4.18 -20.28 41.91
N GLY C 346 3.94 -20.79 40.70
CA GLY C 346 5.03 -20.98 39.77
C GLY C 346 5.68 -19.68 39.34
N MET C 347 4.90 -18.60 39.28
CA MET C 347 5.42 -17.32 38.84
C MET C 347 6.18 -16.59 39.94
N GLN C 348 5.86 -16.89 41.20
CA GLN C 348 6.38 -16.12 42.33
C GLN C 348 7.90 -16.04 42.38
N PRO C 349 8.67 -17.12 42.23
CA PRO C 349 10.14 -16.97 42.30
C PRO C 349 10.68 -15.99 41.27
N LEU C 350 10.13 -16.00 40.06
CA LEU C 350 10.54 -15.05 39.03
C LEU C 350 10.19 -13.63 39.45
N ILE C 351 8.94 -13.40 39.88
CA ILE C 351 8.50 -12.07 40.27
C ILE C 351 9.40 -11.49 41.34
N GLN C 352 9.72 -12.29 42.36
CA GLN C 352 10.44 -11.75 43.52
C GLN C 352 11.93 -11.59 43.24
N ASN C 353 12.53 -12.51 42.49
CA ASN C 353 13.95 -12.43 42.22
C ASN C 353 14.31 -11.49 41.07
N MET C 354 13.32 -10.93 40.37
CA MET C 354 13.60 -9.81 39.46
C MET C 354 13.73 -8.49 40.21
N VAL C 355 13.21 -8.41 41.44
CA VAL C 355 13.24 -7.16 42.18
C VAL C 355 14.66 -6.63 42.35
N PRO C 356 15.66 -7.43 42.71
CA PRO C 356 17.01 -6.88 42.89
C PRO C 356 17.66 -6.35 41.61
N LEU C 357 17.10 -6.64 40.44
CA LEU C 357 17.70 -6.23 39.17
C LEU C 357 17.01 -5.01 38.55
N GLN C 358 16.17 -4.30 39.31
CA GLN C 358 15.31 -3.30 38.70
C GLN C 358 16.08 -2.04 38.31
N GLY C 359 17.13 -1.66 39.06
CA GLY C 359 18.01 -0.66 38.50
C GLY C 359 18.39 0.44 39.49
N THR C 360 18.84 1.56 38.92
CA THR C 360 19.58 2.59 39.65
C THR C 360 18.76 3.86 39.84
N ARG C 361 19.07 4.57 40.91
CA ARG C 361 18.50 5.89 41.15
C ARG C 361 19.49 7.04 40.96
N GLU C 362 20.79 6.78 41.07
CA GLU C 362 21.80 7.80 40.88
C GLU C 362 22.05 8.03 39.39
N LYS C 363 22.54 9.23 39.06
CA LYS C 363 22.82 9.57 37.68
C LYS C 363 23.93 8.69 37.11
N LEU C 364 23.92 8.50 35.80
CA LEU C 364 24.94 7.73 35.11
C LEU C 364 25.63 8.57 34.05
N ALA C 365 26.86 8.17 33.72
CA ALA C 365 27.66 8.80 32.70
C ALA C 365 27.38 8.17 31.34
N PRO C 366 26.99 8.95 30.34
CA PRO C 366 26.79 8.38 28.99
C PRO C 366 28.01 7.61 28.53
N THR C 367 27.76 6.37 28.10
CA THR C 367 28.79 5.49 27.58
C THR C 367 29.11 5.72 26.11
N GLY C 368 28.18 6.26 25.33
CA GLY C 368 28.39 6.29 23.89
C GLY C 368 28.08 4.99 23.21
N LYS C 369 27.70 3.95 23.96
CA LYS C 369 27.07 2.78 23.38
C LYS C 369 25.61 3.08 23.05
N GLY C 370 25.08 2.33 22.10
CA GLY C 370 23.71 2.46 21.68
C GLY C 370 23.48 3.30 20.44
N GLY C 371 24.55 3.75 19.78
CA GLY C 371 24.39 4.55 18.58
C GLY C 371 24.02 5.99 18.89
N ASP C 372 23.47 6.65 17.87
CA ASP C 372 23.18 8.08 17.95
C ASP C 372 21.97 8.31 18.85
N LEU C 373 22.21 8.93 20.01
CA LEU C 373 21.15 9.27 20.96
C LEU C 373 20.90 10.77 21.03
N SER C 374 21.24 11.51 19.96
CA SER C 374 21.07 12.95 19.95
C SER C 374 19.65 13.38 19.62
N ASP C 375 18.84 12.51 19.00
CA ASP C 375 17.47 12.85 18.64
C ASP C 375 16.50 12.20 19.61
N PRO C 376 15.81 12.97 20.45
CA PRO C 376 14.81 12.35 21.34
C PRO C 376 13.68 11.66 20.60
N GLY C 377 13.25 12.21 19.45
CA GLY C 377 12.20 11.57 18.67
C GLY C 377 12.59 10.17 18.22
N ARG C 378 13.84 10.00 17.79
CA ARG C 378 14.31 8.67 17.42
C ARG C 378 14.42 7.77 18.66
N ASN C 379 14.85 8.35 19.78
CA ASN C 379 14.98 7.57 21.02
C ASN C 379 13.64 7.03 21.48
N ALA C 380 12.58 7.85 21.41
CA ALA C 380 11.24 7.37 21.71
C ALA C 380 10.87 6.19 20.82
N GLU C 381 11.09 6.32 19.52
CA GLU C 381 10.76 5.26 18.58
C GLU C 381 11.52 3.98 18.89
N ALA C 382 12.79 4.10 19.29
CA ALA C 382 13.58 2.91 19.62
C ALA C 382 13.11 2.26 20.91
N ILE C 383 12.77 3.07 21.92
CA ILE C 383 12.26 2.53 23.17
C ILE C 383 10.92 1.83 22.92
N LYS C 384 10.06 2.43 22.10
CA LYS C 384 8.80 1.81 21.73
C LYS C 384 9.04 0.52 20.95
N ALA C 385 9.86 0.58 19.89
CA ALA C 385 10.22 -0.63 19.16
C ALA C 385 10.82 -1.67 20.09
N LEU C 386 11.62 -1.23 21.06
CA LEU C 386 12.24 -2.16 22.00
C LEU C 386 11.20 -2.86 22.85
N GLY C 387 10.22 -2.11 23.36
CA GLY C 387 9.16 -2.73 24.15
C GLY C 387 8.37 -3.74 23.36
N TYR C 388 7.91 -3.36 22.16
CA TYR C 388 7.10 -4.25 21.35
C TYR C 388 7.88 -5.51 20.97
N TYR C 389 9.17 -5.35 20.67
CA TYR C 389 10.03 -6.50 20.38
C TYR C 389 10.08 -7.47 21.56
N LEU C 390 10.08 -6.94 22.78
CA LEU C 390 10.16 -7.77 23.98
C LEU C 390 8.81 -8.34 24.39
N GLY C 391 7.72 -7.91 23.77
CA GLY C 391 6.41 -8.47 24.03
C GLY C 391 5.40 -7.56 24.69
N ALA C 392 5.68 -6.26 24.80
CA ALA C 392 4.67 -5.36 25.32
C ALA C 392 3.53 -5.22 24.32
N ASP C 393 2.37 -4.78 24.82
CA ASP C 393 1.22 -4.54 23.97
C ASP C 393 1.03 -3.06 23.64
N PHE C 394 1.40 -2.16 24.56
CA PHE C 394 1.43 -0.73 24.29
C PHE C 394 2.67 -0.15 24.94
N VAL C 395 3.19 0.92 24.34
CA VAL C 395 4.29 1.68 24.94
C VAL C 395 3.99 3.17 24.79
N GLY C 396 4.15 3.91 25.89
CA GLY C 396 4.01 5.35 25.86
C GLY C 396 5.04 5.98 26.78
N ILE C 397 5.32 7.25 26.53
CA ILE C 397 6.37 7.97 27.24
C ILE C 397 5.84 9.30 27.73
N CYS C 398 6.17 9.66 28.96
CA CYS C 398 5.84 10.97 29.50
C CYS C 398 6.95 11.39 30.46
N ARG C 399 6.97 12.68 30.80
CA ARG C 399 7.88 13.15 31.81
C ARG C 399 7.46 12.61 33.18
N ALA C 400 8.42 12.06 33.91
CA ALA C 400 8.17 11.53 35.25
C ALA C 400 8.16 12.70 36.23
N GLU C 401 6.99 13.26 36.42
CA GLU C 401 6.86 14.43 37.27
C GLU C 401 6.97 14.03 38.74
N PRO C 402 7.47 14.93 39.60
CA PRO C 402 7.78 14.54 40.99
C PRO C 402 6.56 14.07 41.77
N TRP C 403 5.39 14.65 41.52
CA TRP C 403 4.19 14.22 42.21
C TRP C 403 3.77 12.80 41.83
N MET C 404 4.40 12.21 40.81
CA MET C 404 4.15 10.82 40.44
C MET C 404 4.92 9.85 41.32
N TYR C 405 5.92 10.33 42.05
CA TYR C 405 6.69 9.51 42.99
C TYR C 405 6.02 9.50 44.35
N TYR C 406 6.16 8.39 45.07
CA TYR C 406 5.75 8.36 46.46
C TYR C 406 6.61 9.32 47.27
N ALA C 407 6.07 9.75 48.42
CA ALA C 407 6.83 10.64 49.29
C ALA C 407 7.92 9.89 50.03
N SER C 408 7.57 8.74 50.62
CA SER C 408 8.48 7.96 51.44
C SER C 408 8.30 6.49 51.12
N ASP C 409 9.34 5.70 51.39
CA ASP C 409 9.16 4.26 51.32
C ASP C 409 8.45 3.76 52.57
N GLU C 410 7.89 2.55 52.48
CA GLU C 410 7.06 2.02 53.55
C GLU C 410 7.83 1.21 54.57
N VAL C 411 9.09 0.89 54.32
CA VAL C 411 9.84 -0.03 55.19
C VAL C 411 10.51 0.73 56.33
N GLU C 412 11.13 1.85 55.97
CA GLU C 412 11.99 2.70 56.78
C GLU C 412 11.61 4.17 56.78
N GLY C 413 10.61 4.57 55.99
CA GLY C 413 10.13 5.92 56.01
C GLY C 413 11.03 6.92 55.33
N LYS C 414 12.17 6.47 54.82
CA LYS C 414 13.12 7.38 54.19
C LYS C 414 12.47 8.02 52.97
N PRO C 415 12.78 9.28 52.68
CA PRO C 415 12.21 9.93 51.50
C PRO C 415 12.53 9.17 50.22
N ILE C 416 11.67 9.36 49.22
CA ILE C 416 11.94 8.94 47.86
C ILE C 416 12.18 10.20 47.04
N GLU C 417 13.22 10.17 46.22
CA GLU C 417 13.56 11.30 45.37
C GLU C 417 12.99 11.10 43.97
N ALA C 418 12.67 12.21 43.32
CA ALA C 418 12.26 12.18 41.91
C ALA C 418 13.53 12.12 41.07
N TYR C 419 14.11 10.93 41.00
CA TYR C 419 15.47 10.77 40.52
C TYR C 419 15.59 10.61 39.00
N HIS C 420 14.50 10.38 38.28
CA HIS C 420 14.55 10.22 36.83
C HIS C 420 13.61 11.21 36.15
N ASP C 421 13.94 11.54 34.90
CA ASP C 421 13.22 12.58 34.16
C ASP C 421 12.03 12.06 33.37
N TYR C 422 12.07 10.81 32.92
CA TYR C 422 11.05 10.29 32.03
C TYR C 422 10.49 8.99 32.57
N ALA C 423 9.24 8.70 32.20
CA ALA C 423 8.57 7.45 32.54
C ALA C 423 8.20 6.74 31.24
N VAL C 424 8.65 5.51 31.09
CA VAL C 424 8.27 4.67 29.96
C VAL C 424 7.19 3.71 30.45
N VAL C 425 5.97 3.90 29.95
CA VAL C 425 4.79 3.20 30.44
C VAL C 425 4.39 2.15 29.41
N MET C 426 4.17 0.93 29.86
CA MET C 426 3.80 -0.16 28.96
C MET C 426 2.65 -0.96 29.53
N LEU C 427 1.70 -1.30 28.67
CA LEU C 427 0.53 -2.09 29.04
C LEU C 427 0.73 -3.52 28.61
N ILE C 428 0.50 -4.46 29.52
CA ILE C 428 0.37 -5.86 29.21
C ILE C 428 -1.12 -6.22 29.27
N ASP C 429 -1.67 -6.69 28.16
CA ASP C 429 -3.03 -7.20 28.13
C ASP C 429 -3.18 -8.35 29.12
N GLN C 430 -4.24 -8.39 29.94
CA GLN C 430 -4.29 -9.56 30.82
C GLN C 430 -4.89 -10.79 30.15
N GLY C 431 -5.64 -10.63 29.07
CA GLY C 431 -6.16 -11.81 28.39
C GLY C 431 -7.66 -11.87 28.29
N TYR C 432 -8.19 -11.63 27.09
CA TYR C 432 -9.64 -11.63 26.90
C TYR C 432 -10.21 -13.03 27.04
N GLU C 433 -9.64 -14.01 26.34
CA GLU C 433 -10.24 -15.34 26.28
C GLU C 433 -10.34 -15.98 27.66
N THR C 434 -9.25 -15.92 28.44
CA THR C 434 -9.27 -16.52 29.77
C THR C 434 -10.29 -15.83 30.67
N MET C 435 -10.22 -14.49 30.76
CA MET C 435 -11.17 -13.74 31.57
C MET C 435 -12.60 -13.96 31.15
N GLU C 436 -12.82 -14.38 29.92
CA GLU C 436 -14.15 -14.54 29.37
C GLU C 436 -14.82 -15.82 29.87
N GLY C 437 -14.03 -16.84 30.22
CA GLY C 437 -14.52 -18.01 30.93
C GLY C 437 -14.48 -17.90 32.43
N ALA C 438 -13.78 -16.90 32.97
CA ALA C 438 -13.64 -16.73 34.39
C ALA C 438 -14.80 -15.91 34.96
N SER C 439 -14.91 -15.92 36.28
CA SER C 439 -15.83 -15.04 36.98
C SER C 439 -15.23 -13.68 37.29
N GLY C 440 -13.91 -13.54 37.15
CA GLY C 440 -13.20 -12.38 37.59
C GLY C 440 -12.70 -12.48 39.02
N ASP C 441 -13.42 -13.19 39.88
CA ASP C 441 -13.01 -13.37 41.27
C ASP C 441 -12.89 -14.86 41.62
N ASP C 442 -12.58 -15.70 40.63
CA ASP C 442 -12.41 -17.12 40.87
C ASP C 442 -10.92 -17.44 41.03
N TRP C 443 -10.54 -18.69 40.76
CA TRP C 443 -9.22 -19.18 41.12
C TRP C 443 -8.13 -18.78 40.14
N ILE C 444 -8.50 -18.23 39.00
CA ILE C 444 -7.50 -17.80 38.01
C ILE C 444 -7.29 -16.30 38.02
N SER C 445 -8.07 -15.55 38.80
CA SER C 445 -8.01 -14.09 38.76
C SER C 445 -6.60 -13.59 39.03
N ALA C 446 -6.02 -14.00 40.17
CA ALA C 446 -4.70 -13.52 40.54
C ALA C 446 -3.62 -14.02 39.58
N SER C 447 -3.82 -15.19 38.97
CA SER C 447 -2.89 -15.64 37.95
C SER C 447 -2.92 -14.76 36.72
N GLN C 448 -4.09 -14.16 36.42
CA GLN C 448 -4.18 -13.27 35.27
C GLN C 448 -3.39 -11.99 35.50
N SER C 449 -3.51 -11.40 36.69
CA SER C 449 -2.73 -10.19 36.97
C SER C 449 -1.26 -10.54 37.21
N MET C 450 -0.98 -11.63 37.94
CA MET C 450 0.40 -11.99 38.22
C MET C 450 1.16 -12.30 36.94
N ARG C 451 0.49 -12.91 35.96
CA ARG C 451 1.12 -13.17 34.67
C ARG C 451 1.49 -11.86 33.98
N ALA C 452 0.58 -10.88 34.04
CA ALA C 452 0.88 -9.58 33.45
C ALA C 452 1.93 -8.83 34.27
N TYR C 453 1.85 -8.95 35.60
CA TYR C 453 2.85 -8.34 36.48
C TYR C 453 4.24 -8.88 36.19
N MET C 454 4.35 -10.21 36.08
CA MET C 454 5.65 -10.86 35.86
C MET C 454 6.20 -10.53 34.48
N ARG C 455 5.34 -10.59 33.45
CA ARG C 455 5.78 -10.36 32.08
C ARG C 455 6.22 -8.92 31.87
N GLY C 456 5.51 -7.96 32.47
CA GLY C 456 5.92 -6.58 32.37
C GLY C 456 7.20 -6.29 33.11
N ALA C 457 7.41 -6.95 34.27
CA ALA C 457 8.61 -6.71 35.06
C ALA C 457 9.85 -7.20 34.33
N GLU C 458 9.81 -8.41 33.79
CA GLU C 458 10.80 -8.90 32.82
C GLU C 458 11.11 -7.90 31.72
N ILE C 459 10.09 -7.47 30.98
CA ILE C 459 10.31 -6.59 29.84
C ILE C 459 10.96 -5.29 30.30
N ALA C 460 10.40 -4.66 31.32
CA ALA C 460 10.93 -3.40 31.81
C ALA C 460 12.29 -3.57 32.47
N GLY C 461 12.54 -4.73 33.10
CA GLY C 461 13.87 -4.98 33.63
C GLY C 461 14.94 -5.00 32.56
N VAL C 462 14.64 -5.63 31.42
CA VAL C 462 15.58 -5.70 30.31
C VAL C 462 15.80 -4.31 29.71
N MET C 463 14.72 -3.56 29.50
CA MET C 463 14.85 -2.25 28.85
C MET C 463 15.57 -1.26 29.75
N ALA C 464 15.23 -1.25 31.05
CA ALA C 464 15.96 -0.39 31.97
C ALA C 464 17.45 -0.72 31.97
N ALA C 465 17.78 -2.01 31.91
CA ALA C 465 19.18 -2.43 31.87
C ALA C 465 19.89 -1.88 30.63
N HIS C 466 19.22 -1.93 29.47
CA HIS C 466 19.85 -1.43 28.25
C HIS C 466 20.00 0.09 28.29
N CYS C 467 19.09 0.80 28.96
CA CYS C 467 19.29 2.22 29.18
C CYS C 467 20.52 2.46 30.03
N ARG C 468 20.73 1.61 31.05
CA ARG C 468 21.91 1.75 31.90
C ARG C 468 23.18 1.41 31.14
N ARG C 469 23.13 0.39 30.26
CA ARG C 469 24.28 0.09 29.41
C ARG C 469 24.69 1.30 28.58
N MET C 470 23.71 2.03 28.05
CA MET C 470 23.96 3.26 27.29
C MET C 470 24.31 4.43 28.19
N GLY C 471 24.55 4.19 29.48
CA GLY C 471 24.93 5.25 30.39
C GLY C 471 23.81 6.19 30.80
N TYR C 472 22.58 5.69 30.86
CA TYR C 472 21.44 6.49 31.30
C TYR C 472 20.73 5.75 32.41
N SER C 473 20.69 6.38 33.60
CA SER C 473 20.09 5.74 34.76
C SER C 473 18.65 5.34 34.47
N ALA C 474 18.29 4.14 34.91
CA ALA C 474 16.97 3.60 34.65
C ALA C 474 16.64 2.59 35.73
N ARG C 475 15.39 2.63 36.21
CA ARG C 475 14.91 1.68 37.19
C ARG C 475 13.46 1.35 36.88
N SER C 476 13.14 0.06 36.95
CA SER C 476 11.79 -0.41 36.69
C SER C 476 10.96 -0.36 37.98
N HIS C 477 9.64 -0.45 37.80
CA HIS C 477 8.69 -0.28 38.90
C HIS C 477 7.64 -1.37 38.83
N SER C 478 7.83 -2.38 39.67
CA SER C 478 7.17 -3.66 39.63
C SER C 478 5.86 -3.63 40.42
N ASN C 479 5.09 -4.71 40.29
CA ASN C 479 4.06 -4.97 41.30
C ASN C 479 4.71 -5.12 42.67
N ALA C 480 5.90 -5.72 42.72
CA ALA C 480 6.57 -6.00 43.98
C ALA C 480 7.32 -4.80 44.52
N HIS C 481 7.72 -3.88 43.66
CA HIS C 481 8.47 -2.70 44.12
C HIS C 481 8.34 -1.61 43.06
N SER C 482 7.48 -0.63 43.34
CA SER C 482 7.37 0.59 42.57
C SER C 482 7.69 1.76 43.48
N GLU C 483 8.28 2.81 42.92
CA GLU C 483 8.41 4.06 43.64
C GLU C 483 7.66 5.20 42.96
N VAL C 484 6.98 4.90 41.85
CA VAL C 484 6.04 5.81 41.23
C VAL C 484 4.66 5.18 41.27
N ILE C 485 3.64 6.04 41.20
CA ILE C 485 2.26 5.60 41.03
C ILE C 485 1.97 5.53 39.54
N HIS C 486 1.55 4.36 39.06
CA HIS C 486 1.46 4.14 37.61
C HIS C 486 0.37 5.00 36.97
N ASN C 487 -0.78 5.14 37.63
CA ASN C 487 -1.95 5.72 36.99
C ASN C 487 -1.72 7.09 36.36
N PRO C 488 -1.15 8.08 37.05
CA PRO C 488 -0.93 9.37 36.38
C PRO C 488 -0.01 9.24 35.17
N ALA C 489 0.92 8.29 35.20
CA ALA C 489 1.81 8.07 34.06
C ALA C 489 1.08 7.39 32.91
N ILE C 490 0.11 6.52 33.20
CA ILE C 490 -0.71 5.95 32.13
C ILE C 490 -1.53 7.06 31.49
N LEU C 491 -2.04 7.99 32.29
CA LEU C 491 -2.80 9.11 31.75
C LEU C 491 -1.90 10.01 30.90
N MET C 492 -0.79 10.46 31.48
CA MET C 492 0.03 11.46 30.78
C MET C 492 0.74 10.87 29.56
N ALA C 493 1.04 9.58 29.57
CA ALA C 493 1.63 8.95 28.38
C ALA C 493 0.60 8.67 27.30
N GLY C 494 -0.67 9.01 27.52
CA GLY C 494 -1.69 8.80 26.52
C GLY C 494 -2.02 7.35 26.23
N LEU C 495 -1.99 6.49 27.24
CA LEU C 495 -2.39 5.09 27.08
C LEU C 495 -3.77 4.79 27.67
N GLY C 496 -4.43 5.77 28.29
CA GLY C 496 -5.77 5.53 28.79
C GLY C 496 -6.43 6.81 29.22
N GLU C 497 -7.73 6.68 29.52
CA GLU C 497 -8.53 7.74 30.11
C GLU C 497 -9.01 7.29 31.49
N VAL C 498 -9.36 8.28 32.32
CA VAL C 498 -9.99 7.99 33.60
C VAL C 498 -11.30 7.29 33.36
N SER C 499 -11.53 6.18 34.07
CA SER C 499 -12.73 5.39 33.90
C SER C 499 -13.48 5.30 35.23
N ARG C 500 -14.74 4.83 35.16
CA ARG C 500 -15.54 4.70 36.36
C ARG C 500 -14.95 3.67 37.32
N ILE C 501 -14.25 2.66 36.79
CA ILE C 501 -13.67 1.63 37.64
C ILE C 501 -12.90 2.25 38.79
N GLY C 502 -12.24 3.39 38.52
CA GLY C 502 -11.77 4.24 39.60
C GLY C 502 -10.26 4.39 39.69
N ASP C 503 -9.61 3.37 40.23
CA ASP C 503 -8.15 3.29 40.26
C ASP C 503 -7.59 2.55 39.06
N THR C 504 -8.37 2.46 37.98
CA THR C 504 -7.96 1.85 36.72
C THR C 504 -8.25 2.82 35.59
N LEU C 505 -7.31 2.93 34.65
CA LEU C 505 -7.51 3.71 33.44
C LEU C 505 -7.83 2.76 32.29
N LEU C 506 -8.51 3.29 31.29
CA LEU C 506 -9.12 2.45 30.27
C LEU C 506 -8.59 2.88 28.90
N ASN C 507 -8.10 1.91 28.14
CA ASN C 507 -7.48 1.99 26.83
C ASN C 507 -8.51 1.72 25.74
N PRO C 508 -8.49 2.47 24.62
CA PRO C 508 -9.55 2.35 23.62
C PRO C 508 -9.52 1.05 22.83
N PHE C 509 -8.52 0.19 23.02
CA PHE C 509 -8.44 -1.04 22.26
C PHE C 509 -8.51 -2.29 23.10
N ILE C 510 -7.84 -2.32 24.26
CA ILE C 510 -7.93 -3.44 25.18
C ILE C 510 -8.76 -3.10 26.41
N GLY C 511 -9.50 -1.98 26.37
CA GLY C 511 -10.37 -1.59 27.45
C GLY C 511 -9.62 -1.45 28.76
N PRO C 512 -10.21 -1.92 29.85
CA PRO C 512 -9.52 -1.95 31.15
C PRO C 512 -8.68 -3.20 31.38
N ARG C 513 -8.55 -4.06 30.37
CA ARG C 513 -7.93 -5.38 30.51
C ARG C 513 -6.40 -5.33 30.55
N SER C 514 -5.84 -4.41 31.33
CA SER C 514 -4.43 -4.09 31.27
C SER C 514 -3.83 -4.03 32.66
N GLN C 515 -2.66 -4.66 32.83
CA GLN C 515 -1.71 -4.33 33.89
C GLN C 515 -0.56 -3.56 33.27
N SER C 516 -0.17 -2.47 33.93
CA SER C 516 0.90 -1.62 33.43
C SER C 516 2.22 -1.96 34.11
N ILE C 517 3.30 -1.73 33.39
CA ILE C 517 4.64 -1.71 33.96
C ILE C 517 5.28 -0.38 33.57
N VAL C 518 6.00 0.21 34.50
CA VAL C 518 6.72 1.46 34.28
C VAL C 518 8.19 1.21 34.57
N PHE C 519 9.06 1.86 33.80
CA PHE C 519 10.43 2.10 34.23
C PHE C 519 10.77 3.54 33.92
N THR C 520 11.42 4.20 34.86
CA THR C 520 11.83 5.59 34.71
C THR C 520 13.28 5.64 34.24
N THR C 521 13.62 6.69 33.50
CA THR C 521 14.98 6.83 32.99
C THR C 521 15.27 8.29 32.69
N ASP C 522 16.57 8.58 32.57
CA ASP C 522 17.05 9.89 32.14
C ASP C 522 17.24 9.98 30.64
N LEU C 523 17.16 8.86 29.91
CA LEU C 523 17.34 8.85 28.47
C LEU C 523 16.40 9.88 27.82
N PRO C 524 16.93 10.86 27.10
CA PRO C 524 16.07 11.89 26.51
C PRO C 524 15.16 11.31 25.44
N MET C 525 13.86 11.57 25.57
CA MET C 525 12.85 11.01 24.69
C MET C 525 11.76 12.04 24.45
N SER C 526 11.22 12.06 23.24
CA SER C 526 10.01 12.83 22.99
C SER C 526 8.85 12.18 23.71
N VAL C 527 8.04 12.99 24.40
CA VAL C 527 6.93 12.48 25.19
C VAL C 527 5.67 12.44 24.34
N ASP C 528 4.78 11.50 24.66
CA ASP C 528 3.47 11.45 24.05
C ASP C 528 2.52 12.41 24.76
N ARG C 529 1.37 12.65 24.15
CA ARG C 529 0.35 13.50 24.73
C ARG C 529 -0.84 12.67 25.21
N PRO C 530 -1.61 13.16 26.16
CA PRO C 530 -2.83 12.46 26.57
C PRO C 530 -3.78 12.24 25.40
N ILE C 531 -4.70 11.29 25.58
CA ILE C 531 -5.64 10.91 24.53
C ILE C 531 -7.06 11.25 24.96
N ASP C 532 -7.93 11.40 23.95
CA ASP C 532 -9.36 11.64 24.15
C ASP C 532 -10.11 10.79 23.14
N PHE C 533 -10.82 9.76 23.62
CA PHE C 533 -11.62 8.92 22.75
C PHE C 533 -13.07 8.85 23.24
N GLY C 534 -13.52 9.92 23.90
CA GLY C 534 -14.90 10.01 24.33
C GLY C 534 -15.26 9.21 25.55
N LEU C 535 -14.28 8.71 26.31
CA LEU C 535 -14.61 7.82 27.42
C LEU C 535 -15.37 8.53 28.54
N GLN C 536 -15.07 9.82 28.78
CA GLN C 536 -15.77 10.53 29.84
C GLN C 536 -17.27 10.53 29.59
N ASP C 537 -17.67 10.84 28.36
CA ASP C 537 -19.08 10.80 28.02
C ASP C 537 -19.62 9.38 28.08
N PHE C 538 -18.81 8.40 27.68
CA PHE C 538 -19.25 7.01 27.68
C PHE C 538 -19.50 6.50 29.09
N CYS C 539 -18.58 6.78 30.01
CA CYS C 539 -18.73 6.29 31.37
C CYS C 539 -19.87 6.98 32.11
N ASN C 540 -20.19 8.22 31.73
CA ASN C 540 -21.34 8.88 32.35
C ASN C 540 -22.64 8.15 32.07
N GLN C 541 -22.71 7.41 30.97
CA GLN C 541 -23.91 6.70 30.57
C GLN C 541 -23.84 5.21 30.88
N CYS C 542 -22.86 4.78 31.65
CA CYS C 542 -22.62 3.37 31.88
C CYS C 542 -22.44 3.12 33.37
N ARG C 543 -22.93 1.97 33.85
CA ARG C 543 -22.77 1.59 35.24
C ARG C 543 -22.42 0.12 35.39
N LYS C 544 -22.01 -0.55 34.31
CA LYS C 544 -21.93 -2.01 34.33
C LYS C 544 -20.90 -2.50 35.35
N CYS C 545 -19.70 -1.94 35.32
CA CYS C 545 -18.67 -2.34 36.27
C CYS C 545 -19.13 -2.09 37.71
N ALA C 546 -19.73 -0.93 37.96
CA ALA C 546 -20.24 -0.63 39.29
C ALA C 546 -21.30 -1.65 39.71
N ARG C 547 -22.18 -2.03 38.78
CA ARG C 547 -23.22 -3.00 39.08
C ARG C 547 -22.65 -4.38 39.37
N GLU C 548 -21.55 -4.76 38.73
CA GLU C 548 -21.04 -6.11 38.84
C GLU C 548 -19.94 -6.27 39.88
N CYS C 549 -19.61 -5.21 40.61
CA CYS C 549 -18.58 -5.29 41.64
C CYS C 549 -19.12 -6.06 42.85
N PRO C 550 -18.45 -7.13 43.28
CA PRO C 550 -19.02 -7.97 44.35
C PRO C 550 -19.20 -7.26 45.67
N CYS C 551 -18.46 -6.19 45.94
CA CYS C 551 -18.55 -5.48 47.21
C CYS C 551 -18.92 -4.02 47.00
N ASN C 552 -19.69 -3.72 45.95
CA ASN C 552 -20.21 -2.38 45.65
C ASN C 552 -19.18 -1.28 45.86
N ALA C 553 -17.95 -1.51 45.43
CA ALA C 553 -16.87 -0.56 45.69
C ALA C 553 -16.75 0.52 44.63
N ILE C 554 -17.34 0.34 43.45
CA ILE C 554 -17.19 1.29 42.35
C ILE C 554 -18.32 2.31 42.42
N SER C 555 -17.98 3.58 42.21
CA SER C 555 -18.96 4.66 42.35
C SER C 555 -20.00 4.60 41.25
N PHE C 556 -21.27 4.77 41.64
CA PHE C 556 -22.36 4.99 40.71
C PHE C 556 -22.60 6.46 40.43
N GLY C 557 -21.92 7.35 41.14
CA GLY C 557 -22.15 8.78 41.04
C GLY C 557 -21.23 9.47 40.06
N ASP C 558 -21.16 10.79 40.19
CA ASP C 558 -20.33 11.58 39.31
C ASP C 558 -18.88 11.59 39.79
N LYS C 559 -18.01 12.17 38.97
CA LYS C 559 -16.62 12.34 39.33
C LYS C 559 -16.48 13.34 40.47
N VAL C 560 -15.40 13.20 41.23
CA VAL C 560 -15.10 14.07 42.36
C VAL C 560 -13.66 14.55 42.24
N MET C 561 -13.34 15.59 43.01
CA MET C 561 -11.97 16.04 43.16
C MET C 561 -11.32 15.27 44.31
N PHE C 562 -10.11 14.80 44.08
CA PHE C 562 -9.43 13.93 45.05
C PHE C 562 -7.95 14.22 44.94
N ASN C 563 -7.37 14.82 45.99
CA ASN C 563 -5.95 15.14 46.05
C ASN C 563 -5.48 15.84 44.77
N GLY C 564 -6.28 16.82 44.34
CA GLY C 564 -5.88 17.71 43.28
C GLY C 564 -6.29 17.31 41.88
N TYR C 565 -6.87 16.13 41.68
CA TYR C 565 -7.26 15.70 40.35
C TYR C 565 -8.69 15.17 40.36
N GLU C 566 -9.29 15.17 39.16
CA GLU C 566 -10.66 14.71 38.96
C GLU C 566 -10.66 13.21 38.71
N ILE C 567 -11.58 12.50 39.35
CA ILE C 567 -11.52 11.04 39.38
C ILE C 567 -12.91 10.54 39.74
N TRP C 568 -13.25 9.34 39.24
CA TRP C 568 -14.27 8.52 39.90
C TRP C 568 -13.58 7.75 41.00
N LYS C 569 -13.87 8.07 42.26
CA LYS C 569 -13.18 7.43 43.37
C LYS C 569 -13.96 6.20 43.80
N ALA C 570 -13.37 5.02 43.58
CA ALA C 570 -13.85 3.77 44.13
C ALA C 570 -13.46 3.64 45.59
N ASP C 571 -14.12 2.72 46.29
CA ASP C 571 -13.87 2.51 47.72
C ASP C 571 -12.74 1.50 47.85
N VAL C 572 -11.52 2.01 48.04
CA VAL C 572 -10.34 1.16 48.09
C VAL C 572 -10.31 0.28 49.33
N GLU C 573 -10.99 0.68 50.42
CA GLU C 573 -11.07 -0.19 51.59
C GLU C 573 -11.91 -1.42 51.31
N LYS C 574 -13.11 -1.22 50.77
CA LYS C 574 -13.98 -2.34 50.43
C LYS C 574 -13.31 -3.27 49.42
N CYS C 575 -12.72 -2.69 48.37
CA CYS C 575 -12.07 -3.50 47.34
C CYS C 575 -10.86 -4.25 47.90
N THR C 576 -10.01 -3.57 48.67
CA THR C 576 -8.87 -4.25 49.28
C THR C 576 -9.34 -5.43 50.11
N LYS C 577 -10.33 -5.22 50.97
CA LYS C 577 -10.83 -6.28 51.83
C LYS C 577 -11.35 -7.45 51.00
N TYR C 578 -12.07 -7.17 49.92
CA TYR C 578 -12.62 -8.25 49.10
C TYR C 578 -11.50 -9.05 48.43
N ARG C 579 -10.56 -8.36 47.79
CA ARG C 579 -9.51 -9.07 47.05
C ARG C 579 -8.63 -9.88 48.00
N VAL C 580 -8.33 -9.33 49.17
CA VAL C 580 -7.40 -10.00 50.10
C VAL C 580 -8.08 -11.18 50.77
N THR C 581 -9.35 -11.03 51.16
CA THR C 581 -9.98 -11.96 52.09
C THR C 581 -11.08 -12.84 51.50
N GLN C 582 -11.59 -12.55 50.30
CA GLN C 582 -12.61 -13.44 49.77
C GLN C 582 -12.00 -14.81 49.46
N MET C 583 -12.80 -15.85 49.69
CA MET C 583 -12.27 -17.21 49.77
C MET C 583 -12.83 -18.15 48.70
N LYS C 584 -13.75 -17.68 47.86
CA LYS C 584 -14.20 -18.46 46.71
C LYS C 584 -13.38 -18.14 45.46
N GLY C 585 -12.12 -17.77 45.63
CA GLY C 585 -11.23 -17.46 44.54
C GLY C 585 -9.94 -16.86 45.07
N SER C 586 -9.09 -16.44 44.13
CA SER C 586 -7.82 -15.79 44.46
C SER C 586 -7.84 -14.37 43.89
N ALA C 587 -7.99 -13.38 44.78
CA ALA C 587 -8.11 -11.98 44.41
C ALA C 587 -9.35 -11.73 43.55
N CYS C 588 -9.36 -10.63 42.80
CA CYS C 588 -10.53 -10.25 42.01
C CYS C 588 -10.14 -9.24 40.95
N GLY C 589 -10.71 -9.39 39.77
CA GLY C 589 -10.56 -8.43 38.68
C GLY C 589 -11.81 -8.39 37.84
N ARG C 590 -12.96 -8.59 38.50
CA ARG C 590 -14.22 -8.72 37.78
C ARG C 590 -14.59 -7.45 37.03
N CYS C 591 -14.20 -6.29 37.57
CA CYS C 591 -14.56 -5.02 36.92
C CYS C 591 -13.91 -4.85 35.55
N MET C 592 -12.75 -5.49 35.32
CA MET C 592 -12.18 -5.51 33.98
C MET C 592 -12.96 -6.42 33.04
N LYS C 593 -13.53 -7.50 33.56
CA LYS C 593 -14.26 -8.44 32.73
C LYS C 593 -15.58 -7.84 32.24
N MET C 594 -16.25 -7.06 33.07
CA MET C 594 -17.63 -6.68 32.80
C MET C 594 -17.77 -5.44 31.93
N CYS C 595 -16.69 -4.70 31.73
CA CYS C 595 -16.76 -3.46 30.97
C CYS C 595 -17.09 -3.74 29.49
N PRO C 596 -17.96 -2.93 28.88
CA PRO C 596 -18.25 -3.12 27.45
C PRO C 596 -17.02 -3.00 26.56
N TRP C 597 -16.00 -2.24 26.98
CA TRP C 597 -14.77 -2.10 26.21
C TRP C 597 -13.91 -3.36 26.26
N ASN C 598 -14.25 -4.32 27.11
CA ASN C 598 -13.55 -5.61 27.15
C ASN C 598 -14.13 -6.47 26.02
N ARG C 599 -13.44 -6.50 24.87
CA ARG C 599 -13.98 -7.09 23.66
C ARG C 599 -12.96 -8.03 23.01
N GLU C 600 -13.48 -8.91 22.15
CA GLU C 600 -12.62 -9.78 21.36
C GLU C 600 -11.96 -8.99 20.22
N ASP C 601 -10.81 -9.48 19.78
CA ASP C 601 -10.05 -8.84 18.70
C ASP C 601 -10.55 -9.32 17.34
N THR C 602 -11.80 -9.01 17.05
CA THR C 602 -12.44 -9.30 15.78
C THR C 602 -12.78 -8.00 15.05
N VAL C 603 -13.21 -8.13 13.78
CA VAL C 603 -13.62 -6.95 13.04
C VAL C 603 -14.85 -6.32 13.69
N GLU C 604 -15.77 -7.16 14.18
CA GLU C 604 -16.96 -6.66 14.85
C GLU C 604 -16.60 -5.99 16.17
N GLY C 605 -15.73 -6.62 16.95
CA GLY C 605 -15.30 -6.03 18.20
C GLY C 605 -14.66 -4.67 17.99
N ARG C 606 -13.73 -4.59 17.03
CA ARG C 606 -13.04 -3.32 16.76
C ARG C 606 -14.02 -2.26 16.27
N ARG C 607 -15.02 -2.68 15.49
CA ARG C 607 -16.00 -1.73 14.98
C ARG C 607 -16.85 -1.15 16.10
N LEU C 608 -17.25 -1.97 17.08
CA LEU C 608 -18.02 -1.44 18.21
C LEU C 608 -17.20 -0.44 19.00
N ALA C 609 -15.88 -0.64 19.09
CA ALA C 609 -15.02 0.35 19.74
C ALA C 609 -14.94 1.63 18.91
N GLU C 610 -14.74 1.49 17.60
CA GLU C 610 -14.71 2.65 16.70
C GLU C 610 -15.99 3.48 16.85
N LEU C 611 -17.14 2.81 16.76
CA LEU C 611 -18.42 3.50 16.91
C LEU C 611 -18.49 4.24 18.23
N SER C 612 -18.08 3.59 19.32
CA SER C 612 -18.07 4.24 20.63
C SER C 612 -17.22 5.50 20.61
N ILE C 613 -16.07 5.43 19.95
CA ILE C 613 -15.17 6.58 19.88
C ILE C 613 -15.75 7.65 18.95
N LYS C 614 -16.10 7.26 17.74
CA LYS C 614 -16.44 8.21 16.68
C LYS C 614 -17.91 8.64 16.66
N VAL C 615 -18.81 7.91 17.31
CA VAL C 615 -20.24 8.17 17.18
C VAL C 615 -20.88 8.32 18.56
N PRO C 616 -20.91 9.52 19.14
CA PRO C 616 -21.49 9.67 20.48
C PRO C 616 -22.94 9.19 20.59
N GLU C 617 -23.72 9.21 19.50
CA GLU C 617 -25.13 8.93 19.66
C GLU C 617 -25.38 7.43 19.73
N ALA C 618 -24.39 6.63 19.30
CA ALA C 618 -24.44 5.19 19.42
C ALA C 618 -24.03 4.70 20.81
N ARG C 619 -23.44 5.56 21.64
CA ARG C 619 -22.88 5.12 22.91
C ARG C 619 -23.96 4.52 23.81
N ALA C 620 -25.10 5.21 23.93
CA ALA C 620 -26.16 4.71 24.78
C ALA C 620 -26.64 3.34 24.31
N ALA C 621 -26.81 3.16 23.00
CA ALA C 621 -27.27 1.87 22.49
C ALA C 621 -26.24 0.77 22.74
N ILE C 622 -24.96 1.08 22.53
CA ILE C 622 -23.91 0.09 22.74
C ILE C 622 -23.86 -0.32 24.20
N ILE C 623 -23.97 0.65 25.11
CA ILE C 623 -24.01 0.33 26.54
C ILE C 623 -25.18 -0.61 26.82
N ALA C 624 -26.37 -0.25 26.35
CA ALA C 624 -27.56 -1.05 26.64
C ALA C 624 -27.48 -2.42 25.98
N MET C 625 -27.02 -2.49 24.74
CA MET C 625 -26.98 -3.79 24.07
C MET C 625 -25.92 -4.70 24.68
N ASP C 626 -24.86 -4.14 25.26
CA ASP C 626 -23.87 -4.99 25.92
C ASP C 626 -24.52 -5.86 26.97
N ASP C 627 -25.54 -5.34 27.67
CA ASP C 627 -26.31 -6.16 28.59
C ASP C 627 -27.32 -7.02 27.85
N ALA C 628 -28.03 -6.41 26.89
CA ALA C 628 -29.03 -7.15 26.12
C ALA C 628 -28.44 -8.39 25.47
N LEU C 629 -27.21 -8.27 24.92
CA LEU C 629 -26.61 -9.45 24.31
C LEU C 629 -25.94 -10.35 25.33
N GLN C 630 -26.05 -10.00 26.62
CA GLN C 630 -25.52 -10.81 27.73
C GLN C 630 -24.00 -10.94 27.66
N ASN C 631 -23.33 -9.85 27.34
CA ASN C 631 -21.88 -9.82 27.41
C ASN C 631 -21.42 -9.69 28.85
N GLY C 632 -20.37 -10.42 29.20
CA GLY C 632 -19.96 -10.58 30.57
C GLY C 632 -20.41 -11.88 31.18
N LYS C 633 -21.26 -12.61 30.48
CA LYS C 633 -21.63 -13.96 30.86
C LYS C 633 -20.46 -14.90 30.65
N ARG C 634 -20.35 -15.90 31.52
CA ARG C 634 -19.18 -16.78 31.52
C ARG C 634 -19.27 -17.78 30.38
N ASN C 635 -18.13 -17.98 29.70
CA ASN C 635 -18.03 -18.84 28.51
C ASN C 635 -17.38 -20.14 28.96
N LEU C 636 -18.19 -21.18 29.12
CA LEU C 636 -17.70 -22.44 29.68
C LEU C 636 -16.58 -23.06 28.84
N ILE C 637 -16.57 -22.79 27.53
CA ILE C 637 -15.53 -23.32 26.66
C ILE C 637 -14.15 -22.85 27.10
N LYS C 638 -14.07 -21.65 27.68
CA LYS C 638 -12.80 -21.00 27.98
C LYS C 638 -12.30 -21.27 29.39
N ARG C 639 -13.04 -22.06 30.18
CA ARG C 639 -12.62 -22.38 31.54
C ARG C 639 -11.62 -23.53 31.48
N TRP C 640 -10.34 -23.19 31.30
CA TRP C 640 -9.30 -24.17 31.04
C TRP C 640 -8.50 -24.54 32.29
N TRP C 641 -8.60 -23.76 33.37
CA TRP C 641 -7.74 -23.94 34.53
C TRP C 641 -8.39 -24.87 35.56
N PHE C 642 -7.56 -25.40 36.44
CA PHE C 642 -8.02 -26.21 37.58
C PHE C 642 -8.38 -25.31 38.75
N ASP C 643 -9.48 -25.64 39.43
CA ASP C 643 -9.85 -24.97 40.68
C ASP C 643 -9.07 -25.62 41.81
N LEU C 644 -7.91 -25.05 42.12
CA LEU C 644 -7.04 -25.57 43.18
C LEU C 644 -6.68 -24.44 44.14
N GLU C 645 -6.96 -24.66 45.43
CA GLU C 645 -6.48 -23.80 46.49
C GLU C 645 -5.31 -24.50 47.18
N VAL C 646 -4.25 -23.74 47.47
CA VAL C 646 -3.14 -24.25 48.24
C VAL C 646 -3.33 -23.86 49.70
N ILE C 647 -3.41 -24.87 50.56
CA ILE C 647 -3.45 -24.75 52.02
C ILE C 647 -2.29 -25.51 52.63
N ASP C 648 -1.48 -24.78 53.42
CA ASP C 648 -0.32 -25.35 54.10
C ASP C 648 0.56 -26.11 53.11
N GLY C 649 0.82 -25.47 51.97
CA GLY C 649 1.72 -26.01 50.97
C GLY C 649 1.21 -27.19 50.17
N VAL C 650 -0.08 -27.48 50.21
CA VAL C 650 -0.65 -28.62 49.49
C VAL C 650 -1.85 -28.14 48.67
N ALA C 651 -1.90 -28.53 47.41
CA ALA C 651 -2.98 -28.11 46.52
C ALA C 651 -4.18 -29.04 46.70
N GLY C 652 -5.33 -28.45 47.06
CA GLY C 652 -6.56 -29.20 47.21
C GLY C 652 -7.71 -28.48 46.55
N ALA C 653 -8.90 -29.08 46.70
CA ALA C 653 -10.12 -28.43 46.26
C ALA C 653 -10.33 -27.13 47.02
N PRO C 654 -11.14 -26.23 46.49
CA PRO C 654 -11.42 -24.98 47.22
C PRO C 654 -12.17 -25.24 48.52
N ARG C 655 -11.63 -24.72 49.62
CA ARG C 655 -12.23 -24.94 50.93
C ARG C 655 -13.67 -24.46 50.96
N MET C 656 -13.90 -23.20 50.59
CA MET C 656 -15.24 -22.61 50.68
C MET C 656 -16.05 -22.94 49.43
N GLY C 657 -15.72 -22.31 48.32
CA GLY C 657 -16.39 -22.60 47.06
C GLY C 657 -15.62 -22.03 45.90
N THR C 658 -16.36 -21.70 44.84
CA THR C 658 -15.80 -21.05 43.66
C THR C 658 -16.81 -20.04 43.15
N ASN C 659 -16.39 -18.78 43.05
CA ASN C 659 -17.26 -17.76 42.48
C ASN C 659 -17.57 -18.10 41.03
N GLU C 660 -18.86 -18.13 40.71
CA GLU C 660 -19.32 -18.44 39.35
C GLU C 660 -20.39 -17.43 38.95
N ARG C 661 -20.01 -16.15 39.00
CA ARG C 661 -20.95 -15.07 38.82
C ARG C 661 -21.29 -14.85 37.35
N ASP C 662 -22.55 -14.50 37.11
CA ASP C 662 -22.98 -14.10 35.78
C ASP C 662 -23.37 -12.64 35.82
N LEU C 663 -24.41 -12.26 35.08
CA LEU C 663 -24.83 -10.87 35.07
C LEU C 663 -25.76 -10.60 36.26
N SER C 664 -25.45 -9.54 37.00
CA SER C 664 -26.21 -9.06 38.15
C SER C 664 -27.33 -8.13 37.69
N PRO C 665 -28.43 -8.05 38.44
CA PRO C 665 -29.56 -7.22 38.03
C PRO C 665 -29.40 -5.77 38.45
N ASP C 666 -30.19 -4.92 37.79
CA ASP C 666 -29.97 -3.49 37.86
C ASP C 666 -30.30 -3.00 39.27
N ARG C 667 -29.52 -2.04 39.78
CA ARG C 667 -29.80 -1.46 41.10
C ARG C 667 -30.75 -0.26 40.94
N GLY C 668 -30.90 0.52 42.01
CA GLY C 668 -31.86 1.62 42.01
C GLY C 668 -31.67 2.62 40.89
N ASP C 669 -32.72 3.38 40.58
CA ASP C 669 -32.53 4.55 39.72
C ASP C 669 -31.81 5.64 40.50
N LYS C 670 -31.96 5.67 41.82
CA LYS C 670 -31.37 6.68 42.67
C LYS C 670 -30.09 6.19 43.36
N ILE C 671 -29.49 5.10 42.87
CA ILE C 671 -28.32 4.52 43.52
C ILE C 671 -27.18 5.52 43.57
N GLY C 672 -27.07 6.38 42.56
CA GLY C 672 -25.99 7.35 42.53
C GLY C 672 -26.05 8.30 43.71
N ALA C 673 -27.27 8.68 44.11
CA ALA C 673 -27.44 9.57 45.25
C ALA C 673 -27.44 8.84 46.58
N ASN C 674 -27.68 7.53 46.58
CA ASN C 674 -27.81 6.76 47.81
C ASN C 674 -26.54 6.03 48.20
N GLN C 675 -25.74 5.57 47.24
CA GLN C 675 -24.48 4.93 47.58
C GLN C 675 -23.56 5.93 48.27
N LYS C 676 -22.91 5.49 49.34
CA LYS C 676 -21.99 6.33 50.10
C LYS C 676 -20.69 5.54 50.26
N LEU C 677 -19.62 6.02 49.62
CA LEU C 677 -18.31 5.38 49.65
C LEU C 677 -17.33 6.20 50.47
N ALA C 678 -16.20 5.58 50.78
CA ALA C 678 -15.13 6.20 51.54
C ALA C 678 -13.94 6.50 50.64
N MET C 679 -13.38 7.68 50.80
CA MET C 679 -12.15 8.07 50.10
C MET C 679 -11.09 8.43 51.13
N TYR C 680 -9.84 8.14 50.78
CA TYR C 680 -8.70 8.32 51.68
C TYR C 680 -7.64 9.15 50.97
N PRO C 681 -7.87 10.45 50.80
CA PRO C 681 -6.81 11.33 50.29
C PRO C 681 -5.72 11.47 51.33
N PRO C 682 -4.56 12.03 50.97
CA PRO C 682 -3.41 12.05 51.90
C PRO C 682 -3.75 12.39 53.35
N ARG C 683 -4.70 13.30 53.57
CA ARG C 683 -5.01 13.71 54.94
C ARG C 683 -5.57 12.56 55.77
N LEU C 684 -6.18 11.56 55.14
CA LEU C 684 -6.69 10.38 55.85
C LEU C 684 -5.79 9.17 55.69
N GLN C 685 -4.57 9.36 55.24
CA GLN C 685 -3.59 8.31 55.04
C GLN C 685 -2.53 8.39 56.12
N PRO C 686 -1.71 7.34 56.27
CA PRO C 686 -0.50 7.47 57.09
C PRO C 686 0.40 8.56 56.52
N PRO C 687 0.89 9.46 57.36
CA PRO C 687 1.68 10.60 56.86
C PRO C 687 2.98 10.13 56.24
N PRO C 688 3.60 10.94 55.39
CA PRO C 688 4.94 10.58 54.87
C PRO C 688 5.90 10.31 56.01
N GLY C 689 6.66 9.23 55.87
CA GLY C 689 7.59 8.80 56.89
C GLY C 689 7.12 7.62 57.72
N THR C 690 5.82 7.34 57.72
CA THR C 690 5.31 6.18 58.45
C THR C 690 5.79 4.89 57.80
N THR C 691 6.07 3.88 58.63
CA THR C 691 6.53 2.59 58.17
C THR C 691 5.52 1.51 58.55
N LEU C 692 5.80 0.29 58.06
CA LEU C 692 4.96 -0.87 58.34
C LEU C 692 4.96 -1.27 59.80
N ASP C 693 5.89 -0.73 60.61
CA ASP C 693 5.91 -1.05 62.04
C ASP C 693 4.78 -0.36 62.79
N ALA C 694 4.24 0.72 62.26
CA ALA C 694 3.09 1.39 62.85
C ALA C 694 1.79 0.73 62.39
N VAL C 695 0.75 0.90 63.20
CA VAL C 695 -0.61 0.51 62.86
C VAL C 695 -1.47 1.77 62.92
N LEU C 696 -2.24 2.00 61.86
CA LEU C 696 -3.15 3.14 61.79
C LEU C 696 -4.49 2.60 61.29
N PRO C 697 -5.36 2.16 62.20
CA PRO C 697 -6.68 1.65 61.78
C PRO C 697 -7.38 2.63 60.87
N VAL C 698 -7.96 2.10 59.80
CA VAL C 698 -8.56 2.96 58.78
C VAL C 698 -9.77 3.68 59.35
N ASP C 699 -9.82 5.00 59.13
CA ASP C 699 -10.92 5.83 59.64
C ASP C 699 -12.03 5.84 58.60
N ARG C 700 -12.89 4.81 58.66
CA ARG C 700 -13.92 4.67 57.64
C ARG C 700 -14.99 5.76 57.76
N SER C 701 -15.39 6.09 58.99
CA SER C 701 -16.40 7.15 59.14
C SER C 701 -15.87 8.48 58.62
N GLY C 702 -14.60 8.78 58.87
CA GLY C 702 -14.00 9.97 58.30
C GLY C 702 -13.86 9.90 56.79
N GLY C 703 -13.63 8.69 56.26
CA GLY C 703 -13.54 8.52 54.82
C GLY C 703 -14.88 8.71 54.13
N LEU C 704 -15.96 8.31 54.78
CA LEU C 704 -17.30 8.53 54.21
C LEU C 704 -17.65 10.02 54.20
N ALA C 705 -17.33 10.72 55.28
CA ALA C 705 -17.62 12.15 55.35
C ALA C 705 -16.71 12.94 54.42
N GLU C 706 -15.44 12.53 54.33
CA GLU C 706 -14.53 13.13 53.35
C GLU C 706 -15.15 13.14 51.98
N TYR C 707 -15.82 12.05 51.61
CA TYR C 707 -16.26 11.87 50.24
C TYR C 707 -17.59 12.56 49.99
N ALA C 708 -18.42 12.70 51.03
CA ALA C 708 -19.56 13.61 50.95
C ALA C 708 -19.10 15.05 50.78
N ALA C 709 -17.93 15.40 51.30
CA ALA C 709 -17.44 16.77 51.31
C ALA C 709 -16.54 17.10 50.12
N ALA C 710 -16.46 16.21 49.13
CA ALA C 710 -15.50 16.41 48.04
C ALA C 710 -15.99 17.48 47.08
N GLU C 711 -15.05 18.29 46.59
CA GLU C 711 -15.38 19.33 45.62
C GLU C 711 -15.74 18.69 44.28
N THR C 712 -16.79 19.20 43.66
CA THR C 712 -17.10 18.70 42.33
C THR C 712 -16.11 19.26 41.31
N PRO C 713 -15.78 18.50 40.27
CA PRO C 713 -14.88 19.02 39.23
C PRO C 713 -15.36 20.32 38.62
N ALA C 714 -16.69 20.51 38.57
CA ALA C 714 -17.24 21.76 38.05
C ALA C 714 -16.83 22.95 38.92
N ALA C 715 -16.99 22.82 40.24
CA ALA C 715 -16.59 23.89 41.13
C ALA C 715 -15.10 24.18 41.03
N ALA C 716 -14.30 23.13 40.84
CA ALA C 716 -12.84 23.29 40.78
C ALA C 716 -12.44 24.16 39.59
N ARG C 717 -13.00 23.88 38.41
CA ARG C 717 -12.66 24.66 37.23
C ARG C 717 -13.11 26.11 37.38
N ALA C 718 -14.30 26.34 37.94
CA ALA C 718 -14.73 27.69 38.25
C ALA C 718 -13.79 28.36 39.26
N ARG C 719 -13.51 27.67 40.37
CA ARG C 719 -12.62 28.21 41.40
C ARG C 719 -11.24 28.51 40.82
N LEU C 720 -10.67 27.56 40.06
CA LEU C 720 -9.32 27.73 39.54
C LEU C 720 -9.23 28.87 38.54
N LYS C 721 -10.31 29.14 37.80
CA LYS C 721 -10.36 30.25 36.86
C LYS C 721 -10.41 31.59 37.61
N SER C 722 -10.05 31.57 38.89
CA SER C 722 -10.21 32.73 39.76
C SER C 722 -9.12 32.79 40.83
FE1 SF4 D . 46.06 22.32 -19.00
FE2 SF4 D . 47.61 22.14 -16.76
FE3 SF4 D . 45.26 20.76 -16.92
FE4 SF4 D . 45.21 23.45 -16.67
S1 SF4 D . 46.00 21.96 -15.15
S2 SF4 D . 43.96 22.22 -18.08
S3 SF4 D . 47.06 24.02 -17.90
S4 SF4 D . 47.11 20.47 -18.22
FE1 SF4 E . 42.02 18.42 -29.72
FE2 SF4 E . 43.46 16.19 -29.17
FE3 SF4 E . 42.83 17.92 -27.17
FE4 SF4 E . 44.63 18.67 -29.08
S1 SF4 E . 44.87 16.99 -27.57
S2 SF4 E . 42.92 19.91 -28.28
S3 SF4 E . 43.76 17.62 -30.92
S4 SF4 E . 41.40 16.66 -28.38
CO B12 F . 34.02 18.98 -28.00
N21 B12 F . 33.47 19.22 -26.19
N22 B12 F . 35.74 18.68 -27.20
N23 B12 F . 34.59 19.06 -29.83
N24 B12 F . 32.41 19.90 -28.39
C1 B12 F . 32.04 19.51 -26.01
C20 B12 F . 32.05 20.98 -25.59
C2 B12 F . 31.51 18.62 -24.88
C25 B12 F . 30.58 19.46 -24.00
C26 B12 F . 30.75 17.35 -25.24
C27 B12 F . 30.15 16.71 -23.97
O28 B12 F . 30.78 16.54 -22.93
N29 B12 F . 28.90 16.30 -24.04
C3 B12 F . 32.79 18.20 -24.14
C30 B12 F . 33.23 19.16 -23.02
C31 B12 F . 32.88 18.68 -21.62
C32 B12 F . 33.60 19.50 -20.56
O34 B12 F . 33.59 20.72 -20.57
N33 B12 F . 34.25 18.79 -19.64
C4 B12 F . 33.81 18.23 -25.25
C5 B12 F . 35.05 17.45 -25.26
C35 B12 F . 35.14 16.47 -24.13
C6 B12 F . 35.98 17.66 -26.23
C7 B12 F . 37.38 17.04 -26.41
C36 B12 F . 38.22 16.93 -25.12
C37 B12 F . 37.42 15.70 -27.16
C38 B12 F . 36.63 14.60 -26.49
O39 B12 F . 35.42 14.54 -26.68
N40 B12 F . 37.31 13.75 -25.73
C8 B12 F . 38.03 18.07 -27.31
C41 B12 F . 38.56 19.22 -26.46
C42 B12 F . 39.01 20.42 -27.28
C43 B12 F . 39.49 21.53 -26.38
O44 B12 F . 38.82 21.85 -25.40
N45 B12 F . 40.66 22.09 -26.71
C9 B12 F . 36.88 18.63 -28.02
C10 B12 F . 36.96 19.20 -29.35
C11 B12 F . 35.92 19.44 -30.13
C12 B12 F . 36.35 20.08 -31.42
C46 B12 F . 36.18 19.32 -32.74
C47 B12 F . 36.96 21.47 -31.34
C13 B12 F . 34.88 20.58 -31.72
C48 B12 F . 34.67 22.07 -32.10
C49 B12 F . 33.94 22.98 -31.10
C50 B12 F . 33.66 24.32 -31.72
O51 B12 F . 33.13 24.42 -32.81
N52 B12 F . 34.01 25.39 -31.01
C14 B12 F . 33.93 19.96 -30.70
C15 B12 F . 32.47 20.12 -30.74
C53 B12 F . 31.85 20.29 -32.09
C16 B12 F . 31.75 20.01 -29.62
C17 B12 F . 30.23 20.16 -29.40
C54 B12 F . 29.49 18.95 -29.97
C55 B12 F . 29.62 21.44 -29.96
C56 B12 F . 30.35 22.78 -29.79
C57 B12 F . 29.24 23.72 -30.18
O58 B12 F . 28.14 23.47 -29.75
N59 B12 F . 29.39 24.74 -31.02
C18 B12 F . 30.08 20.17 -27.87
C60 B12 F . 28.84 19.48 -27.32
C61 B12 F . 27.92 20.60 -26.87
O63 B12 F . 28.39 21.58 -26.31
N62 B12 F . 26.62 20.49 -27.12
C19 B12 F . 31.45 19.75 -27.38
C1P B12 F . 30.60 25.48 -31.25
C2P B12 F . 30.51 26.90 -30.70
C3P B12 F . 29.39 27.10 -29.68
O3 B12 F . 31.79 27.12 -30.13
O4 B12 F . 31.31 29.61 -29.77
O5 B12 F . 33.66 28.73 -29.63
P B12 F . 32.19 28.46 -29.36
O2 B12 F . 31.99 28.03 -27.83
C3R B12 F . 32.71 26.92 -27.30
C2R B12 F . 33.30 27.34 -25.97
O7R B12 F . 33.59 28.73 -25.93
C1R B12 F . 32.22 26.94 -24.98
O6R B12 F . 31.41 25.92 -25.60
C4R B12 F . 31.77 25.78 -26.97
C5R B12 F . 32.42 24.41 -27.13
O8R B12 F . 32.91 24.27 -28.47
N1B B12 F . 31.31 28.05 -24.56
C8B B12 F . 31.39 28.71 -23.41
C2B B12 F . 30.28 28.54 -25.29
N3B B12 F . 29.67 29.55 -24.61
C9B B12 F . 30.29 29.71 -23.43
C4B B12 F . 30.12 30.57 -22.34
C5B B12 F . 30.97 30.49 -21.24
C5M B12 F . 30.79 31.41 -20.06
C6B B12 F . 32.06 29.48 -21.23
C6M B12 F . 32.99 29.37 -20.05
C7B B12 F . 32.24 28.63 -22.32
NA NA G . 48.20 12.72 -15.16
FE1 SF4 H . -17.08 -15.23 -12.27
FE2 SF4 H . -15.72 -15.59 -9.95
FE3 SF4 H . -17.42 -13.48 -10.20
FE4 SF4 H . -15.10 -13.49 -11.60
S1 SF4 H . -15.34 -13.41 -9.32
S2 SF4 H . -17.14 -12.95 -12.40
S3 SF4 H . -14.87 -15.70 -12.06
S4 SF4 H . -17.95 -15.71 -10.24
FE1 SF4 I . -25.62 -15.21 -17.19
FE2 SF4 I . -27.95 -16.60 -17.43
FE3 SF4 I . -25.62 -17.73 -18.27
FE4 SF4 I . -26.70 -15.64 -19.65
S1 SF4 I . -27.60 -17.72 -19.38
S2 SF4 I . -24.51 -15.90 -19.07
S3 SF4 I . -27.60 -14.42 -17.96
S4 SF4 I . -26.15 -17.14 -16.13
CO B12 J . -26.61 -7.60 -21.66
N21 B12 J . -25.51 -6.40 -20.66
N22 B12 J . -26.20 -8.81 -20.22
N23 B12 J . -27.44 -8.86 -22.86
N24 B12 J . -26.28 -6.39 -23.09
C1 B12 J . -25.35 -5.06 -21.27
C20 B12 J . -23.90 -5.07 -21.74
C2 B12 J . -25.58 -4.00 -20.17
C25 B12 J . -24.53 -2.91 -20.36
C26 B12 J . -26.95 -3.32 -20.14
C27 B12 J . -26.96 -2.10 -19.20
O28 B12 J . -26.38 -2.08 -18.13
N29 B12 J . -27.68 -1.05 -19.59
C3 B12 J . -25.41 -4.81 -18.87
C30 B12 J . -23.97 -4.87 -18.38
C31 B12 J . -23.66 -3.91 -17.24
C32 B12 J . -22.32 -4.27 -16.65
O34 B12 J . -21.34 -4.37 -17.35
N33 B12 J . -22.31 -4.45 -15.34
C4 B12 J . -25.80 -6.21 -19.29
C5 B12 J . -26.29 -7.25 -18.39
C35 B12 J . -26.53 -6.82 -16.96
C6 B12 J . -26.51 -8.51 -18.86
C7 B12 J . -26.95 -9.80 -18.12
C36 B12 J . -26.27 -10.06 -16.79
C37 B12 J . -28.48 -9.94 -17.95
C38 B12 J . -29.19 -8.77 -17.35
O39 B12 J . -29.50 -7.79 -18.03
N40 B12 J . -29.48 -8.87 -16.05
C8 B12 J . -26.53 -10.89 -19.09
C41 B12 J . -25.08 -11.27 -18.88
C42 B12 J . -24.45 -12.17 -19.94
C43 B12 J . -22.95 -12.17 -19.78
O44 B12 J . -22.35 -11.12 -19.67
N45 B12 J . -22.35 -13.36 -19.75
C9 B12 J . -26.55 -10.16 -20.38
C10 B12 J . -26.77 -10.83 -21.64
C11 B12 J . -27.11 -10.24 -22.75
C12 B12 J . -27.21 -11.24 -23.88
C46 B12 J . -28.51 -11.56 -24.58
C47 B12 J . -25.92 -11.95 -24.27
C13 B12 J . -27.13 -10.08 -24.94
C48 B12 J . -26.11 -10.19 -26.11
C49 B12 J . -24.88 -9.29 -26.05
C50 B12 J . -24.18 -9.27 -27.39
O51 B12 J . -24.81 -9.18 -28.42
N52 B12 J . -22.85 -9.34 -27.36
C14 B12 J . -27.23 -8.72 -24.25
C15 B12 J . -27.34 -7.42 -24.92
C53 B12 J . -28.01 -7.45 -26.25
C16 B12 J . -26.96 -6.29 -24.32
C17 B12 J . -26.97 -4.84 -24.80
C54 B12 J . -28.40 -4.32 -24.75
C55 B12 J . -26.39 -4.60 -26.21
C56 B12 J . -24.97 -5.12 -26.39
C57 B12 J . -24.55 -4.95 -27.84
O58 B12 J . -24.83 -3.93 -28.45
N59 B12 J . -23.88 -5.97 -28.38
C18 B12 J . -26.12 -4.09 -23.76
C60 B12 J . -26.61 -2.68 -23.43
C61 B12 J . -25.76 -1.78 -24.30
O63 B12 J . -24.55 -1.93 -24.33
N62 B12 J . -26.39 -0.84 -25.02
C19 B12 J . -25.99 -5.09 -22.63
C1P B12 J . -23.44 -5.95 -29.77
C2P B12 J . -21.92 -6.01 -29.82
C3P B12 J . -21.30 -4.67 -29.44
O3 B12 J . -21.48 -7.04 -28.92
O4 B12 J . -19.14 -7.04 -30.01
O5 B12 J . -19.78 -8.91 -28.48
P B12 J . -19.92 -7.43 -28.78
O2 B12 J . -19.44 -6.58 -27.49
C3R B12 J . -19.87 -6.93 -26.18
C2R B12 J . -18.73 -6.87 -25.18
O7R B12 J . -17.47 -7.17 -25.78
C1R B12 J . -18.75 -5.44 -24.68
O6R B12 J . -20.03 -4.90 -25.01
C4R B12 J . -20.83 -5.86 -25.70
C5R B12 J . -21.83 -6.44 -24.72
O8R B12 J . -22.80 -7.20 -25.43
N1B B12 J . -17.72 -4.59 -25.33
C8B B12 J . -16.55 -4.21 -24.78
C2B B12 J . -17.83 -4.06 -26.56
N3B B12 J . -16.74 -3.33 -26.86
C9B B12 J . -15.89 -3.36 -25.81
C4B B12 J . -14.64 -2.80 -25.56
C5B B12 J . -14.01 -3.03 -24.34
C5M B12 J . -12.66 -2.44 -24.04
C6B B12 J . -14.67 -3.88 -23.31
C6M B12 J . -13.97 -4.11 -22.00
C7B B12 J . -15.93 -4.44 -23.57
NA NA K . -21.97 -14.53 -3.19
CL CL L . -33.81 -7.69 -20.10
FE1 SF4 M . -17.47 1.07 33.92
FE2 SF4 M . -19.02 1.34 31.70
FE3 SF4 M . -16.53 0.26 31.50
FE4 SF4 M . -16.83 2.93 32.03
S1 SF4 M . -17.45 1.84 30.13
S2 SF4 M . -15.41 1.48 33.06
S3 SF4 M . -18.70 2.91 33.32
S4 SF4 M . -18.29 -0.61 32.62
FE1 SF4 N . -12.22 -4.46 43.33
FE2 SF4 N . -13.30 -6.79 42.32
FE3 SF4 N . -13.10 -4.55 40.75
FE4 SF4 N . -14.91 -4.62 42.81
S1 SF4 N . -14.89 -5.95 40.95
S2 SF4 N . -13.51 -2.91 42.27
S3 SF4 N . -13.74 -5.84 44.34
S4 SF4 N . -11.38 -5.74 41.64
CO B12 O . -4.55 -1.88 41.88
N21 B12 O . -4.19 -1.03 40.20
N22 B12 O . -6.22 -2.33 41.05
N23 B12 O . -5.01 -2.39 43.69
N24 B12 O . -3.12 -0.77 42.50
C1 B12 O . -2.85 -0.39 40.12
C20 B12 O . -3.22 1.07 40.08
C2 B12 O . -2.21 -0.87 38.81
C25 B12 O . -1.50 0.32 38.15
C26 B12 O . -1.21 -2.01 38.91
C27 B12 O . -0.40 -2.10 37.62
O28 B12 O . -0.93 -2.35 36.54
N29 B12 O . 0.90 -1.88 37.72
C3 B12 O . -3.39 -1.37 37.97
C30 B12 O . -4.00 -0.30 37.06
C31 B12 O . -3.72 -0.54 35.59
C32 B12 O . -4.44 0.46 34.72
O34 B12 O . -4.73 1.58 35.10
N33 B12 O . -4.76 0.02 33.50
C4 B12 O . -4.38 -1.79 39.02
C5 B12 O . -5.43 -2.79 38.82
C35 B12 O . -5.44 -3.46 37.47
C6 B12 O . -6.30 -3.07 39.83
C7 B12 O . -7.52 -4.04 39.85
C36 B12 O . -8.46 -3.96 38.64
C37 B12 O . -7.16 -5.51 40.14
C38 B12 O . -6.14 -6.16 39.23
O39 B12 O . -4.96 -6.07 39.47
N40 B12 O . -6.65 -6.84 38.20
C8 B12 O . -8.27 -3.64 41.11
C41 B12 O . -9.50 -2.74 40.88
C42 B12 O . -9.13 -1.26 40.84
C43 B12 O . -10.33 -0.35 40.89
O44 B12 O . -10.17 0.82 40.58
N45 B12 O . -11.51 -0.84 41.26
C9 B12 O . -7.25 -2.87 41.86
C10 B12 O . -7.40 -2.63 43.29
C11 B12 O . -6.37 -2.38 44.09
C12 B12 O . -6.83 -2.18 45.50
C46 B12 O . -6.39 -3.15 46.59
C47 B12 O . -7.75 -1.00 45.79
C13 B12 O . -5.50 -1.44 45.90
C48 B12 O . -5.60 -0.05 46.60
C49 B12 O . -5.18 1.18 45.81
C50 B12 O . -5.14 2.39 46.72
O51 B12 O . -4.70 2.29 47.86
N52 B12 O . -5.60 3.53 46.22
C14 B12 O . -4.50 -1.58 44.76
C15 B12 O . -3.09 -1.17 44.83
C53 B12 O . -2.47 -1.23 46.19
C16 B12 O . -2.41 -0.86 43.72
C17 B12 O . -0.96 -0.39 43.54
C54 B12 O . -0.03 -1.59 43.71
C55 B12 O . -0.53 0.74 44.49
C56 B12 O . -1.19 2.08 44.19
C57 B12 O . -0.99 3.01 45.37
O58 B12 O . 0.09 3.08 45.92
N59 B12 O . -2.05 3.72 45.77
C18 B12 O . -0.93 0.10 42.08
C60 B12 O . 0.42 -0.12 41.38
C61 B12 O . 1.17 1.20 41.51
O63 B12 O . 0.66 2.24 41.11
N62 B12 O . 2.37 1.18 42.09
C19 B12 O . -2.21 -0.43 41.48
C1P B12 O . -2.05 4.51 46.98
C2P B12 O . -2.56 5.91 46.66
C3P B12 O . -1.64 6.57 45.65
O3 B12 O . -3.91 5.83 46.17
O4 B12 O . -4.09 8.40 46.18
O5 B12 O . -6.18 7.03 45.98
P B12 O . -4.71 7.12 45.64
O2 B12 O . -4.54 7.08 44.04
C3R B12 O . -5.01 6.01 43.23
C2R B12 O . -5.78 6.65 42.09
O7R B12 O . -6.26 7.95 42.43
C1R B12 O . -4.76 6.73 40.97
O6R B12 O . -3.80 5.71 41.22
C4R B12 O . -3.81 5.33 42.59
C5R B12 O . -3.82 3.80 42.63
O8R B12 O . -4.89 3.33 43.45
N1B B12 O . -4.05 8.05 40.92
C8B B12 O . -4.24 8.96 39.98
C2B B12 O . -3.12 8.50 41.77
N3B B12 O . -2.68 9.74 41.41
C9B B12 O . -3.34 10.09 40.29
C4B B12 O . -3.32 11.22 39.47
C5B B12 O . -4.15 11.26 38.35
C5M B12 O . -4.16 12.46 37.45
C6B B12 O . -5.04 10.13 38.04
C6M B12 O . -5.94 10.20 36.84
C7B B12 O . -5.07 9.00 38.86
NA NA P . -17.34 -8.09 27.76
CL CL Q . -2.93 -8.86 42.88
#